data_7KMD
#
_entry.id   7KMD
#
_cell.length_a   127.016
_cell.length_b   127.016
_cell.length_c   316.538
_cell.angle_alpha   90.000
_cell.angle_beta   90.000
_cell.angle_gamma   120.000
#
_symmetry.space_group_name_H-M   'P 63'
#
loop_
_entity.id
_entity.type
_entity.pdbx_description
1 polymer '35O22 Heavy chain'
2 polymer '35O22 Light chain'
3 polymer 'Envelope glycoprotein gp120'
4 polymer 'Envelope glycoprotein gp41'
5 polymer '124 Light chain'
6 polymer '124 Heavy chain'
7 branched alpha-D-mannopyranose-(1-2)-alpha-D-mannopyranose-(1-6)-[alpha-D-mannopyranose-(1-3)]alpha-D-mannopyranose-(1-6)-[alpha-D-mannopyranose-(1-2)-alpha-D-mannopyranose-(1-3)]beta-D-mannopyranose-(1-4)-2-acetamido-2-deoxy-beta-D-glucopyranose-(1-4)-2-acetamido-2-deoxy-beta-D-glucopyranose
8 branched 2-acetamido-2-deoxy-beta-D-glucopyranose-(1-4)-2-acetamido-2-deoxy-beta-D-glucopyranose
9 branched beta-D-mannopyranose-(1-4)-2-acetamido-2-deoxy-beta-D-glucopyranose-(1-4)-2-acetamido-2-deoxy-beta-D-glucopyranose
10 branched alpha-D-mannopyranose-(1-2)-alpha-D-mannopyranose-(1-2)-alpha-D-mannopyranose-(1-3)-[alpha-D-mannopyranose-(1-3)-[alpha-D-mannopyranose-(1-6)]alpha-D-mannopyranose-(1-6)]beta-D-mannopyranose-(1-4)-2-acetamido-2-deoxy-beta-D-glucopyranose-(1-4)-2-acetamido-2-deoxy-beta-D-glucopyranose
11 branched alpha-D-mannopyranose-(1-3)-[alpha-D-mannopyranose-(1-6)]beta-D-mannopyranose-(1-4)-2-acetamido-2-deoxy-beta-D-glucopyranose-(1-4)-2-acetamido-2-deoxy-beta-D-glucopyranose
12 branched alpha-D-mannopyranose-(1-3)-beta-D-mannopyranose-(1-4)-2-acetamido-2-deoxy-beta-D-glucopyranose-(1-4)-2-acetamido-2-deoxy-beta-D-glucopyranose-(6-8)-[2-acetamido-2-deoxy-beta-D-glucopyranose-(1-4)]2-acetamido-2-deoxy-beta-D-glucopyranose
13 non-polymer 2-acetamido-2-deoxy-beta-D-glucopyranose
#
loop_
_entity_poly.entity_id
_entity_poly.type
_entity_poly.pdbx_seq_one_letter_code
_entity_poly.pdbx_strand_id
1 'polypeptide(L)'
;EGQLVQSGAELKKPGASVKISCKTSGYRFNFYHINWIRQTAGRGPEWMGWISPYSGDKNLAPAFQDRVIMTTDTEVPVTS
FTSTGAAYMEIRNLKFDDTGTYFCAKGLLRDGSSTWLPYLWGQGTLLTVSSASTKGPSVFPLAPSSKSTSGGTAALGCLV
KDYFPEPVTVSWNSGALTSGVHTFPAVLQSSGLYSLSSVVTVPSSSLGTQTYICNVNHKPSNTKVDKRVEPKSCDKGLEV
LFQ
;
A
2 'polypeptide(L)'
;QSVLTQSASVSGSLGQSVTISCTGPNSVCCSHKSISWYQWPPGRAPTLIIYEDNERAPGISPRFSGYKSYWSAYLTISDL
RPEDETTYYCCSYTHNSGCVFGTGTKVSVLGQSKANPSVTLFPPSSEELQANKATLVCLISDFYPGAVTVAWKADSSPVK
AGVETTTPSKQSNNKYAASSYLSLTPEQWKSHRSYSCQVTHEGSTVEKTVAPTECS
;
E
3 'polypeptide(L)'
;GNLWVTVYYGVPVWKEAKTTLFCASDAKAHKEEVHNIWATHACVPTDPNPQEIVLKNVTENFNMWKNDMVDQMHEDIISL
WDQSLKPCVKLTPLCVTLNCSDVKIKGTNATYNNATYNNNNTISDMKNCSFNTTTEITDKKKKEYALFYKLDVVALDGKE
TNSTNSSEYRLINCNTSAVTQACPKVSFDPIPIHYCAPAGYAILKCNNKTFNGTGPCNNVSTVQCTHGIKPVVSTQLLLN
GSLAEEEVVIRFENLTNNAKIIIVHLNESVEINCTRPSNNTRKSVRIGPGQTFFATGDIIGDIRQAHCNISRKKWNTTLQ
RVKEKLKEKFPNKTIQFAPSSGGDLEITTHSFNCRGEFFYCYTSDLFNSTYMSNNTGGANITLQCRIKQIIRMWQGVGQA
MYAPPIAGNITCKSNITGLLLTRDGGKEKNDTETFRPGGGDMRDNWRSELYKYKVVEIKPLGIAPDKCKRRVVERRRRRR
;
G
4 'polypeptide(L)'
;AVGIGAVFLGFLGAAGSTMGAASMTLTVQARQLLSGNFDIPGPKTVWGIKQLQTRVLAIERYLKDQQLLGIWGCSGKLIC
CTAVPWNASWSNKSYEEIWGNMTWMQWDREINNYTNTIYSLLEESQNQQEKNEKDLLALD
;
T
5 'polypeptide(L)'
;SYVSPLSVALGETARISCGRQALGSRAVQWYQHKPGQAPILLIYNNQDRPSGIPERFSGTPDINFGTTATLTISGVEVGD
EADYYCHMWDSRSGFSWSFGGATRLTVLSQPKAAPSVTLFPPSSEELQANKATLVCLISDFYPGAVTVAWKADSSPVKAG
VETTTPSKQSNNKYAASSYLSLTPEQWKSHKSYSCQVTHEGSTVEKTVAPTECS
;
L
6 'polypeptide(L)'
;QVQLQESGPGLVRPSETLSVTCIVSGGSISNYYWTWIRQSPGKGLEWIGYISDRETTTYNPSLNSRAVISRDTSKNQLSL
QLRSVTTADTAIYFCATARRGQRIYGVVSFGEFFYYYYMDVWGKGTAVTVSSASTKGPSVFPLAPSSKSTSGGTAALGCL
VKDYFPEPVTVSWNSGALTSGVHTFPAVLQSSGLYSLSSVVTVPSSSLGTQTYICNVNHKPSNTKVDKKVEPKSCD
;
H
#
# COMPACT_ATOMS: atom_id res chain seq x y z
N GLU A 1 -30.02 19.53 -26.92
CA GLU A 1 -30.78 18.33 -26.60
C GLU A 1 -31.08 18.26 -25.11
N GLY A 2 -31.49 19.39 -24.53
CA GLY A 2 -31.79 19.45 -23.12
C GLY A 2 -33.11 18.84 -22.74
N GLN A 3 -33.18 17.51 -22.73
CA GLN A 3 -34.38 16.80 -22.34
C GLN A 3 -34.36 16.56 -20.85
N LEU A 4 -35.49 16.85 -20.19
CA LEU A 4 -35.58 16.83 -18.74
C LEU A 4 -36.84 16.08 -18.33
N VAL A 5 -36.68 15.04 -17.53
CA VAL A 5 -37.77 14.13 -17.16
C VAL A 5 -38.12 14.34 -15.69
N GLN A 6 -39.41 14.38 -15.40
CA GLN A 6 -39.91 14.56 -14.05
C GLN A 6 -40.23 13.20 -13.41
N SER A 7 -40.82 13.24 -12.22
CA SER A 7 -41.20 12.03 -11.50
C SER A 7 -42.50 11.48 -12.07
N GLY A 8 -43.07 10.49 -11.38
CA GLY A 8 -44.33 9.90 -11.78
C GLY A 8 -45.51 10.50 -11.03
N ALA A 9 -46.69 10.30 -11.60
CA ALA A 9 -47.90 10.85 -11.00
C ALA A 9 -48.30 10.08 -9.76
N GLU A 10 -48.75 10.79 -8.73
CA GLU A 10 -48.99 10.18 -7.43
C GLU A 10 -50.33 10.64 -6.86
N LEU A 11 -50.81 9.83 -5.91
CA LEU A 11 -51.98 10.13 -5.09
C LEU A 11 -51.57 10.08 -3.63
N LYS A 12 -51.77 11.19 -2.92
CA LYS A 12 -51.38 11.31 -1.52
C LYS A 12 -52.57 11.69 -0.66
N LYS A 13 -52.48 11.36 0.63
CA LYS A 13 -53.56 11.69 1.55
C LYS A 13 -53.38 13.11 2.09
N PRO A 14 -54.49 13.82 2.29
CA PRO A 14 -54.38 15.20 2.80
C PRO A 14 -53.77 15.23 4.19
N GLY A 15 -52.81 16.12 4.38
CA GLY A 15 -52.07 16.22 5.61
C GLY A 15 -50.70 15.58 5.59
N ALA A 16 -50.41 14.74 4.59
CA ALA A 16 -49.12 14.10 4.47
C ALA A 16 -48.16 14.97 3.67
N SER A 17 -47.18 14.35 3.01
CA SER A 17 -46.19 15.06 2.22
C SER A 17 -45.87 14.24 0.98
N VAL A 18 -45.30 14.92 -0.02
CA VAL A 18 -44.89 14.25 -1.25
C VAL A 18 -43.66 14.96 -1.80
N LYS A 19 -42.78 14.17 -2.44
CA LYS A 19 -41.51 14.66 -2.95
C LYS A 19 -41.42 14.32 -4.43
N ILE A 20 -41.45 15.35 -5.29
CA ILE A 20 -41.41 15.19 -6.74
C ILE A 20 -39.98 15.40 -7.22
N SER A 21 -39.52 14.50 -8.09
CA SER A 21 -38.15 14.52 -8.60
C SER A 21 -38.11 15.06 -10.03
N CYS A 22 -36.91 15.48 -10.44
CA CYS A 22 -36.71 16.09 -11.75
C CYS A 22 -35.30 15.73 -12.20
N LYS A 23 -35.18 14.78 -13.12
CA LYS A 23 -33.89 14.31 -13.61
C LYS A 23 -33.60 14.93 -14.97
N THR A 24 -32.38 15.43 -15.14
CA THR A 24 -32.00 16.20 -16.32
C THR A 24 -30.94 15.47 -17.13
N SER A 25 -30.80 15.89 -18.39
CA SER A 25 -29.78 15.38 -19.30
C SER A 25 -29.68 16.32 -20.48
N GLY A 26 -28.51 16.33 -21.11
CA GLY A 26 -28.28 17.12 -22.30
C GLY A 26 -27.57 18.44 -22.07
N TYR A 27 -27.37 18.85 -20.83
CA TYR A 27 -26.71 20.12 -20.54
C TYR A 27 -26.03 20.03 -19.18
N ARG A 28 -25.29 21.08 -18.85
CA ARG A 28 -24.64 21.18 -17.55
C ARG A 28 -25.69 21.55 -16.50
N PHE A 29 -26.01 20.60 -15.62
CA PHE A 29 -27.04 20.80 -14.61
C PHE A 29 -26.73 21.97 -13.68
N ASN A 30 -25.45 22.38 -13.59
CA ASN A 30 -25.05 23.46 -12.70
C ASN A 30 -25.07 24.83 -13.36
N PHE A 31 -25.45 24.92 -14.63
CA PHE A 31 -25.40 26.21 -15.32
C PHE A 31 -26.71 26.98 -15.27
N TYR A 32 -27.85 26.30 -15.21
CA TYR A 32 -29.14 26.95 -15.24
C TYR A 32 -29.94 26.59 -14.01
N HIS A 33 -30.74 27.55 -13.53
CA HIS A 33 -31.61 27.33 -12.39
C HIS A 33 -32.64 26.24 -12.71
N ILE A 34 -33.32 25.77 -11.66
CA ILE A 34 -34.43 24.85 -11.79
C ILE A 34 -35.64 25.51 -11.16
N ASN A 35 -36.68 25.72 -11.96
CA ASN A 35 -37.93 26.33 -11.54
C ASN A 35 -38.99 25.26 -11.31
N TRP A 36 -39.88 25.55 -10.36
CA TRP A 36 -41.05 24.73 -10.08
C TRP A 36 -42.27 25.61 -10.23
N ILE A 37 -43.21 25.19 -11.09
CA ILE A 37 -44.42 25.91 -11.42
C ILE A 37 -45.58 24.93 -11.37
N ARG A 38 -46.61 25.25 -10.61
CA ARG A 38 -47.78 24.38 -10.50
C ARG A 38 -48.94 24.93 -11.31
N GLN A 39 -49.91 24.05 -11.58
CA GLN A 39 -51.14 24.44 -12.26
C GLN A 39 -52.29 23.64 -11.64
N THR A 40 -53.19 24.34 -10.97
CA THR A 40 -54.38 23.75 -10.37
C THR A 40 -55.62 24.32 -11.07
N ALA A 41 -56.73 23.59 -10.92
CA ALA A 41 -57.96 24.00 -11.59
C ALA A 41 -58.53 25.30 -11.02
N GLY A 42 -58.14 25.68 -9.81
CA GLY A 42 -58.73 26.85 -9.16
C GLY A 42 -58.09 28.17 -9.53
N ARG A 43 -56.79 28.30 -9.30
CA ARG A 43 -56.09 29.57 -9.44
C ARG A 43 -55.25 29.66 -10.72
N GLY A 44 -55.40 28.71 -11.64
CA GLY A 44 -54.61 28.70 -12.86
C GLY A 44 -53.15 28.44 -12.59
N PRO A 45 -52.28 28.90 -13.49
CA PRO A 45 -50.84 28.68 -13.29
C PRO A 45 -50.27 29.59 -12.22
N GLU A 46 -49.36 29.05 -11.42
CA GLU A 46 -48.70 29.80 -10.36
C GLU A 46 -47.26 29.35 -10.22
N TRP A 47 -46.35 30.30 -10.12
CA TRP A 47 -44.92 30.03 -9.99
C TRP A 47 -44.60 29.70 -8.55
N MET A 48 -43.98 28.54 -8.32
CA MET A 48 -43.66 28.12 -6.96
C MET A 48 -42.29 28.60 -6.52
N GLY A 49 -41.27 28.37 -7.31
CA GLY A 49 -39.97 28.90 -6.95
C GLY A 49 -38.83 28.23 -7.69
N TRP A 50 -37.69 28.90 -7.69
CA TRP A 50 -36.51 28.37 -8.36
C TRP A 50 -35.34 28.21 -7.39
N ILE A 51 -34.42 27.35 -7.80
CA ILE A 51 -33.22 27.06 -7.01
C ILE A 51 -32.03 26.88 -7.95
N SER A 52 -30.85 27.30 -7.49
CA SER A 52 -29.64 27.23 -8.30
C SER A 52 -28.86 25.96 -7.97
N PRO A 53 -28.72 25.03 -8.92
CA PRO A 53 -27.92 23.82 -8.65
C PRO A 53 -26.44 24.10 -8.44
N TYR A 54 -25.95 25.30 -8.77
CA TYR A 54 -24.56 25.65 -8.57
C TYR A 54 -24.30 26.21 -7.18
N SER A 55 -24.95 27.34 -6.85
CA SER A 55 -24.68 28.06 -5.62
C SER A 55 -25.61 27.68 -4.49
N GLY A 56 -26.71 26.98 -4.76
CA GLY A 56 -27.70 26.69 -3.76
C GLY A 56 -28.64 27.82 -3.44
N ASP A 57 -28.41 29.02 -3.99
CA ASP A 57 -29.31 30.14 -3.77
C ASP A 57 -30.69 29.83 -4.35
N LYS A 58 -31.72 30.18 -3.60
CA LYS A 58 -33.09 29.88 -3.98
C LYS A 58 -33.95 31.13 -3.85
N ASN A 59 -35.08 31.10 -4.56
CA ASN A 59 -36.14 32.09 -4.39
C ASN A 59 -37.46 31.33 -4.39
N LEU A 60 -38.15 31.36 -3.24
CA LEU A 60 -39.44 30.72 -3.08
C LEU A 60 -40.55 31.75 -3.13
N ALA A 61 -41.70 31.33 -3.68
CA ALA A 61 -42.88 32.17 -3.62
C ALA A 61 -43.33 32.33 -2.17
N PRO A 62 -43.81 33.51 -1.78
CA PRO A 62 -44.25 33.69 -0.39
C PRO A 62 -45.41 32.78 0.00
N ALA A 63 -46.27 32.43 -0.96
CA ALA A 63 -47.39 31.54 -0.66
C ALA A 63 -46.89 30.13 -0.31
N PHE A 64 -45.85 29.66 -0.98
CA PHE A 64 -45.29 28.34 -0.73
C PHE A 64 -44.06 28.40 0.16
N GLN A 65 -43.78 29.54 0.78
CA GLN A 65 -42.59 29.68 1.62
C GLN A 65 -42.67 28.82 2.88
N ASP A 66 -43.86 28.35 3.25
CA ASP A 66 -44.04 27.58 4.47
C ASP A 66 -43.86 26.09 4.23
N ARG A 67 -44.53 25.54 3.22
CA ARG A 67 -44.72 24.10 3.10
C ARG A 67 -43.98 23.48 1.92
N VAL A 68 -43.03 24.19 1.32
CA VAL A 68 -42.29 23.69 0.16
C VAL A 68 -40.79 23.81 0.43
N ILE A 69 -40.06 22.75 0.11
CA ILE A 69 -38.60 22.72 0.29
C ILE A 69 -37.99 22.21 -1.02
N MET A 70 -37.06 22.98 -1.57
CA MET A 70 -36.39 22.62 -2.82
C MET A 70 -34.94 22.23 -2.53
N THR A 71 -34.50 21.12 -3.11
CA THR A 71 -33.13 20.64 -2.96
C THR A 71 -32.62 20.18 -4.31
N THR A 72 -31.29 20.04 -4.40
CA THR A 72 -30.64 19.57 -5.62
C THR A 72 -29.53 18.59 -5.28
N ASP A 73 -29.30 17.65 -6.19
CA ASP A 73 -28.19 16.71 -6.08
C ASP A 73 -27.03 17.18 -6.95
N THR A 74 -25.83 16.81 -6.56
CA THR A 74 -24.64 17.19 -7.31
C THR A 74 -24.63 16.49 -8.66
N GLU A 75 -24.20 17.21 -9.70
CA GLU A 75 -24.28 16.70 -11.05
C GLU A 75 -23.21 15.63 -11.28
N VAL A 76 -23.54 14.66 -12.14
CA VAL A 76 -22.63 13.58 -12.49
C VAL A 76 -22.06 13.85 -13.88
N PRO A 77 -20.81 14.31 -13.98
CA PRO A 77 -20.27 14.69 -15.29
C PRO A 77 -20.23 13.52 -16.26
N VAL A 78 -20.78 13.75 -17.45
CA VAL A 78 -20.73 12.76 -18.53
C VAL A 78 -19.66 13.19 -19.53
N THR A 79 -19.84 14.38 -20.10
CA THR A 79 -18.84 15.00 -20.97
C THR A 79 -18.48 16.37 -20.41
N SER A 80 -17.67 17.11 -21.18
CA SER A 80 -17.23 18.42 -20.73
C SER A 80 -18.37 19.44 -20.71
N PHE A 81 -19.47 19.17 -21.40
CA PHE A 81 -20.57 20.12 -21.50
C PHE A 81 -21.93 19.52 -21.16
N THR A 82 -22.00 18.23 -20.87
CA THR A 82 -23.25 17.59 -20.48
C THR A 82 -23.06 16.89 -19.14
N SER A 83 -24.15 16.73 -18.40
CA SER A 83 -24.13 16.06 -17.10
C SER A 83 -25.53 15.53 -16.83
N THR A 84 -25.66 14.85 -15.68
CA THR A 84 -26.94 14.30 -15.24
C THR A 84 -27.19 14.77 -13.82
N GLY A 85 -28.20 15.62 -13.63
CA GLY A 85 -28.54 16.17 -12.34
C GLY A 85 -29.97 15.82 -11.94
N ALA A 86 -30.30 16.17 -10.70
CA ALA A 86 -31.61 15.88 -10.15
C ALA A 86 -32.00 16.99 -9.17
N ALA A 87 -33.23 17.46 -9.29
CA ALA A 87 -33.80 18.45 -8.39
C ALA A 87 -35.06 17.88 -7.76
N TYR A 88 -35.22 18.12 -6.47
CA TYR A 88 -36.35 17.59 -5.71
C TYR A 88 -37.14 18.72 -5.09
N MET A 89 -38.47 18.59 -5.11
CA MET A 89 -39.36 19.52 -4.42
C MET A 89 -40.28 18.72 -3.51
N GLU A 90 -40.19 18.99 -2.22
CA GLU A 90 -41.02 18.31 -1.22
C GLU A 90 -42.04 19.28 -0.66
N ILE A 91 -43.32 18.91 -0.72
CA ILE A 91 -44.41 19.75 -0.25
C ILE A 91 -45.18 18.98 0.81
N ARG A 92 -45.55 19.68 1.89
CA ARG A 92 -46.22 19.12 3.04
C ARG A 92 -47.54 19.85 3.28
N ASN A 93 -48.35 19.29 4.19
CA ASN A 93 -49.67 19.82 4.53
C ASN A 93 -50.54 19.94 3.27
N LEU A 94 -50.70 18.81 2.60
CA LEU A 94 -51.44 18.78 1.34
C LEU A 94 -52.92 19.04 1.57
N LYS A 95 -53.52 19.78 0.64
CA LYS A 95 -54.93 20.13 0.74
C LYS A 95 -55.67 19.80 -0.55
N PHE A 96 -56.87 20.32 -0.71
CA PHE A 96 -57.64 20.07 -1.93
C PHE A 96 -57.21 20.99 -3.07
N ASP A 97 -56.93 22.25 -2.76
CA ASP A 97 -56.53 23.22 -3.79
C ASP A 97 -55.10 23.00 -4.29
N ASP A 98 -54.42 21.94 -3.87
CA ASP A 98 -53.07 21.63 -4.33
C ASP A 98 -53.04 20.47 -5.32
N THR A 99 -54.19 19.94 -5.70
CA THR A 99 -54.25 18.87 -6.69
C THR A 99 -54.10 19.47 -8.09
N GLY A 100 -53.14 18.95 -8.85
CA GLY A 100 -52.93 19.47 -10.18
C GLY A 100 -51.63 18.98 -10.79
N THR A 101 -51.16 19.71 -11.80
CA THR A 101 -49.99 19.33 -12.59
C THR A 101 -48.82 20.21 -12.19
N TYR A 102 -47.72 19.59 -11.78
CA TYR A 102 -46.52 20.30 -11.36
C TYR A 102 -45.42 20.12 -12.40
N PHE A 103 -44.72 21.20 -12.71
CA PHE A 103 -43.64 21.19 -13.69
C PHE A 103 -42.35 21.70 -13.06
N CYS A 104 -41.25 21.06 -13.43
CA CYS A 104 -39.93 21.66 -13.28
C CYS A 104 -39.45 22.15 -14.64
N ALA A 105 -38.62 23.18 -14.62
CA ALA A 105 -38.23 23.84 -15.86
C ALA A 105 -36.80 24.37 -15.74
N LYS A 106 -36.09 24.32 -16.86
CA LYS A 106 -34.73 24.83 -16.93
C LYS A 106 -34.72 26.34 -17.16
N GLY A 107 -33.75 27.00 -16.55
CA GLY A 107 -33.57 28.43 -16.75
C GLY A 107 -33.22 28.77 -18.19
N LEU A 108 -33.20 30.08 -18.46
CA LEU A 108 -32.98 30.56 -19.83
C LEU A 108 -31.48 30.73 -20.12
N LEU A 109 -30.85 31.71 -19.48
CA LEU A 109 -29.46 32.04 -19.76
C LEU A 109 -28.64 31.96 -18.48
N ARG A 110 -27.33 32.12 -18.64
CA ARG A 110 -26.38 32.04 -17.54
C ARG A 110 -26.05 33.40 -16.93
N ASP A 111 -26.37 34.49 -17.61
CA ASP A 111 -26.15 35.83 -17.09
C ASP A 111 -27.01 36.81 -17.87
N GLY A 112 -27.49 37.84 -17.17
CA GLY A 112 -28.32 38.84 -17.81
C GLY A 112 -29.40 39.37 -16.89
N SER A 113 -30.56 39.72 -17.46
CA SER A 113 -31.66 40.25 -16.70
C SER A 113 -32.83 39.28 -16.56
N SER A 114 -32.78 38.12 -17.22
CA SER A 114 -33.83 37.11 -17.13
C SER A 114 -33.18 35.73 -17.17
N THR A 115 -32.35 35.44 -16.16
CA THR A 115 -31.58 34.21 -16.14
C THR A 115 -32.42 33.02 -15.70
N TRP A 116 -33.19 33.17 -14.62
CA TRP A 116 -33.95 32.06 -14.05
C TRP A 116 -35.22 31.72 -14.84
N LEU A 117 -35.51 32.44 -15.92
CA LEU A 117 -36.80 32.30 -16.58
C LEU A 117 -36.98 30.87 -17.09
N PRO A 118 -38.11 30.22 -16.81
CA PRO A 118 -38.33 28.84 -17.26
C PRO A 118 -38.39 28.75 -18.77
N TYR A 119 -37.44 28.01 -19.35
CA TYR A 119 -37.30 27.87 -20.79
C TYR A 119 -37.66 26.47 -21.27
N LEU A 120 -37.01 25.44 -20.73
CA LEU A 120 -37.31 24.05 -21.09
C LEU A 120 -38.12 23.41 -19.97
N TRP A 121 -39.32 22.96 -20.30
CA TRP A 121 -40.25 22.40 -19.33
C TRP A 121 -40.33 20.89 -19.49
N GLY A 122 -40.47 20.18 -18.36
CA GLY A 122 -40.60 18.74 -18.38
C GLY A 122 -41.98 18.29 -18.77
N GLN A 123 -42.18 16.97 -18.72
CA GLN A 123 -43.46 16.37 -19.12
C GLN A 123 -44.54 16.52 -18.07
N GLY A 124 -44.22 17.06 -16.90
CA GLY A 124 -45.24 17.28 -15.89
C GLY A 124 -45.46 16.08 -15.01
N THR A 125 -45.90 16.36 -13.78
CA THR A 125 -46.19 15.34 -12.79
C THR A 125 -47.59 15.61 -12.24
N LEU A 126 -48.48 14.63 -12.38
CA LEU A 126 -49.84 14.78 -11.89
C LEU A 126 -49.90 14.38 -10.42
N LEU A 127 -50.46 15.26 -9.59
CA LEU A 127 -50.52 15.04 -8.15
C LEU A 127 -51.96 15.18 -7.70
N THR A 128 -52.57 14.09 -7.26
CA THR A 128 -53.91 14.10 -6.69
C THR A 128 -53.83 13.91 -5.19
N VAL A 129 -54.65 14.66 -4.46
CA VAL A 129 -54.70 14.61 -3.01
C VAL A 129 -56.15 14.42 -2.59
N SER A 130 -56.49 13.22 -2.11
CA SER A 130 -57.85 12.91 -1.71
C SER A 130 -57.82 11.74 -0.74
N SER A 131 -58.95 11.51 -0.09
CA SER A 131 -59.10 10.40 0.84
C SER A 131 -59.55 9.12 0.16
N ALA A 132 -60.08 9.20 -1.06
CA ALA A 132 -60.58 8.02 -1.74
C ALA A 132 -59.43 7.05 -2.03
N SER A 133 -59.72 5.76 -1.92
CA SER A 133 -58.70 4.75 -2.15
C SER A 133 -58.41 4.62 -3.65
N THR A 134 -57.23 4.07 -3.94
CA THR A 134 -56.83 3.83 -5.33
C THR A 134 -57.63 2.67 -5.89
N LYS A 135 -58.50 2.95 -6.86
CA LYS A 135 -59.37 1.95 -7.46
C LYS A 135 -58.93 1.70 -8.90
N GLY A 136 -58.65 0.44 -9.22
CA GLY A 136 -58.26 0.06 -10.56
C GLY A 136 -59.43 0.06 -11.52
N PRO A 137 -59.15 0.20 -12.80
CA PRO A 137 -60.22 0.24 -13.80
C PRO A 137 -60.60 -1.15 -14.28
N SER A 138 -61.69 -1.20 -15.05
CA SER A 138 -62.18 -2.42 -15.66
C SER A 138 -62.20 -2.22 -17.17
N VAL A 139 -61.19 -2.76 -17.86
CA VAL A 139 -61.04 -2.55 -19.29
C VAL A 139 -62.02 -3.45 -20.04
N PHE A 140 -62.76 -2.86 -20.98
CA PHE A 140 -63.73 -3.58 -21.79
C PHE A 140 -63.42 -3.41 -23.27
N PRO A 141 -63.65 -4.44 -24.08
CA PRO A 141 -63.40 -4.31 -25.51
C PRO A 141 -64.57 -3.64 -26.24
N LEU A 142 -64.23 -2.94 -27.32
CA LEU A 142 -65.22 -2.23 -28.12
C LEU A 142 -65.35 -2.92 -29.48
N ALA A 143 -66.59 -3.21 -29.86
CA ALA A 143 -66.84 -3.85 -31.14
C ALA A 143 -66.51 -2.89 -32.29
N PRO A 144 -66.02 -3.41 -33.41
CA PRO A 144 -65.67 -2.53 -34.54
C PRO A 144 -66.89 -1.90 -35.17
N SER A 145 -66.73 -0.65 -35.60
CA SER A 145 -67.77 0.08 -36.31
C SER A 145 -67.24 0.51 -37.67
N SER A 146 -68.15 0.93 -38.54
CA SER A 146 -67.80 1.36 -39.89
C SER A 146 -67.53 2.87 -39.91
N LYS A 147 -66.38 3.25 -40.45
CA LYS A 147 -66.06 4.68 -40.62
C LYS A 147 -66.22 5.15 -42.04
N SER A 148 -65.96 4.28 -43.03
CA SER A 148 -66.15 4.61 -44.44
C SER A 148 -66.55 3.35 -45.17
N THR A 149 -67.72 3.37 -45.81
CA THR A 149 -68.23 2.19 -46.49
C THR A 149 -67.52 1.98 -47.83
N SER A 150 -67.38 3.04 -48.63
CA SER A 150 -66.73 2.92 -49.92
C SER A 150 -65.23 2.70 -49.81
N GLY A 151 -64.62 3.05 -48.67
CA GLY A 151 -63.20 2.85 -48.49
C GLY A 151 -62.89 1.62 -47.68
N GLY A 152 -63.81 1.20 -46.83
CA GLY A 152 -63.62 0.02 -46.01
C GLY A 152 -62.69 0.25 -44.84
N THR A 153 -63.17 0.97 -43.83
CA THR A 153 -62.37 1.28 -42.64
C THR A 153 -63.17 0.90 -41.40
N ALA A 154 -62.56 0.09 -40.54
CA ALA A 154 -63.13 -0.27 -39.26
C ALA A 154 -62.52 0.60 -38.16
N ALA A 155 -63.31 0.87 -37.13
CA ALA A 155 -62.88 1.62 -35.96
C ALA A 155 -63.15 0.78 -34.73
N LEU A 156 -62.09 0.39 -34.04
CA LEU A 156 -62.23 -0.47 -32.87
C LEU A 156 -61.33 0.03 -31.76
N GLY A 157 -61.78 -0.16 -30.52
CA GLY A 157 -61.00 0.36 -29.41
C GLY A 157 -61.20 -0.35 -28.09
N CYS A 158 -60.87 0.34 -27.00
CA CYS A 158 -60.98 -0.20 -25.65
C CYS A 158 -61.47 0.89 -24.72
N LEU A 159 -62.28 0.48 -23.73
CA LEU A 159 -62.89 1.38 -22.77
C LEU A 159 -62.28 1.13 -21.40
N VAL A 160 -61.74 2.18 -20.78
CA VAL A 160 -61.16 2.13 -19.45
C VAL A 160 -62.14 2.83 -18.52
N LYS A 161 -62.82 2.04 -17.68
CA LYS A 161 -63.93 2.54 -16.89
C LYS A 161 -63.66 2.37 -15.39
N ASP A 162 -64.09 3.37 -14.62
CA ASP A 162 -64.10 3.34 -13.16
C ASP A 162 -62.71 3.24 -12.55
N TYR A 163 -62.05 4.39 -12.36
CA TYR A 163 -60.78 4.45 -11.65
C TYR A 163 -60.63 5.82 -11.02
N PHE A 164 -60.06 5.85 -9.81
CA PHE A 164 -59.94 7.10 -9.05
C PHE A 164 -58.69 7.90 -9.44
N PRO A 165 -57.49 7.31 -9.49
CA PRO A 165 -56.33 8.11 -9.87
C PRO A 165 -56.39 8.52 -11.34
N GLU A 166 -56.10 9.80 -11.60
CA GLU A 166 -56.33 10.35 -12.93
C GLU A 166 -55.47 9.71 -14.01
N PRO A 167 -54.14 9.62 -13.89
CA PRO A 167 -53.33 9.20 -15.03
C PRO A 167 -53.50 7.73 -15.36
N VAL A 168 -53.67 7.43 -16.64
CA VAL A 168 -53.75 6.07 -17.14
C VAL A 168 -53.33 6.07 -18.60
N THR A 169 -52.42 5.17 -18.97
CA THR A 169 -51.87 5.17 -20.32
C THR A 169 -52.36 3.94 -21.09
N VAL A 170 -52.49 4.11 -22.41
CA VAL A 170 -52.98 3.06 -23.30
C VAL A 170 -52.07 2.99 -24.52
N SER A 171 -51.59 1.78 -24.82
CA SER A 171 -50.79 1.53 -26.01
C SER A 171 -51.43 0.40 -26.81
N TRP A 172 -50.90 0.15 -28.00
CA TRP A 172 -51.43 -0.87 -28.89
C TRP A 172 -50.30 -1.75 -29.39
N ASN A 173 -50.47 -3.07 -29.20
CA ASN A 173 -49.47 -4.06 -29.64
C ASN A 173 -48.11 -3.78 -29.01
N SER A 174 -48.12 -3.44 -27.71
CA SER A 174 -46.90 -3.10 -26.98
C SER A 174 -46.13 -1.96 -27.65
N GLY A 175 -46.87 -0.96 -28.12
CA GLY A 175 -46.27 0.18 -28.77
C GLY A 175 -45.95 0.01 -30.24
N ALA A 176 -46.25 -1.16 -30.81
CA ALA A 176 -45.98 -1.42 -32.22
C ALA A 176 -47.09 -0.94 -33.15
N LEU A 177 -48.03 -0.15 -32.63
CA LEU A 177 -49.12 0.41 -33.42
C LEU A 177 -49.35 1.84 -32.98
N THR A 178 -49.00 2.80 -33.84
CA THR A 178 -49.14 4.21 -33.52
C THR A 178 -50.01 4.98 -34.51
N SER A 179 -50.32 4.41 -35.67
CA SER A 179 -51.12 5.08 -36.68
C SER A 179 -52.61 4.85 -36.38
N GLY A 180 -53.39 5.93 -36.47
CA GLY A 180 -54.81 5.86 -36.23
C GLY A 180 -55.24 5.84 -34.77
N VAL A 181 -54.28 5.80 -33.84
CA VAL A 181 -54.61 5.76 -32.42
C VAL A 181 -55.14 7.12 -31.99
N HIS A 182 -56.29 7.13 -31.30
CA HIS A 182 -56.87 8.35 -30.78
C HIS A 182 -57.45 8.04 -29.41
N THR A 183 -56.90 8.68 -28.37
CA THR A 183 -57.34 8.49 -27.00
C THR A 183 -58.07 9.74 -26.54
N PHE A 184 -59.30 9.56 -26.08
CA PHE A 184 -60.14 10.66 -25.62
C PHE A 184 -59.87 10.96 -24.16
N PRO A 185 -60.15 12.18 -23.71
CA PRO A 185 -59.99 12.51 -22.29
C PRO A 185 -60.97 11.72 -21.42
N ALA A 186 -60.72 11.76 -20.13
CA ALA A 186 -61.55 11.05 -19.16
C ALA A 186 -62.83 11.82 -18.91
N VAL A 187 -63.63 11.38 -17.94
CA VAL A 187 -64.88 12.03 -17.58
C VAL A 187 -64.99 12.04 -16.06
N LEU A 188 -65.65 13.07 -15.54
CA LEU A 188 -65.83 13.24 -14.10
C LEU A 188 -67.25 12.81 -13.75
N GLN A 189 -67.39 11.62 -13.16
CA GLN A 189 -68.69 11.13 -12.73
C GLN A 189 -69.15 11.85 -11.48
N SER A 190 -70.45 11.72 -11.19
CA SER A 190 -70.98 12.25 -9.94
C SER A 190 -70.45 11.51 -8.72
N SER A 191 -69.80 10.36 -8.91
CA SER A 191 -69.21 9.58 -7.85
C SER A 191 -67.71 9.81 -7.70
N GLY A 192 -67.11 10.61 -8.57
CA GLY A 192 -65.68 10.83 -8.54
C GLY A 192 -64.86 9.80 -9.30
N LEU A 193 -65.47 9.09 -10.25
CA LEU A 193 -64.79 8.08 -11.04
C LEU A 193 -64.43 8.65 -12.41
N TYR A 194 -63.26 8.26 -12.91
CA TYR A 194 -62.81 8.66 -14.23
C TYR A 194 -62.92 7.48 -15.18
N SER A 195 -63.17 7.79 -16.45
CA SER A 195 -63.31 6.77 -17.49
C SER A 195 -63.04 7.41 -18.84
N LEU A 196 -62.27 6.71 -19.68
CA LEU A 196 -61.96 7.20 -21.02
C LEU A 196 -62.07 6.05 -22.00
N SER A 197 -61.86 6.36 -23.27
CA SER A 197 -61.93 5.39 -24.35
C SER A 197 -60.86 5.70 -25.38
N SER A 198 -60.23 4.65 -25.91
CA SER A 198 -59.27 4.80 -26.99
C SER A 198 -59.78 4.02 -28.19
N VAL A 199 -59.51 4.54 -29.38
CA VAL A 199 -59.99 3.92 -30.62
C VAL A 199 -58.92 4.04 -31.69
N VAL A 200 -58.74 2.97 -32.46
CA VAL A 200 -57.84 2.94 -33.60
C VAL A 200 -58.65 2.64 -34.84
N THR A 201 -58.32 3.33 -35.93
CA THR A 201 -58.94 3.13 -37.24
C THR A 201 -58.02 2.24 -38.07
N VAL A 202 -58.50 1.04 -38.37
CA VAL A 202 -57.72 0.06 -39.13
C VAL A 202 -58.46 -0.20 -40.43
N PRO A 203 -57.79 -0.76 -41.43
CA PRO A 203 -58.50 -1.20 -42.64
C PRO A 203 -59.41 -2.38 -42.34
N SER A 204 -60.51 -2.46 -43.10
CA SER A 204 -61.46 -3.55 -42.92
C SER A 204 -60.93 -4.87 -43.48
N SER A 205 -59.88 -4.82 -44.30
CA SER A 205 -59.31 -6.02 -44.89
C SER A 205 -58.19 -6.63 -44.05
N SER A 206 -57.76 -5.95 -42.98
CA SER A 206 -56.71 -6.45 -42.11
C SER A 206 -57.29 -7.15 -40.88
N LEU A 207 -58.18 -8.10 -41.10
CA LEU A 207 -58.79 -8.86 -40.01
C LEU A 207 -58.11 -10.19 -39.76
N GLY A 208 -57.43 -10.76 -40.75
CA GLY A 208 -56.73 -12.01 -40.58
C GLY A 208 -55.24 -11.90 -40.85
N THR A 209 -54.75 -10.66 -40.98
CA THR A 209 -53.34 -10.41 -41.24
C THR A 209 -52.64 -9.65 -40.13
N GLN A 210 -53.37 -9.10 -39.15
CA GLN A 210 -52.77 -8.35 -38.07
C GLN A 210 -53.61 -8.52 -36.81
N THR A 211 -52.93 -8.64 -35.67
CA THR A 211 -53.58 -8.80 -34.38
C THR A 211 -53.50 -7.48 -33.62
N TYR A 212 -54.66 -7.00 -33.14
CA TYR A 212 -54.76 -5.73 -32.44
C TYR A 212 -55.06 -6.00 -30.97
N ILE A 213 -54.12 -5.63 -30.10
CA ILE A 213 -54.25 -5.80 -28.66
C ILE A 213 -54.01 -4.46 -27.99
N CYS A 214 -54.89 -4.08 -27.07
CA CYS A 214 -54.75 -2.82 -26.34
C CYS A 214 -54.19 -3.11 -24.95
N ASN A 215 -53.13 -2.39 -24.58
CA ASN A 215 -52.46 -2.55 -23.29
C ASN A 215 -52.74 -1.30 -22.47
N VAL A 216 -53.49 -1.47 -21.38
CA VAL A 216 -53.84 -0.38 -20.48
C VAL A 216 -52.98 -0.51 -19.23
N ASN A 217 -52.15 0.50 -18.97
CA ASN A 217 -51.28 0.53 -17.81
C ASN A 217 -51.75 1.64 -16.87
N HIS A 218 -51.89 1.30 -15.59
CA HIS A 218 -52.31 2.24 -14.55
C HIS A 218 -51.33 2.10 -13.40
N LYS A 219 -50.38 3.02 -13.32
CA LYS A 219 -49.28 2.95 -12.35
C LYS A 219 -49.72 3.20 -10.90
N PRO A 220 -50.58 4.18 -10.62
CA PRO A 220 -51.00 4.37 -9.21
C PRO A 220 -51.66 3.14 -8.60
N SER A 221 -52.32 2.31 -9.41
CA SER A 221 -52.82 1.03 -8.95
C SER A 221 -51.86 -0.12 -9.28
N ASN A 222 -50.80 0.16 -10.04
CA ASN A 222 -49.83 -0.85 -10.46
C ASN A 222 -50.52 -2.04 -11.12
N THR A 223 -51.28 -1.72 -12.18
CA THR A 223 -52.07 -2.72 -12.88
C THR A 223 -51.82 -2.63 -14.38
N LYS A 224 -51.79 -3.78 -15.03
CA LYS A 224 -51.65 -3.89 -16.48
C LYS A 224 -52.74 -4.81 -17.00
N VAL A 225 -53.46 -4.37 -18.02
CA VAL A 225 -54.54 -5.15 -18.62
C VAL A 225 -54.32 -5.21 -20.12
N ASP A 226 -54.17 -6.42 -20.65
CA ASP A 226 -54.02 -6.65 -22.08
C ASP A 226 -55.32 -7.24 -22.61
N LYS A 227 -56.01 -6.48 -23.47
CA LYS A 227 -57.30 -6.90 -24.01
C LYS A 227 -57.21 -7.08 -25.52
N ARG A 228 -57.88 -8.12 -26.02
CA ARG A 228 -57.92 -8.43 -27.43
C ARG A 228 -59.28 -8.03 -27.98
N VAL A 229 -59.29 -7.06 -28.90
CA VAL A 229 -60.53 -6.64 -29.52
C VAL A 229 -60.97 -7.69 -30.53
N GLU A 230 -62.22 -8.14 -30.41
CA GLU A 230 -62.72 -9.16 -31.30
C GLU A 230 -62.97 -8.57 -32.68
N PRO A 231 -62.40 -9.14 -33.75
CA PRO A 231 -62.60 -8.59 -35.10
C PRO A 231 -64.00 -8.81 -35.67
N LYS A 232 -64.89 -9.48 -34.94
CA LYS A 232 -66.26 -9.70 -35.42
C LYS A 232 -67.01 -8.38 -35.40
N SER A 233 -67.16 -7.77 -36.58
CA SER A 233 -67.85 -6.49 -36.68
C SER A 233 -69.34 -6.67 -36.43
N CYS A 234 -69.98 -5.58 -36.02
CA CYS A 234 -71.41 -5.58 -35.74
C CYS A 234 -72.19 -4.49 -36.47
N ASP A 235 -71.53 -3.45 -36.97
CA ASP A 235 -72.23 -2.38 -37.67
C ASP A 235 -72.70 -2.86 -39.04
N LYS A 236 -73.90 -2.45 -39.42
CA LYS A 236 -74.46 -2.87 -40.70
C LYS A 236 -73.76 -2.21 -41.89
N GLY A 237 -73.13 -1.06 -41.68
CA GLY A 237 -72.39 -0.40 -42.73
C GLY A 237 -71.03 -0.97 -43.03
N LEU A 238 -70.58 -1.94 -42.25
CA LEU A 238 -69.26 -2.56 -42.44
C LEU A 238 -69.33 -3.99 -42.93
N GLU A 239 -70.42 -4.71 -42.67
CA GLU A 239 -70.54 -6.10 -43.09
C GLU A 239 -70.64 -6.24 -44.61
N VAL A 240 -71.10 -5.21 -45.30
CA VAL A 240 -71.21 -5.25 -46.75
C VAL A 240 -69.84 -5.12 -47.40
N SER B 2 -54.69 36.84 -9.22
CA SER B 2 -53.75 37.36 -10.20
C SER B 2 -54.12 38.79 -10.62
N VAL B 3 -53.36 39.76 -10.14
CA VAL B 3 -53.63 41.16 -10.45
C VAL B 3 -53.21 41.54 -11.87
N LEU B 4 -52.40 40.70 -12.53
CA LEU B 4 -51.98 40.96 -13.90
C LEU B 4 -53.09 40.50 -14.84
N THR B 5 -53.90 41.45 -15.30
CA THR B 5 -55.06 41.14 -16.13
C THR B 5 -54.66 41.13 -17.60
N GLN B 6 -55.08 40.10 -18.32
CA GLN B 6 -54.82 39.93 -19.73
C GLN B 6 -56.11 40.22 -20.50
N SER B 7 -56.22 39.68 -21.72
CA SER B 7 -57.45 39.72 -22.50
C SER B 7 -58.24 38.45 -22.26
N ALA B 8 -59.56 38.60 -22.10
CA ALA B 8 -60.40 37.43 -21.83
C ALA B 8 -60.30 36.41 -22.96
N SER B 9 -60.69 36.80 -24.17
CA SER B 9 -60.62 35.92 -25.32
C SER B 9 -60.63 36.77 -26.58
N VAL B 10 -59.61 36.61 -27.42
CA VAL B 10 -59.47 37.38 -28.64
C VAL B 10 -59.61 36.45 -29.83
N SER B 11 -60.25 36.94 -30.89
CA SER B 11 -60.39 36.21 -32.14
C SER B 11 -59.49 36.83 -33.19
N GLY B 12 -59.17 36.05 -34.22
CA GLY B 12 -58.31 36.51 -35.28
C GLY B 12 -58.70 35.90 -36.61
N SER B 13 -58.12 36.45 -37.68
CA SER B 13 -58.37 35.99 -39.04
C SER B 13 -57.16 35.21 -39.53
N LEU B 14 -57.42 34.12 -40.25
CA LEU B 14 -56.34 33.29 -40.77
C LEU B 14 -55.46 34.09 -41.73
N GLY B 15 -54.17 34.11 -41.45
CA GLY B 15 -53.22 34.85 -42.24
C GLY B 15 -52.92 36.26 -41.74
N GLN B 16 -53.77 36.82 -40.90
CA GLN B 16 -53.61 38.16 -40.38
C GLN B 16 -52.92 38.11 -39.01
N SER B 17 -53.06 39.17 -38.23
CA SER B 17 -52.39 39.30 -36.94
C SER B 17 -53.41 39.46 -35.83
N VAL B 18 -52.95 39.24 -34.60
CA VAL B 18 -53.80 39.40 -33.42
C VAL B 18 -52.93 39.87 -32.26
N THR B 19 -53.40 40.88 -31.53
CA THR B 19 -52.65 41.48 -30.44
C THR B 19 -53.33 41.19 -29.10
N ILE B 20 -52.55 40.65 -28.16
CA ILE B 20 -53.00 40.37 -26.81
C ILE B 20 -52.43 41.41 -25.87
N SER B 21 -53.23 41.85 -24.90
CA SER B 21 -52.83 42.85 -23.94
C SER B 21 -52.46 42.21 -22.60
N CYS B 22 -51.57 42.87 -21.86
CA CYS B 22 -51.11 42.38 -20.57
C CYS B 22 -50.82 43.60 -19.71
N THR B 23 -51.68 43.87 -18.73
CA THR B 23 -51.52 45.05 -17.89
C THR B 23 -51.98 44.73 -16.48
N GLY B 24 -51.51 45.53 -15.53
CA GLY B 24 -51.86 45.37 -14.14
C GLY B 24 -51.61 46.63 -13.34
N PRO B 25 -51.64 46.51 -12.02
CA PRO B 25 -51.41 47.67 -11.16
C PRO B 25 -50.00 48.23 -11.34
N ASN B 26 -49.77 49.40 -10.73
CA ASN B 26 -48.46 50.02 -10.78
C ASN B 26 -47.41 49.18 -10.08
N SER B 27 -47.82 48.23 -9.24
CA SER B 27 -46.86 47.38 -8.55
C SER B 27 -46.39 46.23 -9.44
N VAL B 28 -47.29 45.68 -10.26
CA VAL B 28 -46.96 44.49 -11.04
C VAL B 28 -47.20 44.73 -12.53
N CYS B 29 -46.55 45.75 -13.09
CA CYS B 29 -46.54 45.90 -14.54
C CYS B 29 -45.46 46.88 -14.98
N CYS B 30 -44.78 46.51 -16.06
CA CYS B 30 -44.12 47.40 -17.01
C CYS B 30 -43.24 48.48 -16.41
N SER B 31 -42.84 49.45 -17.24
CA SER B 31 -41.88 50.48 -16.85
C SER B 31 -40.61 49.87 -16.28
N HIS B 32 -40.69 49.40 -15.04
CA HIS B 32 -39.55 48.83 -14.34
C HIS B 32 -39.46 47.31 -14.48
N LYS B 33 -40.57 46.64 -14.76
CA LYS B 33 -40.61 45.19 -14.82
C LYS B 33 -40.56 44.71 -16.28
N SER B 34 -40.04 43.50 -16.46
CA SER B 34 -39.96 42.87 -17.77
C SER B 34 -41.10 41.88 -17.95
N ILE B 35 -41.66 41.87 -19.15
CA ILE B 35 -42.82 41.05 -19.50
C ILE B 35 -42.37 39.98 -20.48
N SER B 36 -42.78 38.74 -20.22
CA SER B 36 -42.54 37.61 -21.11
C SER B 36 -43.87 36.97 -21.48
N TRP B 37 -43.84 36.10 -22.49
CA TRP B 37 -45.04 35.47 -23.01
C TRP B 37 -44.83 33.98 -23.19
N TYR B 38 -45.91 33.23 -22.98
CA TYR B 38 -45.87 31.76 -23.00
C TYR B 38 -47.09 31.24 -23.74
N GLN B 39 -46.85 30.44 -24.78
CA GLN B 39 -47.92 29.66 -25.39
C GLN B 39 -48.13 28.39 -24.56
N TRP B 40 -49.30 28.26 -23.94
CA TRP B 40 -49.56 27.20 -22.98
C TRP B 40 -50.69 26.30 -23.48
N PRO B 41 -50.38 25.28 -24.28
CA PRO B 41 -51.40 24.30 -24.63
C PRO B 41 -51.88 23.55 -23.40
N PRO B 42 -53.18 23.53 -23.15
CA PRO B 42 -53.69 22.87 -21.94
C PRO B 42 -53.34 21.38 -21.92
N GLY B 43 -52.84 20.92 -20.78
CA GLY B 43 -52.42 19.55 -20.62
C GLY B 43 -51.05 19.23 -21.17
N ARG B 44 -50.38 20.18 -21.82
CA ARG B 44 -49.06 19.97 -22.40
C ARG B 44 -48.11 21.03 -21.90
N ALA B 45 -46.82 20.81 -22.18
CA ALA B 45 -45.80 21.74 -21.71
C ALA B 45 -45.86 23.05 -22.49
N PRO B 46 -45.72 24.20 -21.81
CA PRO B 46 -45.77 25.48 -22.52
C PRO B 46 -44.53 25.73 -23.36
N THR B 47 -44.46 26.91 -23.99
CA THR B 47 -43.34 27.27 -24.85
C THR B 47 -43.02 28.74 -24.66
N LEU B 48 -41.75 29.05 -24.44
CA LEU B 48 -41.31 30.44 -24.39
C LEU B 48 -41.25 31.00 -25.81
N ILE B 49 -41.84 32.18 -26.00
CA ILE B 49 -41.89 32.83 -27.31
C ILE B 49 -41.28 34.22 -27.28
N ILE B 50 -41.49 34.97 -26.20
CA ILE B 50 -40.97 36.32 -26.05
C ILE B 50 -40.49 36.49 -24.61
N TYR B 51 -39.29 37.03 -24.43
CA TYR B 51 -38.79 37.41 -23.13
C TYR B 51 -38.15 38.79 -23.23
N GLU B 52 -38.05 39.46 -22.08
CA GLU B 52 -37.55 40.83 -22.00
C GLU B 52 -38.29 41.73 -22.99
N ASP B 53 -39.61 41.78 -22.81
CA ASP B 53 -40.53 42.65 -23.55
C ASP B 53 -40.67 42.27 -25.02
N ASN B 54 -39.57 42.27 -25.78
CA ASN B 54 -39.65 42.09 -27.22
C ASN B 54 -38.69 41.06 -27.80
N GLU B 55 -37.79 40.49 -27.01
CA GLU B 55 -36.80 39.57 -27.55
C GLU B 55 -37.39 38.16 -27.65
N ARG B 56 -37.30 37.58 -28.84
CA ARG B 56 -37.87 36.26 -29.07
C ARG B 56 -36.98 35.17 -28.48
N ALA B 57 -37.52 33.97 -28.40
CA ALA B 57 -36.80 32.80 -27.91
C ALA B 57 -36.13 32.08 -29.07
N PRO B 58 -35.10 31.29 -28.80
CA PRO B 58 -34.42 30.56 -29.89
C PRO B 58 -35.37 29.62 -30.61
N GLY B 59 -35.42 29.73 -31.93
CA GLY B 59 -36.30 28.93 -32.75
C GLY B 59 -37.64 29.56 -33.04
N ILE B 60 -37.94 30.71 -32.46
CA ILE B 60 -39.23 31.35 -32.65
C ILE B 60 -39.22 32.14 -33.96
N SER B 61 -40.25 31.93 -34.78
CA SER B 61 -40.36 32.66 -36.03
C SER B 61 -40.52 34.15 -35.75
N PRO B 62 -40.02 35.02 -36.64
CA PRO B 62 -40.18 36.46 -36.44
C PRO B 62 -41.62 36.95 -36.52
N ARG B 63 -42.59 36.04 -36.71
CA ARG B 63 -43.99 36.44 -36.70
C ARG B 63 -44.39 37.00 -35.34
N PHE B 64 -43.89 36.41 -34.26
CA PHE B 64 -44.21 36.87 -32.92
C PHE B 64 -43.44 38.15 -32.61
N SER B 65 -44.13 39.10 -31.99
CA SER B 65 -43.53 40.38 -31.66
C SER B 65 -44.02 40.81 -30.29
N GLY B 66 -43.18 41.57 -29.58
CA GLY B 66 -43.51 42.07 -28.26
C GLY B 66 -43.37 43.57 -28.19
N TYR B 67 -44.16 44.19 -27.31
CA TYR B 67 -44.08 45.62 -27.09
C TYR B 67 -44.46 45.90 -25.64
N LYS B 68 -43.89 46.95 -25.07
CA LYS B 68 -44.23 47.37 -23.72
C LYS B 68 -44.33 48.88 -23.65
N SER B 69 -45.44 49.37 -23.13
CA SER B 69 -45.67 50.78 -22.88
C SER B 69 -45.56 51.05 -21.38
N TYR B 70 -45.85 52.29 -20.99
CA TYR B 70 -45.77 52.66 -19.58
C TYR B 70 -46.93 52.11 -18.75
N TRP B 71 -47.90 51.45 -19.38
CA TRP B 71 -49.06 50.94 -18.65
C TRP B 71 -49.54 49.58 -19.13
N SER B 72 -49.07 49.07 -20.25
CA SER B 72 -49.52 47.78 -20.75
C SER B 72 -48.54 47.26 -21.80
N ALA B 73 -48.37 45.95 -21.83
CA ALA B 73 -47.58 45.27 -22.83
C ALA B 73 -48.50 44.55 -23.82
N TYR B 74 -47.95 44.25 -24.99
CA TYR B 74 -48.72 43.65 -26.07
C TYR B 74 -47.91 42.57 -26.76
N LEU B 75 -48.59 41.48 -27.11
CA LEU B 75 -48.02 40.38 -27.88
C LEU B 75 -48.73 40.33 -29.23
N THR B 76 -47.98 40.56 -30.30
CA THR B 76 -48.52 40.60 -31.65
C THR B 76 -48.17 39.31 -32.39
N ILE B 77 -49.18 38.62 -32.87
CA ILE B 77 -49.03 37.38 -33.63
C ILE B 77 -49.32 37.71 -35.09
N SER B 78 -48.28 37.78 -35.90
CA SER B 78 -48.41 38.02 -37.32
C SER B 78 -48.49 36.70 -38.08
N ASP B 79 -49.19 36.73 -39.22
CA ASP B 79 -49.43 35.55 -40.03
C ASP B 79 -50.00 34.42 -39.17
N LEU B 80 -51.29 34.51 -38.85
CA LEU B 80 -51.91 33.52 -37.98
C LEU B 80 -51.93 32.14 -38.66
N ARG B 81 -51.62 31.12 -37.87
CA ARG B 81 -51.58 29.73 -38.31
C ARG B 81 -52.67 28.95 -37.59
N PRO B 82 -53.11 27.82 -38.16
CA PRO B 82 -54.11 27.00 -37.44
C PRO B 82 -53.62 26.51 -36.09
N GLU B 83 -52.33 26.18 -35.96
CA GLU B 83 -51.79 25.72 -34.69
C GLU B 83 -51.63 26.83 -33.66
N ASP B 84 -51.94 28.08 -34.01
CA ASP B 84 -51.85 29.21 -33.09
C ASP B 84 -53.12 29.39 -32.28
N GLU B 85 -54.02 28.41 -32.28
CA GLU B 85 -55.30 28.51 -31.57
C GLU B 85 -55.17 27.75 -30.25
N THR B 86 -54.68 28.45 -29.23
CA THR B 86 -54.53 27.90 -27.90
C THR B 86 -54.40 29.06 -26.91
N THR B 87 -54.13 28.73 -25.65
CA THR B 87 -54.07 29.73 -24.60
C THR B 87 -52.69 30.36 -24.53
N TYR B 88 -52.66 31.66 -24.19
CA TYR B 88 -51.43 32.41 -24.06
C TYR B 88 -51.42 33.15 -22.72
N TYR B 89 -50.30 33.07 -22.01
CA TYR B 89 -50.11 33.74 -20.74
C TYR B 89 -48.95 34.73 -20.85
N CYS B 90 -48.96 35.71 -19.96
CA CYS B 90 -47.85 36.64 -19.83
C CYS B 90 -47.33 36.62 -18.40
N CYS B 91 -46.06 36.98 -18.26
CA CYS B 91 -45.37 37.00 -16.97
C CYS B 91 -44.73 38.36 -16.74
N SER B 92 -44.80 38.84 -15.51
CA SER B 92 -44.19 40.09 -15.09
C SER B 92 -43.14 39.78 -14.02
N TYR B 93 -41.87 40.05 -14.32
CA TYR B 93 -40.78 39.66 -13.44
C TYR B 93 -39.68 40.70 -13.45
N THR B 94 -38.76 40.57 -12.50
CA THR B 94 -37.52 41.35 -12.49
C THR B 94 -36.32 40.41 -12.59
N HIS B 95 -35.14 40.89 -12.19
CA HIS B 95 -33.94 40.09 -12.38
C HIS B 95 -33.80 38.98 -11.34
N ASN B 96 -34.21 39.24 -10.09
CA ASN B 96 -34.05 38.27 -9.01
C ASN B 96 -35.38 37.87 -8.38
N SER B 97 -36.50 38.16 -9.02
CA SER B 97 -37.81 37.88 -8.44
C SER B 97 -38.30 36.52 -8.98
N GLY B 98 -39.60 36.27 -8.86
CA GLY B 98 -40.24 35.13 -9.46
C GLY B 98 -41.15 35.55 -10.60
N CYS B 99 -41.69 34.55 -11.29
CA CYS B 99 -42.60 34.84 -12.39
C CYS B 99 -44.01 35.05 -11.86
N VAL B 100 -44.65 36.13 -12.30
CA VAL B 100 -46.01 36.46 -11.92
C VAL B 100 -46.89 36.25 -13.16
N PHE B 101 -47.62 35.13 -13.19
CA PHE B 101 -48.43 34.81 -14.34
C PHE B 101 -49.72 35.62 -14.36
N GLY B 102 -50.24 35.86 -15.56
CA GLY B 102 -51.44 36.63 -15.75
C GLY B 102 -52.70 35.78 -15.71
N THR B 103 -53.82 36.42 -16.07
CA THR B 103 -55.11 35.73 -16.05
C THR B 103 -55.17 34.64 -17.12
N GLY B 104 -54.84 34.99 -18.35
CA GLY B 104 -54.88 34.05 -19.45
C GLY B 104 -55.67 34.58 -20.62
N THR B 105 -55.27 34.17 -21.82
CA THR B 105 -55.92 34.62 -23.05
C THR B 105 -56.09 33.44 -23.99
N LYS B 106 -57.32 33.17 -24.41
CA LYS B 106 -57.61 32.15 -25.40
C LYS B 106 -57.79 32.83 -26.76
N VAL B 107 -57.01 32.39 -27.75
CA VAL B 107 -57.02 32.97 -29.08
C VAL B 107 -57.68 31.99 -30.03
N SER B 108 -58.72 32.45 -30.72
CA SER B 108 -59.43 31.65 -31.71
C SER B 108 -59.06 32.15 -33.10
N VAL B 109 -58.69 31.22 -33.98
CA VAL B 109 -58.30 31.55 -35.35
C VAL B 109 -59.44 31.11 -36.26
N LEU B 110 -60.15 32.08 -36.83
CA LEU B 110 -61.26 31.82 -37.74
C LEU B 110 -60.79 31.85 -39.18
N GLY B 111 -61.72 31.57 -40.10
CA GLY B 111 -61.40 31.54 -41.51
C GLY B 111 -60.82 30.23 -42.00
N GLN B 112 -61.07 29.13 -41.30
CA GLN B 112 -60.56 27.82 -41.67
C GLN B 112 -61.69 26.93 -42.17
N SER B 113 -61.31 25.87 -42.87
CA SER B 113 -62.28 24.90 -43.37
C SER B 113 -62.85 24.10 -42.22
N LYS B 114 -64.16 24.23 -41.98
CA LYS B 114 -64.81 23.49 -40.91
C LYS B 114 -64.81 22.00 -41.22
N ALA B 115 -64.78 21.20 -40.16
CA ALA B 115 -64.72 19.75 -40.27
C ALA B 115 -66.06 19.13 -39.92
N ASN B 116 -66.37 18.03 -40.61
CA ASN B 116 -67.60 17.30 -40.35
C ASN B 116 -67.40 16.39 -39.14
N PRO B 117 -68.21 16.53 -38.08
CA PRO B 117 -67.99 15.73 -36.87
C PRO B 117 -68.24 14.25 -37.11
N SER B 118 -67.22 13.43 -36.84
CA SER B 118 -67.33 11.99 -36.93
C SER B 118 -67.79 11.45 -35.58
N VAL B 119 -68.98 10.86 -35.55
CA VAL B 119 -69.61 10.38 -34.32
C VAL B 119 -69.76 8.87 -34.41
N THR B 120 -69.33 8.16 -33.37
CA THR B 120 -69.41 6.71 -33.32
C THR B 120 -70.00 6.28 -31.99
N LEU B 121 -71.01 5.41 -32.03
CA LEU B 121 -71.67 4.90 -30.83
C LEU B 121 -71.32 3.44 -30.63
N PHE B 122 -71.01 3.09 -29.37
CA PHE B 122 -70.62 1.74 -29.00
C PHE B 122 -71.50 1.27 -27.85
N PRO B 123 -72.19 0.15 -27.98
CA PRO B 123 -72.93 -0.42 -26.85
C PRO B 123 -72.01 -1.23 -25.96
N PRO B 124 -72.42 -1.52 -24.73
CA PRO B 124 -71.56 -2.32 -23.83
C PRO B 124 -71.40 -3.74 -24.36
N SER B 125 -70.27 -4.35 -24.00
CA SER B 125 -69.94 -5.70 -24.43
C SER B 125 -70.51 -6.72 -23.44
N SER B 126 -70.28 -8.00 -23.74
CA SER B 126 -70.81 -9.06 -22.88
C SER B 126 -70.08 -9.15 -21.55
N GLU B 127 -68.79 -8.80 -21.53
CA GLU B 127 -68.06 -8.79 -20.27
C GLU B 127 -68.68 -7.80 -19.29
N GLU B 128 -69.14 -6.65 -19.78
CA GLU B 128 -69.82 -5.69 -18.93
C GLU B 128 -71.24 -6.14 -18.59
N LEU B 129 -71.92 -6.81 -19.52
CA LEU B 129 -73.24 -7.36 -19.21
C LEU B 129 -73.15 -8.38 -18.08
N GLN B 130 -72.04 -9.11 -17.99
CA GLN B 130 -71.85 -10.03 -16.88
C GLN B 130 -71.63 -9.30 -15.55
N ALA B 131 -71.30 -8.01 -15.60
CA ALA B 131 -71.10 -7.21 -14.40
C ALA B 131 -72.33 -6.38 -14.03
N ASN B 132 -73.49 -6.68 -14.62
CA ASN B 132 -74.75 -6.01 -14.32
C ASN B 132 -74.69 -4.50 -14.59
N LYS B 133 -73.87 -4.09 -15.55
CA LYS B 133 -73.72 -2.69 -15.92
C LYS B 133 -73.88 -2.52 -17.41
N ALA B 134 -74.30 -1.32 -17.81
CA ALA B 134 -74.41 -0.97 -19.23
C ALA B 134 -73.88 0.44 -19.43
N THR B 135 -73.03 0.63 -20.44
CA THR B 135 -72.46 1.94 -20.74
C THR B 135 -72.44 2.15 -22.25
N LEU B 136 -73.18 3.15 -22.72
CA LEU B 136 -73.13 3.56 -24.12
C LEU B 136 -72.05 4.63 -24.28
N VAL B 137 -71.15 4.42 -25.25
CA VAL B 137 -70.01 5.30 -25.46
C VAL B 137 -70.18 6.00 -26.80
N CYS B 138 -70.33 7.32 -26.78
CA CYS B 138 -70.51 8.12 -27.99
C CYS B 138 -69.26 8.99 -28.14
N LEU B 139 -68.41 8.66 -29.11
CA LEU B 139 -67.16 9.35 -29.35
C LEU B 139 -67.30 10.29 -30.54
N ILE B 140 -66.97 11.55 -30.34
CA ILE B 140 -67.02 12.57 -31.38
C ILE B 140 -65.59 13.02 -31.66
N SER B 141 -65.22 13.09 -32.93
CA SER B 141 -63.86 13.48 -33.29
C SER B 141 -63.88 14.27 -34.59
N ASP B 142 -62.85 15.12 -34.76
CA ASP B 142 -62.59 15.80 -36.01
C ASP B 142 -63.69 16.78 -36.37
N PHE B 143 -63.86 17.83 -35.54
CA PHE B 143 -64.77 18.92 -35.84
C PHE B 143 -64.08 20.23 -35.46
N TYR B 144 -64.41 21.29 -36.20
CA TYR B 144 -63.67 22.54 -36.06
C TYR B 144 -64.23 23.46 -34.96
N PRO B 145 -65.53 23.78 -34.95
CA PRO B 145 -66.03 24.67 -33.91
C PRO B 145 -66.17 23.94 -32.57
N GLY B 146 -65.59 24.52 -31.53
CA GLY B 146 -65.62 23.92 -30.21
C GLY B 146 -66.94 24.09 -29.49
N ALA B 147 -68.02 23.59 -30.09
CA ALA B 147 -69.35 23.72 -29.49
C ALA B 147 -70.19 22.53 -29.96
N VAL B 148 -70.42 21.57 -29.07
CA VAL B 148 -71.22 20.40 -29.38
C VAL B 148 -72.15 20.12 -28.21
N THR B 149 -73.35 19.64 -28.52
CA THR B 149 -74.36 19.29 -27.52
C THR B 149 -74.84 17.88 -27.79
N VAL B 150 -74.71 17.00 -26.80
CA VAL B 150 -75.07 15.59 -26.94
C VAL B 150 -76.40 15.36 -26.23
N ALA B 151 -77.31 14.65 -26.91
CA ALA B 151 -78.60 14.28 -26.35
C ALA B 151 -78.76 12.78 -26.47
N TRP B 152 -79.15 12.14 -25.37
CA TRP B 152 -79.37 10.70 -25.33
C TRP B 152 -80.86 10.42 -25.32
N LYS B 153 -81.33 9.63 -26.29
CA LYS B 153 -82.74 9.29 -26.42
C LYS B 153 -82.90 7.78 -26.35
N ALA B 154 -83.60 7.31 -25.31
CA ALA B 154 -83.91 5.89 -25.15
C ALA B 154 -85.28 5.65 -25.78
N ASP B 155 -85.28 5.03 -26.96
CA ASP B 155 -86.51 4.75 -27.71
C ASP B 155 -87.28 6.04 -28.01
N SER B 156 -86.55 7.02 -28.55
CA SER B 156 -87.11 8.33 -28.90
C SER B 156 -87.73 9.02 -27.69
N SER B 157 -87.00 9.01 -26.58
CA SER B 157 -87.41 9.68 -25.35
C SER B 157 -86.16 10.18 -24.64
N PRO B 158 -86.08 11.46 -24.29
CA PRO B 158 -84.85 12.00 -23.71
C PRO B 158 -84.49 11.32 -22.40
N VAL B 159 -83.18 11.25 -22.13
CA VAL B 159 -82.63 10.65 -20.93
C VAL B 159 -81.83 11.70 -20.19
N LYS B 160 -82.12 11.87 -18.89
CA LYS B 160 -81.45 12.86 -18.07
C LYS B 160 -80.47 12.28 -17.06
N ALA B 161 -80.71 11.05 -16.60
CA ALA B 161 -79.85 10.42 -15.61
C ALA B 161 -78.83 9.51 -16.28
N GLY B 162 -77.64 9.44 -15.68
CA GLY B 162 -76.57 8.62 -16.19
C GLY B 162 -75.80 9.19 -17.36
N VAL B 163 -76.09 10.42 -17.76
CA VAL B 163 -75.41 11.06 -18.88
C VAL B 163 -74.20 11.83 -18.35
N GLU B 164 -73.04 11.60 -18.94
CA GLU B 164 -71.81 12.31 -18.58
C GLU B 164 -71.08 12.69 -19.85
N THR B 165 -71.06 13.98 -20.17
CA THR B 165 -70.42 14.49 -21.37
C THR B 165 -69.10 15.15 -21.00
N THR B 166 -68.07 14.89 -21.79
CA THR B 166 -66.75 15.45 -21.56
C THR B 166 -66.60 16.79 -22.28
N THR B 167 -65.65 17.59 -21.81
CA THR B 167 -65.35 18.85 -22.45
C THR B 167 -64.54 18.62 -23.73
N PRO B 168 -64.75 19.43 -24.76
CA PRO B 168 -64.01 19.24 -26.01
C PRO B 168 -62.54 19.63 -25.85
N SER B 169 -61.67 18.73 -26.27
CA SER B 169 -60.22 18.96 -26.23
C SER B 169 -59.69 19.10 -27.65
N LYS B 170 -58.58 19.82 -27.79
CA LYS B 170 -58.01 20.08 -29.11
C LYS B 170 -57.22 18.87 -29.58
N GLN B 171 -57.63 18.29 -30.69
CA GLN B 171 -56.90 17.19 -31.29
C GLN B 171 -55.55 17.68 -31.84
N SER B 172 -54.61 16.75 -31.99
CA SER B 172 -53.30 17.08 -32.50
C SER B 172 -53.31 17.57 -33.94
N ASN B 173 -54.41 17.35 -34.67
CA ASN B 173 -54.53 17.77 -36.06
C ASN B 173 -55.38 19.03 -36.20
N ASN B 174 -55.25 19.96 -35.24
CA ASN B 174 -55.96 21.24 -35.27
C ASN B 174 -57.47 21.07 -35.29
N LYS B 175 -57.96 19.94 -34.77
CA LYS B 175 -59.39 19.66 -34.68
C LYS B 175 -59.75 19.46 -33.21
N TYR B 176 -61.02 19.14 -32.98
CA TYR B 176 -61.53 18.94 -31.62
C TYR B 176 -62.17 17.56 -31.51
N ALA B 177 -62.24 17.07 -30.28
CA ALA B 177 -62.85 15.77 -29.99
C ALA B 177 -63.43 15.78 -28.59
N ALA B 178 -64.36 14.87 -28.35
CA ALA B 178 -65.03 14.75 -27.06
C ALA B 178 -65.72 13.39 -26.99
N SER B 179 -66.34 13.12 -25.86
CA SER B 179 -67.02 11.85 -25.65
C SER B 179 -68.17 12.03 -24.67
N SER B 180 -69.12 11.10 -24.72
CA SER B 180 -70.27 11.11 -23.83
C SER B 180 -70.61 9.68 -23.45
N TYR B 181 -70.84 9.45 -22.16
CA TYR B 181 -71.13 8.13 -21.63
C TYR B 181 -72.50 8.12 -20.99
N LEU B 182 -73.35 7.17 -21.43
CA LEU B 182 -74.67 6.98 -20.85
C LEU B 182 -74.66 5.70 -20.02
N SER B 183 -74.92 5.84 -18.72
CA SER B 183 -74.92 4.72 -17.80
C SER B 183 -76.34 4.20 -17.64
N LEU B 184 -76.55 2.92 -17.93
CA LEU B 184 -77.86 2.31 -17.87
C LEU B 184 -77.75 0.95 -17.19
N THR B 185 -78.80 0.59 -16.46
CA THR B 185 -78.91 -0.69 -15.80
C THR B 185 -79.39 -1.76 -16.79
N PRO B 186 -79.16 -3.05 -16.50
CA PRO B 186 -79.65 -4.09 -17.42
C PRO B 186 -81.16 -4.12 -17.56
N GLU B 187 -81.90 -3.75 -16.52
CA GLU B 187 -83.36 -3.70 -16.63
C GLU B 187 -83.79 -2.64 -17.64
N GLN B 188 -83.12 -1.48 -17.63
CA GLN B 188 -83.39 -0.46 -18.64
C GLN B 188 -82.74 -0.79 -19.98
N TRP B 189 -81.69 -1.62 -19.98
CA TRP B 189 -81.07 -2.04 -21.24
C TRP B 189 -81.97 -3.00 -22.01
N LYS B 190 -82.69 -3.87 -21.29
CA LYS B 190 -83.56 -4.84 -21.96
C LYS B 190 -84.93 -4.26 -22.28
N SER B 191 -85.43 -3.34 -21.45
CA SER B 191 -86.77 -2.80 -21.61
C SER B 191 -86.86 -1.68 -22.65
N HIS B 192 -85.95 -1.66 -23.63
CA HIS B 192 -86.00 -0.68 -24.70
C HIS B 192 -85.61 -1.35 -26.01
N ARG B 193 -85.97 -0.71 -27.12
CA ARG B 193 -85.70 -1.25 -28.44
C ARG B 193 -84.49 -0.63 -29.12
N SER B 194 -84.22 0.65 -28.89
CA SER B 194 -83.09 1.31 -29.54
C SER B 194 -82.68 2.53 -28.71
N TYR B 195 -81.39 2.85 -28.78
CA TYR B 195 -80.82 4.03 -28.13
C TYR B 195 -80.19 4.92 -29.18
N SER B 196 -80.26 6.23 -28.96
CA SER B 196 -79.79 7.20 -29.94
C SER B 196 -78.93 8.25 -29.28
N CYS B 197 -77.73 8.45 -29.82
CA CYS B 197 -76.84 9.56 -29.45
C CYS B 197 -76.93 10.62 -30.54
N GLN B 198 -77.41 11.81 -30.18
CA GLN B 198 -77.61 12.89 -31.14
C GLN B 198 -76.66 14.04 -30.78
N VAL B 199 -75.65 14.26 -31.61
CA VAL B 199 -74.71 15.36 -31.44
C VAL B 199 -75.17 16.48 -32.37
N THR B 200 -75.68 17.56 -31.77
CA THR B 200 -76.17 18.70 -32.53
C THR B 200 -75.01 19.65 -32.81
N HIS B 201 -74.61 19.71 -34.07
CA HIS B 201 -73.55 20.62 -34.50
C HIS B 201 -74.14 21.99 -34.82
N GLU B 202 -73.26 22.99 -34.95
CA GLU B 202 -73.70 24.34 -35.24
C GLU B 202 -74.25 24.49 -36.66
N GLY B 203 -74.01 23.53 -37.54
CA GLY B 203 -74.51 23.59 -38.90
C GLY B 203 -75.05 22.27 -39.40
N SER B 204 -75.17 21.29 -38.51
CA SER B 204 -75.65 19.96 -38.87
C SER B 204 -76.09 19.25 -37.59
N THR B 205 -76.31 17.95 -37.69
CA THR B 205 -76.68 17.11 -36.54
C THR B 205 -76.41 15.68 -36.91
N VAL B 206 -75.60 14.98 -36.12
CA VAL B 206 -75.22 13.60 -36.39
C VAL B 206 -75.86 12.71 -35.34
N GLU B 207 -76.67 11.76 -35.78
CA GLU B 207 -77.36 10.83 -34.91
C GLU B 207 -76.88 9.42 -35.16
N LYS B 208 -76.63 8.68 -34.09
CA LYS B 208 -76.23 7.27 -34.19
C LYS B 208 -77.15 6.44 -33.30
N THR B 209 -77.75 5.41 -33.90
CA THR B 209 -78.74 4.57 -33.23
C THR B 209 -78.23 3.15 -33.13
N VAL B 210 -78.24 2.60 -31.91
CA VAL B 210 -77.91 1.21 -31.66
C VAL B 210 -79.15 0.51 -31.11
N ALA B 211 -79.08 -0.82 -31.05
CA ALA B 211 -80.18 -1.62 -30.57
C ALA B 211 -79.63 -2.71 -29.65
N PRO B 212 -80.25 -2.94 -28.49
CA PRO B 212 -79.80 -4.04 -27.63
C PRO B 212 -79.95 -5.41 -28.27
N THR B 213 -80.97 -5.58 -29.12
CA THR B 213 -81.17 -6.84 -29.81
C THR B 213 -80.14 -7.11 -30.90
N GLU B 214 -79.35 -6.10 -31.27
CA GLU B 214 -78.33 -6.28 -32.31
C GLU B 214 -76.96 -5.88 -31.79
N GLY C 1 -28.97 39.59 -35.31
CA GLY C 1 -29.48 40.65 -36.14
C GLY C 1 -28.46 41.74 -36.43
N ASN C 2 -27.80 41.63 -37.58
CA ASN C 2 -26.82 42.61 -38.04
C ASN C 2 -25.64 42.72 -37.09
N LEU C 3 -24.66 41.82 -37.23
CA LEU C 3 -23.48 41.75 -36.38
C LEU C 3 -22.22 41.83 -37.26
N TRP C 4 -21.06 41.88 -36.59
CA TRP C 4 -19.78 41.89 -37.29
C TRP C 4 -18.77 41.08 -36.49
N VAL C 5 -17.83 40.45 -37.19
CA VAL C 5 -16.82 39.65 -36.53
C VAL C 5 -15.90 40.56 -35.73
N THR C 6 -15.47 40.08 -34.56
CA THR C 6 -14.57 40.82 -33.69
C THR C 6 -13.54 39.86 -33.12
N VAL C 7 -12.31 40.34 -33.02
CA VAL C 7 -11.16 39.54 -32.60
C VAL C 7 -10.91 39.81 -31.12
N TYR C 8 -10.77 38.73 -30.35
CA TYR C 8 -10.40 38.80 -28.94
C TYR C 8 -9.15 37.98 -28.74
N TYR C 9 -8.07 38.64 -28.33
CA TYR C 9 -6.78 37.98 -28.14
C TYR C 9 -6.60 37.67 -26.66
N GLY C 10 -6.59 36.38 -26.33
CA GLY C 10 -6.37 35.96 -24.95
C GLY C 10 -7.61 35.40 -24.29
N VAL C 11 -8.38 34.60 -25.03
CA VAL C 11 -9.61 34.02 -24.50
C VAL C 11 -9.27 32.71 -23.78
N PRO C 12 -9.93 32.40 -22.66
CA PRO C 12 -9.64 31.15 -21.95
C PRO C 12 -10.05 29.92 -22.74
N VAL C 13 -9.22 29.55 -23.71
CA VAL C 13 -9.43 28.36 -24.54
C VAL C 13 -8.13 27.56 -24.59
N TRP C 14 -8.24 26.24 -24.47
CA TRP C 14 -7.09 25.37 -24.55
C TRP C 14 -7.37 24.18 -25.45
N LYS C 15 -6.27 23.53 -25.85
CA LYS C 15 -6.28 22.38 -26.73
C LYS C 15 -5.24 21.39 -26.24
N GLU C 16 -5.57 20.10 -26.29
CA GLU C 16 -4.64 19.07 -25.85
C GLU C 16 -3.47 18.98 -26.83
N ALA C 17 -2.25 19.00 -26.28
CA ALA C 17 -1.04 18.90 -27.09
C ALA C 17 0.09 18.40 -26.20
N LYS C 18 1.18 18.00 -26.84
CA LYS C 18 2.36 17.51 -26.15
C LYS C 18 3.47 18.54 -26.23
N THR C 19 4.26 18.62 -25.15
CA THR C 19 5.40 19.52 -25.10
C THR C 19 6.39 18.97 -24.08
N THR C 20 7.54 19.63 -23.99
CA THR C 20 8.59 19.24 -23.05
C THR C 20 8.59 20.21 -21.87
N LEU C 21 8.29 19.70 -20.69
CA LEU C 21 8.15 20.53 -19.50
C LEU C 21 9.52 20.89 -18.94
N PHE C 22 9.52 21.77 -17.94
CA PHE C 22 10.73 22.18 -17.26
C PHE C 22 10.92 21.31 -16.01
N CYS C 23 11.76 21.75 -15.09
CA CYS C 23 11.97 21.07 -13.82
C CYS C 23 12.50 22.07 -12.81
N ALA C 24 12.26 21.80 -11.54
CA ALA C 24 12.69 22.66 -10.45
C ALA C 24 13.55 21.85 -9.48
N SER C 25 14.73 22.37 -9.16
CA SER C 25 15.66 21.73 -8.25
C SER C 25 15.41 22.12 -6.79
N ASP C 26 14.19 22.53 -6.47
CA ASP C 26 13.81 22.97 -5.11
C ASP C 26 14.71 24.17 -4.75
N ALA C 27 15.23 24.25 -3.52
CA ALA C 27 16.03 25.40 -3.12
C ALA C 27 17.49 25.20 -3.47
N LYS C 28 17.74 24.45 -4.55
CA LYS C 28 19.09 24.20 -5.09
C LYS C 28 19.95 23.39 -4.14
N ALA C 29 19.46 23.16 -2.91
CA ALA C 29 20.17 22.41 -1.89
C ALA C 29 21.54 23.02 -1.59
N HIS C 30 21.51 24.27 -1.12
CA HIS C 30 22.74 24.94 -0.73
C HIS C 30 23.33 24.38 0.55
N LYS C 31 22.51 23.72 1.39
CA LYS C 31 23.01 23.14 2.63
C LYS C 31 23.78 21.86 2.38
N GLU C 32 23.45 21.11 1.32
CA GLU C 32 24.19 19.88 1.02
C GLU C 32 25.56 20.18 0.45
N GLU C 33 25.71 21.31 -0.26
CA GLU C 33 26.98 21.78 -0.82
C GLU C 33 27.46 20.89 -1.96
N VAL C 34 26.98 19.65 -2.03
CA VAL C 34 27.37 18.73 -3.08
C VAL C 34 26.58 19.04 -4.35
N HIS C 35 27.25 18.92 -5.51
CA HIS C 35 26.60 19.16 -6.79
C HIS C 35 26.66 17.91 -7.66
N ASN C 36 26.22 16.78 -7.10
CA ASN C 36 26.17 15.51 -7.82
C ASN C 36 24.80 14.86 -7.64
N ILE C 37 23.76 15.61 -7.95
CA ILE C 37 22.39 15.12 -7.95
C ILE C 37 21.84 15.26 -9.37
N TRP C 38 21.03 14.28 -9.79
CA TRP C 38 20.56 14.25 -11.16
C TRP C 38 19.70 15.48 -11.49
N ALA C 39 18.89 15.93 -10.54
CA ALA C 39 17.99 17.05 -10.81
C ALA C 39 18.70 18.39 -10.73
N THR C 40 19.54 18.58 -9.71
CA THR C 40 20.21 19.86 -9.51
C THR C 40 21.19 20.19 -10.63
N HIS C 41 21.42 19.27 -11.57
CA HIS C 41 22.37 19.54 -12.65
C HIS C 41 21.85 20.59 -13.62
N ALA C 42 20.54 20.64 -13.85
CA ALA C 42 19.97 21.61 -14.78
C ALA C 42 18.47 21.78 -14.60
N CYS C 43 18.07 22.48 -13.53
CA CYS C 43 16.67 22.82 -13.31
C CYS C 43 16.58 24.21 -12.68
N VAL C 44 15.48 24.89 -12.95
CA VAL C 44 15.26 26.26 -12.51
C VAL C 44 15.05 26.29 -10.99
N PRO C 45 15.12 27.46 -10.34
CA PRO C 45 14.84 27.52 -8.90
C PRO C 45 13.42 27.08 -8.55
N THR C 46 13.08 27.13 -7.26
CA THR C 46 11.82 26.57 -6.79
C THR C 46 10.63 27.48 -7.03
N ASP C 47 10.85 28.81 -7.06
CA ASP C 47 9.79 29.80 -7.02
C ASP C 47 8.94 29.52 -5.77
N PRO C 48 9.33 30.05 -4.62
CA PRO C 48 8.73 29.59 -3.35
C PRO C 48 7.23 29.82 -3.24
N ASN C 49 6.65 30.72 -4.03
CA ASN C 49 5.22 30.99 -3.96
C ASN C 49 4.52 30.34 -5.14
N PRO C 50 3.87 29.20 -4.98
CA PRO C 50 3.13 28.59 -6.09
C PRO C 50 1.88 29.38 -6.43
N GLN C 51 1.33 29.10 -7.59
CA GLN C 51 0.12 29.77 -8.07
C GLN C 51 -0.83 28.72 -8.65
N GLU C 52 -1.78 28.29 -7.83
CA GLU C 52 -2.82 27.35 -8.25
C GLU C 52 -4.14 28.11 -8.37
N ILE C 53 -4.80 27.99 -9.52
CA ILE C 53 -6.02 28.73 -9.79
C ILE C 53 -7.14 27.72 -10.08
N VAL C 54 -8.21 27.78 -9.28
CA VAL C 54 -9.38 26.96 -9.55
C VAL C 54 -10.07 27.47 -10.81
N LEU C 55 -10.63 26.55 -11.59
CA LEU C 55 -11.33 26.89 -12.83
C LEU C 55 -12.79 26.50 -12.62
N LYS C 56 -13.59 27.46 -12.17
CA LYS C 56 -15.00 27.19 -11.87
C LYS C 56 -15.72 26.72 -13.12
N ASN C 57 -16.70 25.83 -12.91
CA ASN C 57 -17.59 25.31 -13.95
C ASN C 57 -16.88 24.48 -15.00
N VAL C 58 -15.58 24.20 -14.84
CA VAL C 58 -14.82 23.46 -15.84
C VAL C 58 -14.83 21.99 -15.48
N THR C 59 -15.09 21.14 -16.48
CA THR C 59 -14.98 19.69 -16.36
C THR C 59 -14.14 19.19 -17.52
N GLU C 60 -12.89 18.83 -17.25
CA GLU C 60 -11.94 18.40 -18.28
C GLU C 60 -11.76 16.89 -18.22
N ASN C 61 -11.56 16.29 -19.39
CA ASN C 61 -11.30 14.86 -19.47
C ASN C 61 -9.82 14.57 -19.20
N PHE C 62 -9.57 13.52 -18.43
CA PHE C 62 -8.23 13.09 -18.11
C PHE C 62 -8.08 11.62 -18.44
N ASN C 63 -6.83 11.20 -18.66
CA ASN C 63 -6.51 9.79 -18.89
C ASN C 63 -5.06 9.59 -18.44
N MET C 64 -4.90 9.05 -17.23
CA MET C 64 -3.56 8.85 -16.69
C MET C 64 -2.77 7.84 -17.49
N TRP C 65 -3.44 6.90 -18.15
CA TRP C 65 -2.76 5.87 -18.92
C TRP C 65 -2.32 6.35 -20.30
N LYS C 66 -2.80 7.51 -20.74
CA LYS C 66 -2.35 8.14 -21.98
C LYS C 66 -1.72 9.50 -21.70
N ASN C 67 -1.10 9.64 -20.53
CA ASN C 67 -0.47 10.90 -20.12
C ASN C 67 0.96 10.95 -20.63
N ASP C 68 1.31 12.02 -21.34
CA ASP C 68 2.64 12.16 -21.91
C ASP C 68 3.66 12.67 -20.90
N MET C 69 3.22 13.27 -19.80
CA MET C 69 4.16 13.66 -18.75
C MET C 69 4.87 12.43 -18.19
N VAL C 70 4.15 11.31 -18.09
CA VAL C 70 4.76 10.08 -17.60
C VAL C 70 5.86 9.60 -18.54
N ASP C 71 5.57 9.59 -19.84
CA ASP C 71 6.57 9.15 -20.82
C ASP C 71 7.77 10.09 -20.83
N GLN C 72 7.52 11.40 -20.70
CA GLN C 72 8.61 12.36 -20.64
C GLN C 72 9.49 12.13 -19.41
N MET C 73 8.88 11.86 -18.26
CA MET C 73 9.65 11.62 -17.05
C MET C 73 10.46 10.33 -17.17
N HIS C 74 9.86 9.29 -17.75
CA HIS C 74 10.58 8.03 -17.93
C HIS C 74 11.78 8.20 -18.85
N GLU C 75 11.57 8.90 -19.98
CA GLU C 75 12.68 9.15 -20.90
C GLU C 75 13.76 10.01 -20.26
N ASP C 76 13.35 10.97 -19.42
CA ASP C 76 14.32 11.82 -18.74
C ASP C 76 15.17 10.99 -17.77
N ILE C 77 14.54 10.10 -16.99
CA ILE C 77 15.30 9.27 -16.07
C ILE C 77 16.25 8.34 -16.84
N ILE C 78 15.77 7.77 -17.95
CA ILE C 78 16.62 6.87 -18.75
C ILE C 78 17.83 7.61 -19.28
N SER C 79 17.60 8.76 -19.94
CA SER C 79 18.71 9.54 -20.48
C SER C 79 19.54 10.21 -19.39
N LEU C 80 19.07 10.22 -18.14
CA LEU C 80 19.82 10.78 -17.03
C LEU C 80 20.78 9.76 -16.41
N TRP C 81 20.35 8.50 -16.35
CA TRP C 81 21.25 7.44 -15.87
C TRP C 81 22.55 7.43 -16.67
N ASP C 82 22.45 7.43 -18.00
CA ASP C 82 23.64 7.31 -18.85
C ASP C 82 24.51 8.56 -18.76
N GLN C 83 23.91 9.74 -18.65
CA GLN C 83 24.69 10.95 -18.47
C GLN C 83 25.37 10.99 -17.12
N SER C 84 24.81 10.30 -16.13
CA SER C 84 25.46 10.22 -14.83
C SER C 84 26.56 9.17 -14.81
N LEU C 85 26.46 8.14 -15.65
CA LEU C 85 27.44 7.05 -15.68
C LEU C 85 28.42 7.17 -16.85
N LYS C 86 28.66 8.38 -17.34
CA LYS C 86 29.54 8.54 -18.50
C LYS C 86 30.97 8.91 -18.08
N PRO C 87 31.19 9.95 -17.26
CA PRO C 87 32.58 10.29 -16.90
C PRO C 87 33.08 9.56 -15.68
N CYS C 88 32.48 8.41 -15.38
CA CYS C 88 32.86 7.62 -14.21
C CYS C 88 33.78 6.47 -14.61
N VAL C 89 34.41 5.88 -13.59
CA VAL C 89 35.40 4.82 -13.83
C VAL C 89 34.71 3.57 -14.35
N LYS C 90 35.24 3.00 -15.42
CA LYS C 90 34.74 1.77 -15.99
C LYS C 90 35.55 0.59 -15.47
N LEU C 91 34.89 -0.57 -15.35
CA LEU C 91 35.50 -1.77 -14.81
C LEU C 91 35.75 -2.81 -15.88
N THR C 92 36.01 -2.38 -17.11
CA THR C 92 36.31 -3.32 -18.19
C THR C 92 37.57 -4.15 -17.94
N PRO C 93 38.67 -3.63 -17.36
CA PRO C 93 39.83 -4.49 -17.08
C PRO C 93 39.58 -5.52 -15.99
N LEU C 94 38.58 -5.31 -15.13
CA LEU C 94 38.29 -6.26 -14.07
C LEU C 94 37.65 -7.54 -14.59
N CYS C 95 37.42 -7.67 -15.88
CA CYS C 95 36.91 -8.90 -16.49
C CYS C 95 38.05 -9.90 -16.64
N VAL C 96 38.56 -10.36 -15.49
CA VAL C 96 39.62 -11.35 -15.46
C VAL C 96 39.07 -12.63 -14.85
N THR C 97 39.95 -13.58 -14.52
CA THR C 97 39.56 -14.83 -13.92
C THR C 97 39.61 -14.70 -12.40
N LEU C 98 38.58 -15.21 -11.73
CA LEU C 98 38.44 -15.09 -10.29
C LEU C 98 38.52 -16.47 -9.65
N ASN C 99 39.29 -16.57 -8.55
CA ASN C 99 39.42 -17.85 -7.85
C ASN C 99 38.15 -18.19 -7.11
N CYS C 100 37.74 -17.33 -6.17
CA CYS C 100 36.46 -17.40 -5.47
C CYS C 100 36.32 -18.59 -4.54
N SER C 101 35.56 -18.39 -3.46
CA SER C 101 35.24 -19.42 -2.49
C SER C 101 34.13 -18.88 -1.60
N ASP C 102 33.39 -19.79 -0.98
CA ASP C 102 32.27 -19.39 -0.14
C ASP C 102 32.76 -18.62 1.08
N VAL C 103 31.82 -18.00 1.78
CA VAL C 103 32.15 -17.28 3.01
C VAL C 103 32.68 -18.28 4.03
N LYS C 104 33.46 -17.75 5.00
CA LYS C 104 34.20 -18.61 5.91
C LYS C 104 33.29 -19.56 6.66
N ILE C 105 32.38 -19.03 7.49
CA ILE C 105 31.48 -19.80 8.36
C ILE C 105 32.09 -21.12 8.79
N LYS C 106 33.24 -21.05 9.45
CA LYS C 106 34.05 -22.22 9.79
C LYS C 106 33.26 -23.25 10.59
N GLY C 107 32.78 -24.29 9.91
CA GLY C 107 32.02 -25.34 10.56
C GLY C 107 32.72 -26.69 10.55
N SER C 124 23.41 -18.15 4.47
CA SER C 124 24.01 -16.90 4.00
C SER C 124 25.10 -17.17 2.99
N ASP C 125 25.08 -16.43 1.88
CA ASP C 125 26.01 -16.63 0.78
C ASP C 125 26.66 -15.31 0.40
N MET C 126 27.98 -15.33 0.29
CA MET C 126 28.75 -14.19 -0.21
C MET C 126 30.15 -14.70 -0.51
N LYS C 127 30.57 -14.60 -1.78
CA LYS C 127 31.80 -15.22 -2.22
C LYS C 127 33.01 -14.39 -1.82
N ASN C 128 34.13 -15.10 -1.60
CA ASN C 128 35.41 -14.49 -1.30
C ASN C 128 36.34 -14.81 -2.47
N CYS C 129 36.50 -13.84 -3.37
CA CYS C 129 37.21 -14.07 -4.63
C CYS C 129 38.55 -13.35 -4.63
N SER C 130 39.45 -13.85 -5.47
CA SER C 130 40.75 -13.24 -5.69
C SER C 130 41.05 -13.27 -7.19
N PHE C 131 41.75 -12.23 -7.66
CA PHE C 131 41.97 -12.05 -9.08
C PHE C 131 43.32 -11.39 -9.32
N ASN C 132 43.82 -11.56 -10.54
CA ASN C 132 45.08 -10.96 -11.00
C ASN C 132 44.74 -9.68 -11.73
N THR C 133 44.80 -8.56 -11.03
CA THR C 133 44.51 -7.25 -11.61
C THR C 133 45.80 -6.53 -11.98
N THR C 134 45.66 -5.47 -12.78
CA THR C 134 46.79 -4.63 -13.13
C THR C 134 47.09 -3.66 -12.01
N THR C 135 48.37 -3.48 -11.69
CA THR C 135 48.77 -2.56 -10.63
C THR C 135 48.79 -1.13 -11.14
N GLU C 136 49.46 -0.24 -10.41
CA GLU C 136 49.54 1.16 -10.83
C GLU C 136 50.22 1.30 -12.18
N ILE C 137 51.13 0.39 -12.51
CA ILE C 137 51.76 0.34 -13.82
C ILE C 137 51.19 -0.85 -14.56
N THR C 138 51.32 -0.84 -15.89
CA THR C 138 50.77 -1.92 -16.69
C THR C 138 51.75 -3.05 -16.96
N ASP C 139 53.06 -2.79 -16.83
CA ASP C 139 54.04 -3.86 -17.02
C ASP C 139 53.98 -4.87 -15.87
N LYS C 140 53.89 -4.39 -14.63
CA LYS C 140 53.76 -5.27 -13.49
C LYS C 140 52.31 -5.69 -13.28
N LYS C 141 52.12 -6.68 -12.43
CA LYS C 141 50.80 -7.19 -12.10
C LYS C 141 50.82 -7.77 -10.70
N LYS C 142 49.78 -7.45 -9.92
CA LYS C 142 49.62 -7.97 -8.58
C LYS C 142 48.29 -8.72 -8.49
N LYS C 143 48.02 -9.28 -7.31
CA LYS C 143 46.79 -10.03 -7.07
C LYS C 143 46.03 -9.37 -5.92
N GLU C 144 44.72 -9.20 -6.11
CA GLU C 144 43.86 -8.61 -5.11
C GLU C 144 42.74 -9.59 -4.76
N TYR C 145 41.99 -9.24 -3.72
CA TYR C 145 40.85 -10.05 -3.30
C TYR C 145 39.72 -9.15 -2.86
N ALA C 146 38.49 -9.63 -3.04
CA ALA C 146 37.30 -8.89 -2.69
C ALA C 146 36.12 -9.85 -2.54
N LEU C 147 35.07 -9.36 -1.90
CA LEU C 147 33.84 -10.12 -1.69
C LEU C 147 32.80 -9.65 -2.70
N PHE C 148 32.37 -10.56 -3.58
CA PHE C 148 31.49 -10.20 -4.70
C PHE C 148 30.10 -10.82 -4.58
N TYR C 149 29.55 -10.82 -3.37
CA TYR C 149 28.19 -11.29 -3.11
C TYR C 149 27.89 -12.64 -3.76
N LYS C 150 26.97 -12.65 -4.72
CA LYS C 150 26.62 -13.89 -5.41
C LYS C 150 26.50 -13.73 -6.93
N LEU C 151 26.79 -12.55 -7.47
CA LEU C 151 26.54 -12.25 -8.89
C LEU C 151 27.72 -12.69 -9.76
N ASP C 152 28.00 -13.98 -9.75
CA ASP C 152 29.12 -14.55 -10.49
C ASP C 152 28.70 -15.79 -11.25
N VAL C 153 29.23 -15.91 -12.47
CA VAL C 153 28.94 -17.04 -13.35
C VAL C 153 30.04 -18.08 -13.19
N VAL C 154 29.65 -19.36 -13.27
CA VAL C 154 30.52 -20.48 -12.95
C VAL C 154 31.58 -20.68 -14.02
N ALA C 155 31.48 -19.93 -15.12
CA ALA C 155 32.37 -20.05 -16.27
C ALA C 155 32.33 -21.47 -16.83
N LEU C 156 32.93 -22.42 -16.13
CA LEU C 156 32.92 -23.82 -16.53
C LEU C 156 32.68 -24.67 -15.29
N ASP C 157 31.50 -25.29 -15.21
CA ASP C 157 31.17 -26.14 -14.07
C ASP C 157 31.03 -27.60 -14.48
N SER C 166 37.19 -24.01 -3.90
CA SER C 166 37.83 -23.18 -4.91
C SER C 166 37.44 -23.62 -6.33
N SER C 167 36.66 -22.78 -7.00
CA SER C 167 36.23 -23.04 -8.37
C SER C 167 36.23 -21.74 -9.14
N GLU C 168 36.81 -21.76 -10.34
CA GLU C 168 36.98 -20.55 -11.13
C GLU C 168 35.63 -19.92 -11.47
N TYR C 169 35.47 -18.65 -11.12
CA TYR C 169 34.28 -17.87 -11.44
C TYR C 169 34.65 -16.71 -12.35
N ARG C 170 33.62 -16.00 -12.79
CA ARG C 170 33.76 -14.88 -13.71
C ARG C 170 32.74 -13.81 -13.36
N LEU C 171 33.11 -12.55 -13.58
CA LEU C 171 32.17 -11.46 -13.37
C LEU C 171 30.99 -11.59 -14.32
N ILE C 172 29.80 -11.28 -13.81
CA ILE C 172 28.57 -11.63 -14.52
C ILE C 172 28.39 -10.79 -15.79
N ASN C 173 28.91 -9.56 -15.81
CA ASN C 173 28.66 -8.65 -16.92
C ASN C 173 29.66 -8.79 -18.05
N CYS C 174 30.67 -9.66 -17.92
CA CYS C 174 31.62 -9.91 -19.00
C CYS C 174 31.04 -10.81 -20.08
N ASN C 175 29.76 -11.14 -19.98
CA ASN C 175 29.02 -11.92 -20.96
C ASN C 175 28.39 -11.00 -22.00
N THR C 176 27.49 -10.12 -21.56
CA THR C 176 26.80 -9.18 -22.42
C THR C 176 27.00 -7.77 -21.86
N SER C 177 26.99 -6.79 -22.76
CA SER C 177 27.20 -5.38 -22.41
C SER C 177 28.56 -5.19 -21.76
N ALA C 178 28.78 -4.03 -21.18
CA ALA C 178 30.01 -3.72 -20.46
C ALA C 178 29.66 -3.28 -19.04
N VAL C 179 30.68 -2.85 -18.29
CA VAL C 179 30.52 -2.46 -16.90
C VAL C 179 31.17 -1.12 -16.68
N THR C 180 30.49 -0.24 -15.96
CA THR C 180 31.06 1.03 -15.52
C THR C 180 30.64 1.27 -14.07
N GLN C 181 31.60 1.67 -13.25
CA GLN C 181 31.35 1.88 -11.84
C GLN C 181 30.69 3.23 -11.61
N ALA C 182 29.70 3.25 -10.71
CA ALA C 182 29.05 4.51 -10.36
C ALA C 182 30.02 5.41 -9.61
N CYS C 183 30.05 6.67 -9.98
CA CYS C 183 30.87 7.66 -9.31
C CYS C 183 30.55 7.69 -7.83
N PRO C 184 31.52 7.47 -6.94
CA PRO C 184 31.21 7.46 -5.50
C PRO C 184 30.78 8.81 -4.96
N LYS C 185 31.08 9.90 -5.66
CA LYS C 185 30.67 11.23 -5.21
C LYS C 185 29.20 11.54 -5.53
N VAL C 186 28.52 10.67 -6.27
CA VAL C 186 27.11 10.86 -6.61
C VAL C 186 26.27 10.00 -5.68
N SER C 187 25.23 10.61 -5.10
CA SER C 187 24.33 9.92 -4.19
C SER C 187 23.02 9.57 -4.90
N PHE C 188 22.43 8.45 -4.49
CA PHE C 188 21.17 7.96 -5.07
C PHE C 188 19.96 8.40 -4.25
N ASP C 189 20.07 9.50 -3.51
CA ASP C 189 18.96 9.99 -2.71
C ASP C 189 17.99 10.75 -3.61
N PRO C 190 16.70 10.38 -3.61
CA PRO C 190 15.74 11.07 -4.48
C PRO C 190 15.43 12.47 -3.95
N ILE C 191 15.60 13.46 -4.82
CA ILE C 191 15.35 14.86 -4.48
C ILE C 191 13.95 15.21 -5.00
N PRO C 192 13.18 16.05 -4.30
CA PRO C 192 11.88 16.49 -4.84
C PRO C 192 12.03 17.21 -6.17
N ILE C 193 11.42 16.64 -7.20
CA ILE C 193 11.41 17.21 -8.55
C ILE C 193 9.97 17.42 -8.96
N HIS C 194 9.65 18.62 -9.45
CA HIS C 194 8.33 18.89 -10.01
C HIS C 194 8.46 19.56 -11.35
N TYR C 195 7.67 19.09 -12.32
CA TYR C 195 7.73 19.59 -13.68
C TYR C 195 6.92 20.87 -13.83
N CYS C 196 7.50 21.84 -14.52
CA CYS C 196 6.85 23.12 -14.79
C CYS C 196 6.47 23.21 -16.27
N ALA C 197 5.35 23.88 -16.53
CA ALA C 197 4.81 24.05 -17.87
C ALA C 197 5.42 25.25 -18.57
N PRO C 198 5.75 25.13 -19.85
CA PRO C 198 6.37 26.24 -20.58
C PRO C 198 5.34 27.32 -20.92
N ALA C 199 5.85 28.42 -21.47
CA ALA C 199 5.00 29.52 -21.90
C ALA C 199 4.05 29.06 -23.00
N GLY C 200 2.83 29.59 -22.98
CA GLY C 200 1.81 29.16 -23.90
C GLY C 200 1.13 27.85 -23.54
N TYR C 201 1.53 27.22 -22.44
CA TYR C 201 0.94 25.99 -21.97
C TYR C 201 0.56 26.14 -20.51
N ALA C 202 -0.18 25.14 -20.00
CA ALA C 202 -0.58 25.12 -18.60
C ALA C 202 -0.87 23.69 -18.21
N ILE C 203 -0.79 23.42 -16.90
CA ILE C 203 -1.05 22.08 -16.36
C ILE C 203 -2.40 22.11 -15.65
N LEU C 204 -3.34 21.33 -16.15
CA LEU C 204 -4.64 21.15 -15.50
C LEU C 204 -4.54 19.97 -14.53
N LYS C 205 -5.06 20.18 -13.32
CA LYS C 205 -4.91 19.25 -12.20
C LYS C 205 -6.27 18.87 -11.67
N CYS C 206 -6.51 17.57 -11.50
CA CYS C 206 -7.77 17.09 -10.95
C CYS C 206 -7.70 17.15 -9.43
N ASN C 207 -8.62 17.89 -8.82
CA ASN C 207 -8.70 18.00 -7.37
C ASN C 207 -9.72 17.06 -6.75
N ASN C 208 -10.44 16.29 -7.58
CA ASN C 208 -11.33 15.26 -7.05
C ASN C 208 -10.51 14.21 -6.32
N LYS C 209 -10.86 13.97 -5.06
CA LYS C 209 -10.08 13.05 -4.23
C LYS C 209 -10.20 11.61 -4.73
N THR C 210 -11.42 11.08 -4.74
CA THR C 210 -11.65 9.69 -5.15
C THR C 210 -11.97 9.68 -6.65
N PHE C 211 -10.91 9.65 -7.45
CA PHE C 211 -11.04 9.81 -8.90
C PHE C 211 -10.74 8.49 -9.61
N ASN C 212 -11.50 8.24 -10.68
CA ASN C 212 -11.27 7.11 -11.58
C ASN C 212 -9.81 7.00 -11.97
N GLY C 213 -9.26 8.06 -12.54
CA GLY C 213 -7.99 8.02 -13.22
C GLY C 213 -8.18 8.40 -14.68
N THR C 214 -9.30 7.94 -15.25
CA THR C 214 -9.70 8.31 -16.60
C THR C 214 -11.17 8.76 -16.55
N GLY C 215 -11.45 9.88 -17.20
CA GLY C 215 -12.80 10.40 -17.23
C GLY C 215 -12.85 11.89 -16.99
N PRO C 216 -14.05 12.45 -16.87
CA PRO C 216 -14.19 13.90 -16.63
C PRO C 216 -14.05 14.23 -15.15
N CYS C 217 -13.04 15.05 -14.84
CA CYS C 217 -12.86 15.55 -13.49
C CYS C 217 -13.83 16.70 -13.23
N ASN C 218 -14.56 16.63 -12.12
CA ASN C 218 -15.67 17.56 -11.91
C ASN C 218 -15.19 18.96 -11.58
N ASN C 219 -14.01 19.12 -10.99
CA ASN C 219 -13.45 20.44 -10.75
C ASN C 219 -11.94 20.42 -10.94
N VAL C 220 -11.42 21.43 -11.63
CA VAL C 220 -10.08 21.41 -12.18
C VAL C 220 -9.31 22.66 -11.74
N SER C 221 -8.07 22.48 -11.34
CA SER C 221 -7.15 23.59 -11.09
C SER C 221 -6.20 23.74 -12.28
N THR C 222 -5.54 24.89 -12.32
CA THR C 222 -4.46 25.11 -13.27
C THR C 222 -3.24 25.61 -12.52
N VAL C 223 -2.07 25.13 -12.97
CA VAL C 223 -0.79 25.43 -12.35
C VAL C 223 0.27 25.51 -13.44
N GLN C 224 1.45 25.99 -13.06
CA GLN C 224 2.65 25.93 -13.87
C GLN C 224 3.51 24.73 -13.51
N CYS C 225 3.82 24.55 -12.22
CA CYS C 225 4.61 23.44 -11.74
C CYS C 225 3.74 22.51 -10.90
N THR C 226 4.08 21.22 -10.94
CA THR C 226 3.35 20.21 -10.18
C THR C 226 3.89 20.17 -8.75
N HIS C 227 3.53 19.14 -8.00
CA HIS C 227 4.01 19.00 -6.64
C HIS C 227 5.34 18.26 -6.61
N GLY C 228 6.10 18.49 -5.54
CA GLY C 228 7.41 17.88 -5.36
C GLY C 228 7.38 16.37 -5.43
N ILE C 229 7.74 15.82 -6.58
CA ILE C 229 7.71 14.38 -6.82
C ILE C 229 9.13 13.84 -6.69
N LYS C 230 9.28 12.79 -5.88
CA LYS C 230 10.57 12.15 -5.68
C LYS C 230 10.71 10.97 -6.63
N PRO C 231 11.72 10.92 -7.49
CA PRO C 231 11.87 9.77 -8.40
C PRO C 231 12.36 8.53 -7.68
N VAL C 232 11.44 7.78 -7.08
CA VAL C 232 11.78 6.58 -6.33
C VAL C 232 11.46 5.39 -7.24
N VAL C 233 12.50 4.77 -7.78
CA VAL C 233 12.34 3.59 -8.61
C VAL C 233 12.22 2.37 -7.70
N SER C 234 11.21 1.55 -7.95
CA SER C 234 10.94 0.37 -7.13
C SER C 234 9.98 -0.53 -7.90
N THR C 235 9.67 -1.68 -7.31
CA THR C 235 8.72 -2.63 -7.86
C THR C 235 7.81 -3.15 -6.76
N GLN C 236 6.59 -3.52 -7.15
CA GLN C 236 5.60 -4.11 -6.26
C GLN C 236 5.13 -3.12 -5.18
N LEU C 237 6.06 -2.55 -4.42
CA LEU C 237 5.73 -1.63 -3.33
C LEU C 237 6.21 -0.23 -3.70
N LEU C 238 5.27 0.70 -3.80
CA LEU C 238 5.60 2.09 -4.07
C LEU C 238 5.98 2.80 -2.78
N LEU C 239 7.11 3.49 -2.79
CA LEU C 239 7.71 4.07 -1.60
C LEU C 239 7.75 5.59 -1.70
N ASN C 240 7.50 6.26 -0.57
CA ASN C 240 7.62 7.71 -0.47
C ASN C 240 6.73 8.43 -1.47
N GLY C 241 5.55 7.87 -1.74
CA GLY C 241 4.62 8.44 -2.66
C GLY C 241 3.66 9.42 -2.00
N SER C 242 2.57 9.71 -2.70
CA SER C 242 1.53 10.61 -2.22
C SER C 242 0.31 9.80 -1.82
N LEU C 243 -0.09 9.93 -0.56
CA LEU C 243 -1.24 9.19 -0.04
C LEU C 243 -2.54 9.85 -0.47
N ALA C 244 -3.45 9.06 -1.03
CA ALA C 244 -4.81 9.53 -1.26
C ALA C 244 -5.46 9.87 0.08
N GLU C 245 -6.10 11.03 0.15
CA GLU C 245 -6.54 11.57 1.43
C GLU C 245 -7.94 11.11 1.83
N GLU C 246 -8.62 10.33 0.99
CA GLU C 246 -9.94 9.80 1.32
C GLU C 246 -9.97 8.35 0.90
N GLU C 247 -9.81 7.45 1.88
CA GLU C 247 -9.79 6.00 1.64
C GLU C 247 -8.69 5.61 0.66
N VAL C 248 -8.77 4.39 0.14
CA VAL C 248 -7.81 3.90 -0.83
C VAL C 248 -8.44 3.93 -2.21
N VAL C 249 -7.60 4.01 -3.24
CA VAL C 249 -8.06 4.09 -4.62
C VAL C 249 -7.42 2.96 -5.42
N ILE C 250 -8.23 2.28 -6.23
CA ILE C 250 -7.75 1.19 -7.08
C ILE C 250 -7.99 1.64 -8.52
N ARG C 251 -6.92 2.02 -9.21
CA ARG C 251 -7.01 2.55 -10.56
C ARG C 251 -6.55 1.50 -11.57
N PHE C 252 -7.41 1.21 -12.54
CA PHE C 252 -7.15 0.23 -13.58
C PHE C 252 -6.92 0.93 -14.91
N GLU C 253 -6.23 0.24 -15.81
CA GLU C 253 -6.19 0.65 -17.21
C GLU C 253 -7.24 -0.06 -18.05
N ASN C 254 -7.68 -1.23 -17.59
CA ASN C 254 -8.71 -2.03 -18.26
C ASN C 254 -9.12 -3.17 -17.35
N LEU C 255 -10.20 -3.00 -16.59
CA LEU C 255 -10.58 -3.99 -15.59
C LEU C 255 -10.93 -5.33 -16.21
N THR C 256 -11.27 -5.37 -17.50
CA THR C 256 -11.55 -6.64 -18.17
C THR C 256 -10.27 -7.30 -18.66
N ASN C 257 -9.36 -6.52 -19.23
CA ASN C 257 -8.10 -7.06 -19.73
C ASN C 257 -7.18 -7.40 -18.56
N ASN C 258 -6.78 -8.68 -18.49
CA ASN C 258 -5.96 -9.15 -17.38
C ASN C 258 -4.50 -8.69 -17.47
N ALA C 259 -4.01 -8.38 -18.67
CA ALA C 259 -2.62 -8.03 -18.89
C ALA C 259 -2.35 -6.53 -18.71
N LYS C 260 -3.09 -5.86 -17.83
CA LYS C 260 -2.90 -4.44 -17.58
C LYS C 260 -2.57 -4.19 -16.12
N ILE C 261 -1.83 -3.11 -15.89
CA ILE C 261 -1.38 -2.78 -14.54
C ILE C 261 -2.55 -2.28 -13.71
N ILE C 262 -2.50 -2.54 -12.40
CA ILE C 262 -3.50 -2.09 -11.45
C ILE C 262 -2.75 -1.33 -10.36
N ILE C 263 -2.92 -0.02 -10.32
CA ILE C 263 -2.23 0.82 -9.35
C ILE C 263 -3.13 1.01 -8.14
N VAL C 264 -2.53 1.02 -6.95
CA VAL C 264 -3.28 1.12 -5.70
C VAL C 264 -2.67 2.23 -4.86
N HIS C 265 -3.46 3.27 -4.59
CA HIS C 265 -3.09 4.34 -3.67
C HIS C 265 -3.67 4.02 -2.30
N LEU C 266 -2.80 3.92 -1.29
CA LEU C 266 -3.24 3.63 0.06
C LEU C 266 -3.75 4.89 0.75
N ASN C 267 -4.49 4.69 1.84
CA ASN C 267 -4.92 5.82 2.65
C ASN C 267 -3.83 6.21 3.65
N GLU C 268 -3.39 5.24 4.46
CA GLU C 268 -2.33 5.45 5.44
C GLU C 268 -1.04 4.82 4.95
N SER C 269 0.08 5.39 5.40
CA SER C 269 1.39 4.89 5.01
C SER C 269 1.78 3.68 5.87
N VAL C 270 2.38 2.68 5.22
CA VAL C 270 2.82 1.47 5.90
C VAL C 270 4.32 1.57 6.11
N GLU C 271 4.75 1.59 7.38
CA GLU C 271 6.17 1.68 7.68
C GLU C 271 6.91 0.46 7.15
N ILE C 272 8.10 0.68 6.59
CA ILE C 272 8.96 -0.40 6.13
C ILE C 272 10.40 -0.01 6.41
N ASN C 273 11.07 -0.78 7.27
CA ASN C 273 12.42 -0.46 7.72
C ASN C 273 13.36 -1.57 7.28
N CYS C 274 14.31 -1.23 6.41
CA CYS C 274 15.23 -2.22 5.85
C CYS C 274 16.63 -1.98 6.38
N THR C 275 17.37 -3.07 6.59
CA THR C 275 18.70 -3.00 7.16
C THR C 275 19.61 -4.04 6.54
N ARG C 276 20.88 -3.65 6.43
CA ARG C 276 22.00 -4.55 6.16
C ARG C 276 22.95 -4.43 7.35
N PRO C 277 22.87 -5.33 8.33
CA PRO C 277 23.64 -5.15 9.56
C PRO C 277 25.10 -5.56 9.44
N SER C 278 25.44 -6.42 8.49
CA SER C 278 26.79 -6.93 8.34
C SER C 278 27.81 -5.80 8.19
N ASN C 279 28.56 -5.53 9.27
CA ASN C 279 29.60 -4.50 9.23
C ASN C 279 30.64 -4.85 8.18
N ASN C 280 30.53 -4.23 7.00
CA ASN C 280 31.47 -4.44 5.92
C ASN C 280 32.50 -3.33 5.90
N THR C 281 33.23 -3.22 4.80
CA THR C 281 34.18 -2.14 4.59
C THR C 281 34.52 -2.09 3.11
N ARG C 282 35.24 -1.05 2.72
CA ARG C 282 35.59 -0.83 1.31
C ARG C 282 37.09 -0.86 1.13
N LYS C 283 37.52 -1.50 0.04
CA LYS C 283 38.91 -1.52 -0.40
C LYS C 283 39.03 -0.75 -1.70
N SER C 284 39.97 0.20 -1.75
CA SER C 284 40.23 1.00 -2.94
C SER C 284 41.46 0.42 -3.62
N VAL C 285 41.24 -0.43 -4.61
CA VAL C 285 42.33 -1.08 -5.33
C VAL C 285 42.68 -0.25 -6.56
N ARG C 286 43.96 -0.15 -6.86
CA ARG C 286 44.44 0.67 -7.96
C ARG C 286 44.46 -0.15 -9.24
N ILE C 287 43.70 0.29 -10.25
CA ILE C 287 43.65 -0.37 -11.55
C ILE C 287 43.80 0.67 -12.65
N GLY C 288 45.04 0.87 -13.12
CA GLY C 288 45.28 1.81 -14.19
C GLY C 288 46.11 3.00 -13.74
N PRO C 289 46.04 4.11 -14.48
CA PRO C 289 46.85 5.29 -14.14
C PRO C 289 46.32 6.06 -12.94
N GLY C 290 45.04 6.41 -12.94
CA GLY C 290 44.51 7.24 -11.87
C GLY C 290 43.08 6.95 -11.46
N GLN C 291 42.58 5.76 -11.78
CA GLN C 291 41.24 5.36 -11.39
C GLN C 291 41.32 4.19 -10.41
N THR C 292 40.65 4.34 -9.27
CA THR C 292 40.63 3.33 -8.22
C THR C 292 39.26 2.69 -8.15
N PHE C 293 39.23 1.36 -8.07
CA PHE C 293 38.00 0.59 -7.99
C PHE C 293 37.69 0.26 -6.54
N PHE C 294 36.46 0.54 -6.12
CA PHE C 294 36.02 0.28 -4.75
C PHE C 294 35.31 -1.06 -4.70
N ALA C 295 35.77 -1.93 -3.80
CA ALA C 295 35.22 -3.27 -3.67
C ALA C 295 34.88 -3.54 -2.21
N THR C 296 34.07 -4.57 -2.00
CA THR C 296 33.65 -4.97 -0.65
C THR C 296 34.78 -5.74 -0.01
N GLY C 297 35.47 -5.11 0.92
CA GLY C 297 36.53 -5.78 1.66
C GLY C 297 35.98 -6.81 2.62
N ASP C 298 36.87 -7.35 3.44
CA ASP C 298 36.51 -8.41 4.36
C ASP C 298 35.49 -7.92 5.38
N ILE C 299 34.57 -8.82 5.75
CA ILE C 299 33.55 -8.51 6.75
C ILE C 299 34.18 -8.54 8.13
N ILE C 300 33.75 -7.63 9.00
CA ILE C 300 34.30 -7.48 10.35
C ILE C 300 33.13 -7.56 11.32
N GLY C 301 32.90 -8.72 11.90
CA GLY C 301 31.82 -8.96 12.83
C GLY C 301 30.89 -10.04 12.33
N ASP C 302 29.77 -10.20 13.03
CA ASP C 302 28.76 -11.18 12.63
C ASP C 302 28.30 -10.93 11.20
N ILE C 303 27.90 -11.99 10.52
CA ILE C 303 27.40 -11.91 9.16
C ILE C 303 25.93 -12.28 9.14
N ARG C 304 25.15 -11.55 8.35
CA ARG C 304 23.72 -11.76 8.22
C ARG C 304 23.22 -11.01 6.99
N GLN C 305 22.23 -11.60 6.32
CA GLN C 305 21.70 -11.08 5.07
C GLN C 305 20.88 -9.80 5.32
N ALA C 306 20.43 -9.18 4.23
CA ALA C 306 19.61 -7.99 4.38
C ALA C 306 18.19 -8.38 4.76
N HIS C 307 17.50 -7.47 5.44
CA HIS C 307 16.12 -7.81 5.81
C HIS C 307 15.29 -6.55 5.98
N CYS C 308 14.00 -6.68 5.65
CA CYS C 308 13.05 -5.59 5.80
C CYS C 308 11.94 -5.98 6.76
N ASN C 309 11.59 -5.05 7.65
CA ASN C 309 10.52 -5.25 8.62
C ASN C 309 9.33 -4.37 8.26
N ILE C 310 8.14 -4.98 8.27
CA ILE C 310 6.87 -4.32 7.99
C ILE C 310 5.88 -4.75 9.08
N SER C 311 5.43 -3.79 9.88
CA SER C 311 4.55 -4.10 11.01
C SER C 311 3.36 -4.95 10.57
N ARG C 312 3.12 -6.04 11.30
CA ARG C 312 2.12 -7.01 10.88
C ARG C 312 0.71 -6.48 11.03
N LYS C 313 0.45 -5.74 12.12
CA LYS C 313 -0.89 -5.20 12.34
C LYS C 313 -1.27 -4.22 11.23
N LYS C 314 -0.38 -3.27 10.94
CA LYS C 314 -0.67 -2.27 9.91
C LYS C 314 -0.82 -2.91 8.54
N TRP C 315 0.04 -3.88 8.21
CA TRP C 315 -0.07 -4.51 6.89
C TRP C 315 -1.31 -5.37 6.79
N ASN C 316 -1.73 -6.01 7.88
CA ASN C 316 -2.97 -6.79 7.85
C ASN C 316 -4.18 -5.88 7.66
N THR C 317 -4.20 -4.75 8.37
CA THR C 317 -5.27 -3.78 8.17
C THR C 317 -5.27 -3.24 6.74
N THR C 318 -4.09 -2.95 6.19
CA THR C 318 -4.00 -2.49 4.82
C THR C 318 -4.51 -3.54 3.84
N LEU C 319 -4.16 -4.80 4.08
CA LEU C 319 -4.62 -5.89 3.22
C LEU C 319 -6.14 -6.00 3.24
N GLN C 320 -6.74 -5.95 4.43
CA GLN C 320 -8.19 -6.07 4.51
C GLN C 320 -8.89 -4.86 3.90
N ARG C 321 -8.30 -3.67 4.03
CA ARG C 321 -8.90 -2.48 3.42
C ARG C 321 -8.83 -2.55 1.89
N VAL C 322 -7.66 -2.90 1.34
CA VAL C 322 -7.55 -3.04 -0.10
C VAL C 322 -8.45 -4.16 -0.61
N LYS C 323 -8.64 -5.21 0.19
CA LYS C 323 -9.55 -6.28 -0.21
C LYS C 323 -10.99 -5.79 -0.28
N GLU C 324 -11.45 -5.10 0.76
CA GLU C 324 -12.81 -4.58 0.74
C GLU C 324 -13.02 -3.61 -0.40
N LYS C 325 -11.98 -2.81 -0.73
CA LYS C 325 -12.11 -1.89 -1.84
C LYS C 325 -12.09 -2.60 -3.19
N LEU C 326 -11.42 -3.75 -3.27
CA LEU C 326 -11.40 -4.52 -4.52
C LEU C 326 -12.71 -5.24 -4.75
N LYS C 327 -13.55 -5.40 -3.73
CA LYS C 327 -14.85 -6.03 -3.89
C LYS C 327 -15.86 -5.13 -4.58
N GLU C 328 -15.49 -3.90 -4.91
CA GLU C 328 -16.40 -3.00 -5.61
C GLU C 328 -16.44 -3.31 -7.11
N LYS C 329 -15.27 -3.57 -7.71
CA LYS C 329 -15.23 -3.91 -9.12
C LYS C 329 -15.76 -5.30 -9.42
N PHE C 330 -15.96 -6.13 -8.39
CA PHE C 330 -16.44 -7.49 -8.55
C PHE C 330 -17.47 -7.80 -7.47
N PRO C 331 -18.76 -7.87 -7.81
CA PRO C 331 -19.80 -7.94 -6.77
C PRO C 331 -19.83 -9.26 -6.02
N ASN C 332 -20.02 -10.37 -6.74
CA ASN C 332 -20.24 -11.67 -6.13
C ASN C 332 -19.03 -12.60 -6.30
N LYS C 333 -17.85 -12.05 -6.56
CA LYS C 333 -16.65 -12.84 -6.78
C LYS C 333 -15.69 -12.63 -5.60
N THR C 334 -15.29 -13.74 -4.98
CA THR C 334 -14.27 -13.67 -3.95
C THR C 334 -12.92 -13.32 -4.58
N ILE C 335 -12.07 -12.65 -3.80
CA ILE C 335 -10.79 -12.16 -4.28
C ILE C 335 -9.68 -12.70 -3.39
N GLN C 336 -8.64 -13.24 -4.00
CA GLN C 336 -7.48 -13.78 -3.32
C GLN C 336 -6.24 -13.25 -4.00
N PHE C 337 -5.09 -13.38 -3.34
CA PHE C 337 -3.84 -12.97 -3.93
C PHE C 337 -2.73 -13.90 -3.47
N ALA C 338 -1.81 -14.21 -4.37
CA ALA C 338 -0.68 -15.08 -4.11
C ALA C 338 0.60 -14.33 -4.45
N PRO C 339 1.79 -14.81 -4.03
CA PRO C 339 3.03 -14.15 -4.41
C PRO C 339 3.26 -14.10 -5.92
N SER C 340 4.38 -13.52 -6.33
CA SER C 340 4.65 -13.31 -7.75
C SER C 340 4.78 -14.65 -8.48
N SER C 341 4.82 -14.58 -9.82
CA SER C 341 4.84 -15.79 -10.63
C SER C 341 6.11 -16.59 -10.41
N GLY C 342 7.26 -15.95 -10.53
CA GLY C 342 8.54 -16.61 -10.38
C GLY C 342 9.40 -16.45 -11.61
N GLY C 343 10.56 -17.12 -11.58
CA GLY C 343 11.48 -17.08 -12.69
C GLY C 343 12.46 -15.91 -12.61
N ASP C 344 12.21 -14.87 -13.40
CA ASP C 344 13.07 -13.70 -13.39
C ASP C 344 13.01 -13.01 -12.04
N LEU C 345 14.16 -12.82 -11.40
CA LEU C 345 14.20 -12.31 -10.04
C LEU C 345 13.88 -10.82 -9.98
N GLU C 346 14.20 -10.08 -11.03
CA GLU C 346 13.98 -8.63 -11.00
C GLU C 346 12.48 -8.29 -10.95
N ILE C 347 11.63 -9.10 -11.58
CA ILE C 347 10.21 -8.82 -11.60
C ILE C 347 9.52 -9.33 -10.34
N THR C 348 10.03 -10.43 -9.76
CA THR C 348 9.38 -11.08 -8.63
C THR C 348 9.95 -10.66 -7.29
N THR C 349 10.60 -9.50 -7.23
CA THR C 349 11.19 -9.01 -5.99
C THR C 349 10.87 -7.53 -5.80
N HIS C 350 10.76 -7.13 -4.54
CA HIS C 350 10.59 -5.72 -4.17
C HIS C 350 11.95 -5.03 -4.24
N SER C 351 12.38 -4.80 -5.48
CA SER C 351 13.69 -4.18 -5.70
C SER C 351 13.61 -2.69 -5.44
N PHE C 352 14.64 -2.16 -4.78
CA PHE C 352 14.73 -0.73 -4.50
C PHE C 352 16.17 -0.41 -4.13
N ASN C 353 16.41 0.85 -3.74
CA ASN C 353 17.72 1.31 -3.35
C ASN C 353 17.69 1.73 -1.88
N CYS C 354 18.84 1.58 -1.21
CA CYS C 354 18.92 1.87 0.22
C CYS C 354 20.34 2.34 0.51
N ARG C 355 20.54 3.66 0.45
CA ARG C 355 21.82 4.32 0.73
C ARG C 355 22.93 3.87 -0.22
N GLY C 356 22.58 3.24 -1.33
CA GLY C 356 23.58 2.83 -2.31
C GLY C 356 23.46 1.37 -2.73
N GLU C 357 23.21 0.48 -1.78
CA GLU C 357 23.07 -0.93 -2.07
C GLU C 357 21.67 -1.23 -2.59
N PHE C 358 21.60 -2.05 -3.64
CA PHE C 358 20.33 -2.33 -4.32
C PHE C 358 19.70 -3.58 -3.72
N PHE C 359 18.91 -3.39 -2.66
CA PHE C 359 18.26 -4.49 -1.98
C PHE C 359 17.17 -5.08 -2.88
N TYR C 360 17.23 -6.40 -3.09
CA TYR C 360 16.16 -7.13 -3.75
C TYR C 360 15.56 -8.08 -2.71
N CYS C 361 14.35 -7.78 -2.25
CA CYS C 361 13.73 -8.57 -1.20
C CYS C 361 12.67 -9.50 -1.79
N TYR C 362 12.35 -10.53 -1.02
CA TYR C 362 11.29 -11.46 -1.37
C TYR C 362 10.00 -11.04 -0.68
N THR C 363 8.90 -11.06 -1.43
CA THR C 363 7.59 -10.64 -0.94
C THR C 363 6.58 -11.78 -1.02
N SER C 364 7.01 -12.99 -0.68
CA SER C 364 6.10 -14.13 -0.67
C SER C 364 5.24 -14.14 0.59
N ASP C 365 5.82 -13.79 1.74
CA ASP C 365 5.08 -13.84 2.99
C ASP C 365 4.06 -12.72 3.12
N LEU C 366 4.17 -11.66 2.31
CA LEU C 366 3.20 -10.57 2.37
C LEU C 366 1.87 -10.97 1.77
N PHE C 367 1.89 -11.64 0.62
CA PHE C 367 0.68 -12.04 -0.08
C PHE C 367 0.32 -13.50 0.17
N ASN C 368 0.98 -14.14 1.12
CA ASN C 368 0.59 -15.49 1.57
C ASN C 368 -0.08 -15.36 2.94
N SER C 369 -1.29 -14.80 2.91
CA SER C 369 -2.07 -14.50 4.09
C SER C 369 -3.28 -15.43 4.14
N THR C 370 -4.37 -14.98 4.77
CA THR C 370 -5.56 -15.79 5.00
C THR C 370 -5.21 -17.04 5.80
N TYR C 371 -4.37 -17.90 5.23
CA TYR C 371 -3.81 -19.04 5.93
C TYR C 371 -2.49 -18.69 6.62
N MET C 372 -2.42 -17.54 7.28
CA MET C 372 -1.19 -17.04 7.88
C MET C 372 -1.50 -16.44 9.24
N SER C 373 -1.12 -17.15 10.30
CA SER C 373 -1.27 -16.66 11.66
C SER C 373 -0.34 -17.44 12.59
N ASN C 374 0.83 -17.81 12.07
CA ASN C 374 1.78 -18.63 12.82
C ASN C 374 2.37 -17.86 13.99
N ASN C 375 2.62 -18.59 15.09
CA ASN C 375 3.20 -18.04 16.31
C ASN C 375 2.35 -16.91 16.89
N THR C 376 1.04 -16.96 16.65
CA THR C 376 0.10 -15.94 17.12
C THR C 376 0.55 -14.55 16.69
N GLY C 377 0.78 -14.40 15.39
CA GLY C 377 1.29 -13.16 14.84
C GLY C 377 2.80 -13.06 14.85
N GLY C 378 3.38 -12.72 13.70
CA GLY C 378 4.80 -12.52 13.55
C GLY C 378 5.34 -11.24 14.13
N ALA C 379 4.53 -10.49 14.88
CA ALA C 379 4.96 -9.24 15.50
C ALA C 379 5.49 -8.22 14.50
N ASN C 380 6.72 -8.42 14.02
CA ASN C 380 7.37 -7.45 13.14
C ASN C 380 7.34 -7.84 11.67
N ILE C 381 7.24 -9.14 11.36
CA ILE C 381 7.29 -9.66 10.00
C ILE C 381 8.59 -9.24 9.32
N THR C 382 9.52 -10.19 9.20
CA THR C 382 10.81 -9.94 8.58
C THR C 382 10.86 -10.64 7.22
N LEU C 383 11.29 -9.90 6.21
CA LEU C 383 11.44 -10.43 4.85
C LEU C 383 12.92 -10.48 4.51
N GLN C 384 13.37 -11.65 4.06
CA GLN C 384 14.73 -11.82 3.57
C GLN C 384 14.97 -10.88 2.39
N CYS C 385 16.23 -10.47 2.23
CA CYS C 385 16.56 -9.50 1.19
C CYS C 385 18.02 -9.66 0.81
N ARG C 386 18.25 -10.00 -0.45
CA ARG C 386 19.59 -10.08 -1.02
C ARG C 386 20.05 -8.70 -1.49
N ILE C 387 21.32 -8.61 -1.85
CA ILE C 387 21.90 -7.40 -2.40
C ILE C 387 22.67 -7.77 -3.67
N LYS C 388 22.53 -6.92 -4.69
CA LYS C 388 23.29 -7.04 -5.92
C LYS C 388 24.19 -5.81 -6.05
N GLN C 389 25.06 -5.85 -7.05
CA GLN C 389 25.97 -4.74 -7.32
C GLN C 389 26.09 -4.39 -8.80
N ILE C 390 25.58 -5.22 -9.70
CA ILE C 390 25.70 -5.00 -11.14
C ILE C 390 24.29 -5.09 -11.71
N ILE C 391 23.69 -3.94 -12.01
CA ILE C 391 22.31 -3.84 -12.47
C ILE C 391 22.29 -3.32 -13.89
N ARG C 392 21.31 -3.79 -14.66
CA ARG C 392 21.02 -3.27 -16.00
C ARG C 392 19.64 -2.64 -15.94
N MET C 393 19.60 -1.30 -15.91
CA MET C 393 18.38 -0.55 -15.66
C MET C 393 17.53 -0.51 -16.92
N TRP C 394 16.65 -1.50 -17.06
CA TRP C 394 15.71 -1.58 -18.17
C TRP C 394 16.41 -1.57 -19.53
N GLN C 395 17.65 -2.04 -19.56
CA GLN C 395 18.48 -2.05 -20.77
C GLN C 395 18.55 -0.67 -21.41
N GLY C 396 18.84 0.33 -20.59
CA GLY C 396 18.96 1.70 -21.07
C GLY C 396 20.24 1.93 -21.84
N VAL C 397 20.17 1.76 -23.16
CA VAL C 397 21.33 1.87 -24.06
C VAL C 397 22.43 0.94 -23.56
N GLY C 398 22.05 -0.29 -23.23
CA GLY C 398 23.04 -1.28 -22.80
C GLY C 398 23.68 -0.91 -21.48
N GLN C 399 24.98 -1.19 -21.40
CA GLN C 399 25.81 -0.86 -20.24
C GLN C 399 25.34 -1.56 -18.97
N ALA C 400 25.97 -1.23 -17.85
CA ALA C 400 25.63 -1.75 -16.53
C ALA C 400 26.38 -0.92 -15.50
N MET C 401 25.77 -0.76 -14.34
CA MET C 401 26.34 0.06 -13.28
C MET C 401 26.77 -0.81 -12.11
N TYR C 402 27.99 -0.57 -11.61
CA TYR C 402 28.48 -1.23 -10.40
C TYR C 402 28.27 -0.29 -9.23
N ALA C 403 27.38 -0.66 -8.33
CA ALA C 403 27.13 0.15 -7.14
C ALA C 403 28.29 0.00 -6.16
N PRO C 404 29.04 1.07 -5.87
CA PRO C 404 30.15 0.97 -4.91
C PRO C 404 29.64 0.62 -3.53
N PRO C 405 30.37 -0.18 -2.78
CA PRO C 405 29.92 -0.57 -1.44
C PRO C 405 30.02 0.58 -0.45
N ILE C 406 29.23 0.46 0.61
CA ILE C 406 29.19 1.44 1.69
C ILE C 406 29.82 0.81 2.93
N ALA C 407 30.80 1.50 3.50
CA ALA C 407 31.53 0.97 4.65
C ALA C 407 30.66 1.02 5.90
N GLY C 408 30.35 -0.13 6.46
CA GLY C 408 29.58 -0.24 7.67
C GLY C 408 28.21 -0.86 7.42
N ASN C 409 27.38 -0.80 8.46
CA ASN C 409 26.00 -1.24 8.34
C ASN C 409 25.15 -0.15 7.70
N ILE C 410 23.96 -0.55 7.24
CA ILE C 410 23.07 0.35 6.51
C ILE C 410 21.66 0.19 7.02
N THR C 411 20.96 1.32 7.20
CA THR C 411 19.57 1.31 7.62
C THR C 411 18.81 2.36 6.81
N CYS C 412 17.57 2.03 6.43
CA CYS C 412 16.73 2.96 5.68
C CYS C 412 15.28 2.71 6.03
N LYS C 413 14.59 3.75 6.48
CA LYS C 413 13.16 3.70 6.74
C LYS C 413 12.41 4.35 5.58
N SER C 414 11.23 3.80 5.28
CA SER C 414 10.43 4.33 4.18
C SER C 414 8.95 4.06 4.46
N ASN C 415 8.11 4.67 3.61
CA ASN C 415 6.66 4.56 3.70
C ASN C 415 6.14 3.91 2.43
N ILE C 416 5.58 2.71 2.55
CA ILE C 416 4.79 2.12 1.48
C ILE C 416 3.50 2.91 1.35
N THR C 417 3.27 3.51 0.18
CA THR C 417 2.06 4.26 -0.09
C THR C 417 1.27 3.73 -1.28
N GLY C 418 1.85 2.83 -2.08
CA GLY C 418 1.16 2.34 -3.26
C GLY C 418 1.57 0.92 -3.60
N LEU C 419 0.74 0.29 -4.41
CA LEU C 419 0.92 -1.09 -4.82
C LEU C 419 0.71 -1.23 -6.33
N LEU C 420 1.38 -2.22 -6.91
CA LEU C 420 1.18 -2.60 -8.31
C LEU C 420 0.74 -4.05 -8.36
N LEU C 421 -0.45 -4.30 -8.91
CA LEU C 421 -1.02 -5.63 -8.96
C LEU C 421 -1.45 -5.97 -10.39
N THR C 422 -1.57 -7.26 -10.65
CA THR C 422 -2.01 -7.79 -11.94
C THR C 422 -2.97 -8.94 -11.71
N ARG C 423 -4.00 -9.02 -12.53
CA ARG C 423 -5.03 -10.04 -12.40
C ARG C 423 -4.73 -11.21 -13.33
N ASP C 424 -4.99 -12.42 -12.85
CA ASP C 424 -4.80 -13.62 -13.66
C ASP C 424 -5.94 -13.77 -14.66
N GLY C 425 -5.79 -14.73 -15.57
CA GLY C 425 -6.77 -14.96 -16.61
C GLY C 425 -7.09 -16.43 -16.77
N GLY C 426 -8.23 -16.69 -17.41
CA GLY C 426 -8.73 -18.01 -17.65
C GLY C 426 -10.18 -18.13 -17.22
N LYS C 427 -10.63 -19.37 -17.04
CA LYS C 427 -11.99 -19.64 -16.56
C LYS C 427 -12.04 -19.40 -15.05
N GLU C 428 -11.96 -18.11 -14.70
CA GLU C 428 -11.93 -17.68 -13.31
C GLU C 428 -13.22 -17.01 -12.86
N LYS C 429 -14.18 -16.82 -13.77
CA LYS C 429 -15.49 -16.28 -13.41
C LYS C 429 -16.30 -17.19 -12.51
N ASN C 430 -15.79 -18.39 -12.20
CA ASN C 430 -16.55 -19.36 -11.43
C ASN C 430 -16.52 -19.02 -9.94
N ASP C 431 -15.33 -18.91 -9.35
CA ASP C 431 -15.20 -18.77 -7.90
C ASP C 431 -14.49 -17.47 -7.52
N THR C 432 -13.19 -17.34 -7.78
CA THR C 432 -12.41 -16.26 -7.23
C THR C 432 -11.58 -15.58 -8.32
N GLU C 433 -10.92 -14.49 -7.92
CA GLU C 433 -10.04 -13.71 -8.78
C GLU C 433 -8.72 -13.47 -8.06
N THR C 434 -7.61 -13.68 -8.77
CA THR C 434 -6.28 -13.60 -8.19
C THR C 434 -5.61 -12.28 -8.55
N PHE C 435 -4.86 -11.72 -7.60
CA PHE C 435 -4.19 -10.41 -7.76
C PHE C 435 -2.73 -10.56 -7.32
N ARG C 436 -1.85 -10.88 -8.27
CA ARG C 436 -0.45 -11.07 -7.92
C ARG C 436 0.35 -9.80 -8.15
N PRO C 437 1.41 -9.55 -7.39
CA PRO C 437 2.21 -8.33 -7.61
C PRO C 437 2.94 -8.39 -8.94
N GLY C 438 3.30 -7.21 -9.42
CA GLY C 438 3.98 -7.06 -10.71
C GLY C 438 4.90 -5.87 -10.69
N GLY C 439 5.14 -5.31 -11.87
CA GLY C 439 6.03 -4.17 -12.01
C GLY C 439 6.70 -4.12 -13.37
N GLY C 440 8.02 -4.34 -13.39
CA GLY C 440 8.76 -4.32 -14.63
C GLY C 440 8.83 -2.95 -15.28
N ASP C 441 7.71 -2.50 -15.84
CA ASP C 441 7.67 -1.19 -16.48
C ASP C 441 7.68 -0.09 -15.43
N MET C 442 8.71 0.74 -15.45
CA MET C 442 8.87 1.81 -14.48
C MET C 442 7.99 3.02 -14.76
N ARG C 443 7.27 3.04 -15.88
CA ARG C 443 6.39 4.15 -16.19
C ARG C 443 5.19 4.21 -15.24
N ASP C 444 4.69 3.04 -14.83
CA ASP C 444 3.60 3.02 -13.86
C ASP C 444 4.01 3.63 -12.54
N ASN C 445 5.30 3.60 -12.21
CA ASN C 445 5.78 4.27 -11.00
C ASN C 445 5.54 5.77 -11.09
N TRP C 446 5.76 6.36 -12.27
CA TRP C 446 5.50 7.78 -12.46
C TRP C 446 4.01 8.06 -12.65
N ARG C 447 3.24 7.08 -13.13
CA ARG C 447 1.80 7.29 -13.30
C ARG C 447 1.11 7.51 -11.96
N SER C 448 1.61 6.89 -10.89
CA SER C 448 1.00 7.04 -9.58
C SER C 448 1.17 8.44 -8.99
N GLU C 449 1.89 9.33 -9.67
CA GLU C 449 2.04 10.71 -9.23
C GLU C 449 1.65 11.74 -10.28
N LEU C 450 1.65 11.37 -11.56
CA LEU C 450 1.21 12.24 -12.64
C LEU C 450 -0.17 11.86 -13.15
N TYR C 451 -0.95 11.12 -12.35
CA TYR C 451 -2.27 10.71 -12.76
C TYR C 451 -3.28 11.86 -12.77
N LYS C 452 -2.98 12.94 -12.04
CA LYS C 452 -3.91 14.05 -11.89
C LYS C 452 -3.56 15.24 -12.76
N TYR C 453 -2.41 15.23 -13.43
CA TYR C 453 -1.94 16.37 -14.21
C TYR C 453 -2.06 16.08 -15.70
N LYS C 454 -2.30 17.14 -16.46
CA LYS C 454 -2.30 17.07 -17.92
C LYS C 454 -1.85 18.41 -18.49
N VAL C 455 -1.05 18.37 -19.56
CA VAL C 455 -0.49 19.56 -20.16
C VAL C 455 -1.32 19.94 -21.37
N VAL C 456 -1.74 21.20 -21.44
CA VAL C 456 -2.54 21.72 -22.56
C VAL C 456 -1.93 23.03 -23.03
N GLU C 457 -2.21 23.36 -24.30
CA GLU C 457 -1.76 24.62 -24.89
C GLU C 457 -2.92 25.60 -24.98
N ILE C 458 -2.59 26.88 -24.87
CA ILE C 458 -3.59 27.94 -24.91
C ILE C 458 -3.77 28.40 -26.36
N LYS C 459 -5.01 28.44 -26.81
CA LYS C 459 -5.36 29.03 -28.11
C LYS C 459 -6.00 30.39 -27.86
N PRO C 460 -5.18 31.45 -27.71
CA PRO C 460 -5.72 32.71 -27.18
C PRO C 460 -6.52 33.52 -28.19
N LEU C 461 -6.33 33.31 -29.49
CA LEU C 461 -6.98 34.08 -30.52
C LEU C 461 -8.37 33.51 -30.79
N GLY C 462 -9.41 34.30 -30.49
CA GLY C 462 -10.76 33.89 -30.78
C GLY C 462 -11.48 34.97 -31.57
N ILE C 463 -12.53 34.55 -32.27
CA ILE C 463 -13.35 35.44 -33.08
C ILE C 463 -14.81 35.21 -32.72
N ALA C 464 -15.57 36.28 -32.59
CA ALA C 464 -16.96 36.17 -32.20
C ALA C 464 -17.76 37.30 -32.84
N PRO C 465 -19.04 37.07 -33.16
CA PRO C 465 -19.88 38.18 -33.64
C PRO C 465 -20.25 39.11 -32.51
N ASP C 466 -20.09 40.41 -32.74
CA ASP C 466 -20.46 41.43 -31.77
C ASP C 466 -21.18 42.55 -32.52
N LYS C 467 -21.63 43.55 -31.76
CA LYS C 467 -22.30 44.71 -32.32
C LYS C 467 -21.31 45.87 -32.30
N CYS C 468 -20.53 45.99 -33.37
CA CYS C 468 -19.66 47.14 -33.59
C CYS C 468 -19.10 47.05 -35.00
N LYS C 469 -18.48 48.14 -35.44
CA LYS C 469 -17.89 48.20 -36.78
C LYS C 469 -16.84 49.30 -36.78
N ARG C 470 -15.81 49.11 -37.61
CA ARG C 470 -14.78 50.12 -37.79
C ARG C 470 -15.20 51.13 -38.86
N ARG C 471 -14.61 52.31 -38.78
CA ARG C 471 -14.81 53.37 -39.77
C ARG C 471 -16.28 53.75 -39.90
N VAL D 7 -14.59 40.51 -12.09
CA VAL D 7 -13.79 39.82 -11.09
C VAL D 7 -12.48 39.37 -11.73
N PHE D 8 -11.47 39.12 -10.89
CA PHE D 8 -10.14 38.71 -11.36
C PHE D 8 -10.03 37.20 -11.51
N LEU D 9 -10.26 36.47 -10.40
CA LEU D 9 -10.27 35.01 -10.38
C LEU D 9 -8.89 34.40 -10.66
N GLY D 10 -8.21 34.87 -11.71
CA GLY D 10 -6.87 34.45 -12.02
C GLY D 10 -6.74 33.92 -13.44
N PHE D 11 -5.55 33.44 -13.75
CA PHE D 11 -5.26 32.90 -15.07
C PHE D 11 -6.17 31.73 -15.38
N LEU D 12 -6.80 31.77 -16.57
CA LEU D 12 -7.78 30.78 -17.01
C LEU D 12 -8.98 30.68 -16.06
N GLY D 13 -9.20 31.69 -15.23
CA GLY D 13 -10.27 31.60 -14.25
C GLY D 13 -11.64 31.53 -14.88
N ALA D 14 -11.91 32.40 -15.86
CA ALA D 14 -13.22 32.51 -16.48
C ALA D 14 -13.42 31.53 -17.64
N ALA D 15 -12.72 30.39 -17.63
CA ALA D 15 -12.89 29.41 -18.70
C ALA D 15 -14.24 28.73 -18.63
N GLY D 16 -14.89 28.73 -17.47
CA GLY D 16 -16.23 28.20 -17.34
C GLY D 16 -17.27 29.29 -17.32
N SER D 17 -16.83 30.53 -17.17
CA SER D 17 -17.72 31.67 -17.16
C SER D 17 -18.23 31.97 -18.58
N THR D 18 -19.19 32.89 -18.66
CA THR D 18 -19.74 33.28 -19.94
C THR D 18 -18.70 34.06 -20.76
N MET D 19 -18.92 34.09 -22.09
CA MET D 19 -17.94 34.71 -22.98
C MET D 19 -17.74 36.18 -22.66
N GLY D 20 -18.82 36.89 -22.35
CA GLY D 20 -18.69 38.30 -21.98
C GLY D 20 -17.87 38.48 -20.72
N ALA D 21 -18.19 37.69 -19.67
CA ALA D 21 -17.43 37.77 -18.44
C ALA D 21 -15.98 37.35 -18.64
N ALA D 22 -15.72 36.44 -19.59
CA ALA D 22 -14.35 36.04 -19.89
C ALA D 22 -13.62 37.11 -20.67
N SER D 23 -14.33 37.97 -21.40
CA SER D 23 -13.71 39.07 -22.12
C SER D 23 -13.06 40.09 -21.18
N MET D 24 -13.55 40.19 -19.94
CA MET D 24 -12.96 41.14 -18.99
C MET D 24 -11.52 40.78 -18.67
N THR D 25 -11.17 39.49 -18.76
CA THR D 25 -9.86 39.00 -18.35
C THR D 25 -9.02 38.53 -19.54
N LEU D 26 -9.11 39.24 -20.67
CA LEU D 26 -8.28 38.89 -21.82
C LEU D 26 -6.81 39.15 -21.53
N THR D 27 -6.52 40.23 -20.80
CA THR D 27 -5.14 40.59 -20.51
C THR D 27 -4.48 39.63 -19.53
N VAL D 28 -5.25 38.95 -18.69
CA VAL D 28 -4.68 38.02 -17.72
C VAL D 28 -4.11 36.80 -18.43
N GLN D 29 -4.87 36.22 -19.35
CA GLN D 29 -4.42 35.06 -20.11
C GLN D 29 -3.52 35.44 -21.28
N ALA D 30 -3.17 36.73 -21.43
CA ALA D 30 -2.31 37.17 -22.51
C ALA D 30 -0.84 37.18 -22.11
N ARG D 31 -0.54 37.71 -20.92
CA ARG D 31 0.84 37.80 -20.47
C ARG D 31 1.45 36.44 -20.20
N GLN D 32 0.62 35.45 -19.86
CA GLN D 32 1.09 34.10 -19.60
C GLN D 32 1.41 33.32 -20.87
N LEU D 33 1.32 33.97 -22.03
CA LEU D 33 1.69 33.36 -23.31
C LEU D 33 3.12 33.63 -23.71
N LEU D 34 3.85 34.45 -22.95
CA LEU D 34 5.14 34.93 -23.42
C LEU D 34 6.28 34.54 -22.49
N SER D 35 6.38 35.21 -21.34
CA SER D 35 7.50 35.03 -20.43
C SER D 35 7.06 34.23 -19.21
N GLY D 36 7.82 33.19 -18.89
CA GLY D 36 7.61 32.43 -17.68
C GLY D 36 8.72 32.65 -16.68
N ASN D 37 9.14 33.91 -16.56
CA ASN D 37 10.24 34.35 -15.70
C ASN D 37 11.58 33.80 -16.21
N PHE D 38 12.60 34.67 -16.27
CA PHE D 38 13.89 34.27 -16.82
C PHE D 38 14.52 33.15 -16.00
N ASP D 39 15.18 32.23 -16.70
CA ASP D 39 15.72 31.01 -16.10
C ASP D 39 17.11 31.20 -15.53
N ILE D 40 17.46 32.42 -15.11
CA ILE D 40 18.75 32.80 -14.53
C ILE D 40 19.89 32.32 -15.45
N PRO D 41 20.74 31.35 -15.13
CA PRO D 41 21.97 31.20 -15.93
C PRO D 41 21.86 30.25 -17.12
N GLY D 42 20.73 29.58 -17.32
CA GLY D 42 20.60 28.60 -18.37
C GLY D 42 20.91 27.20 -17.88
N PRO D 43 20.18 26.21 -18.40
CA PRO D 43 20.40 24.83 -17.96
C PRO D 43 21.57 24.13 -18.65
N LYS D 44 21.99 24.63 -19.82
CA LYS D 44 23.04 24.03 -20.65
C LYS D 44 23.00 22.50 -20.65
N THR D 45 24.16 21.87 -20.68
CA THR D 45 24.31 20.41 -20.62
C THR D 45 23.61 19.76 -21.82
N VAL D 46 23.19 18.51 -21.67
CA VAL D 46 22.64 17.76 -22.81
C VAL D 46 21.19 18.14 -23.06
N TRP D 47 20.34 17.97 -22.05
CA TRP D 47 18.90 18.18 -22.21
C TRP D 47 18.49 19.65 -22.15
N GLY D 48 19.44 20.58 -22.26
CA GLY D 48 19.07 21.98 -22.31
C GLY D 48 18.50 22.40 -23.65
N ILE D 49 18.92 21.71 -24.73
CA ILE D 49 18.39 22.03 -26.05
C ILE D 49 16.91 21.69 -26.15
N LYS D 50 16.45 20.72 -25.36
CA LYS D 50 15.02 20.43 -25.30
C LYS D 50 14.23 21.67 -24.92
N GLN D 51 14.52 22.24 -23.75
CA GLN D 51 13.81 23.43 -23.32
C GLN D 51 14.12 24.63 -24.21
N LEU D 52 15.33 24.68 -24.80
CA LEU D 52 15.66 25.80 -25.67
C LEU D 52 14.77 25.82 -26.91
N GLN D 53 14.65 24.68 -27.58
CA GLN D 53 13.75 24.62 -28.74
C GLN D 53 12.28 24.77 -28.31
N THR D 54 11.91 24.25 -27.14
CA THR D 54 10.52 24.36 -26.71
C THR D 54 10.14 25.79 -26.36
N ARG D 55 11.10 26.63 -25.97
CA ARG D 55 10.79 28.03 -25.69
C ARG D 55 11.16 28.96 -26.84
N VAL D 56 11.81 28.43 -27.89
CA VAL D 56 11.89 29.18 -29.15
C VAL D 56 10.61 28.98 -29.96
N LEU D 57 10.03 27.79 -29.90
CA LEU D 57 8.75 27.55 -30.57
C LEU D 57 7.66 28.42 -29.98
N ALA D 58 7.73 28.71 -28.67
CA ALA D 58 6.76 29.60 -28.06
C ALA D 58 6.85 31.00 -28.64
N ILE D 59 8.07 31.51 -28.80
CA ILE D 59 8.27 32.81 -29.43
C ILE D 59 7.75 32.80 -30.86
N GLU D 60 8.00 31.71 -31.58
CA GLU D 60 7.53 31.62 -32.96
C GLU D 60 6.01 31.66 -33.03
N ARG D 61 5.34 30.91 -32.16
CA ARG D 61 3.88 30.91 -32.14
C ARG D 61 3.33 32.28 -31.77
N TYR D 62 3.93 32.93 -30.77
CA TYR D 62 3.46 34.26 -30.36
C TYR D 62 3.63 35.27 -31.48
N LEU D 63 4.76 35.23 -32.19
CA LEU D 63 4.98 36.16 -33.28
C LEU D 63 4.04 35.87 -34.45
N LYS D 64 3.73 34.59 -34.70
CA LYS D 64 2.76 34.28 -35.74
C LYS D 64 1.39 34.85 -35.40
N ASP D 65 0.99 34.76 -34.12
CA ASP D 65 -0.27 35.36 -33.71
C ASP D 65 -0.25 36.88 -33.86
N GLN D 66 0.83 37.52 -33.44
CA GLN D 66 0.93 38.97 -33.57
C GLN D 66 0.90 39.40 -35.03
N GLN D 67 1.50 38.61 -35.92
CA GLN D 67 1.47 38.95 -37.34
C GLN D 67 0.08 38.74 -37.93
N LEU D 68 -0.62 37.67 -37.52
CA LEU D 68 -2.00 37.50 -37.93
C LEU D 68 -2.85 38.68 -37.50
N LEU D 69 -2.59 39.20 -36.30
CA LEU D 69 -3.26 40.42 -35.88
C LEU D 69 -2.89 41.60 -36.78
N GLY D 70 -1.60 41.77 -37.04
CA GLY D 70 -1.14 42.94 -37.77
C GLY D 70 -1.63 42.97 -39.21
N ILE D 71 -1.76 41.81 -39.85
CA ILE D 71 -2.28 41.80 -41.21
C ILE D 71 -3.78 42.06 -41.23
N TRP D 72 -4.43 41.95 -40.06
CA TRP D 72 -5.77 42.47 -39.87
C TRP D 72 -5.66 43.93 -39.40
N GLY D 73 -6.77 44.52 -39.00
CA GLY D 73 -6.68 45.86 -38.41
C GLY D 73 -6.31 45.86 -36.95
N CYS D 74 -6.36 44.70 -36.31
CA CYS D 74 -6.17 44.59 -34.87
C CYS D 74 -4.68 44.54 -34.54
N SER D 75 -4.17 45.60 -33.91
CA SER D 75 -2.77 45.65 -33.54
C SER D 75 -2.63 46.42 -32.23
N GLY D 76 -1.76 45.93 -31.36
CA GLY D 76 -1.57 46.55 -30.06
C GLY D 76 -2.81 46.61 -29.21
N LYS D 77 -3.83 45.81 -29.53
CA LYS D 77 -5.08 45.82 -28.78
C LYS D 77 -5.65 44.41 -28.74
N LEU D 78 -6.24 44.04 -27.61
CA LEU D 78 -6.81 42.71 -27.45
C LEU D 78 -8.19 42.64 -28.11
N ILE D 79 -9.17 43.34 -27.53
CA ILE D 79 -10.48 43.47 -28.17
C ILE D 79 -10.35 44.41 -29.35
N CYS D 80 -10.90 44.01 -30.49
CA CYS D 80 -10.77 44.83 -31.71
C CYS D 80 -11.91 44.52 -32.65
N CYS D 81 -12.71 45.53 -32.98
CA CYS D 81 -13.79 45.39 -33.94
C CYS D 81 -13.26 45.47 -35.36
N THR D 82 -13.99 44.84 -36.29
CA THR D 82 -13.60 44.86 -37.69
C THR D 82 -14.79 45.25 -38.57
N ALA D 83 -14.66 45.07 -39.88
CA ALA D 83 -15.69 45.49 -40.83
C ALA D 83 -16.22 44.33 -41.67
N VAL D 84 -16.00 43.10 -41.22
CA VAL D 84 -16.49 41.92 -41.93
C VAL D 84 -17.82 41.52 -41.32
N PRO D 85 -18.91 41.47 -42.10
CA PRO D 85 -20.21 41.11 -41.53
C PRO D 85 -20.25 39.64 -41.13
N TRP D 86 -20.87 39.37 -39.99
CA TRP D 86 -20.98 38.00 -39.50
C TRP D 86 -21.86 37.19 -40.43
N ASN D 87 -21.27 36.19 -41.09
CA ASN D 87 -22.04 35.32 -41.97
C ASN D 87 -22.95 34.43 -41.14
N ALA D 88 -24.21 34.30 -41.59
CA ALA D 88 -25.19 33.54 -40.84
C ALA D 88 -24.88 32.05 -40.83
N SER D 89 -24.26 31.54 -41.90
CA SER D 89 -23.92 30.13 -41.98
C SER D 89 -22.88 29.70 -40.95
N TRP D 90 -22.36 30.64 -40.16
CA TRP D 90 -21.52 30.34 -39.01
C TRP D 90 -22.36 30.49 -37.76
N SER D 91 -22.48 29.40 -36.98
CA SER D 91 -23.21 29.39 -35.71
C SER D 91 -24.71 29.61 -35.87
N ASN D 92 -25.09 30.71 -36.54
CA ASN D 92 -26.51 31.05 -36.75
C ASN D 92 -27.22 31.25 -35.41
N LYS D 93 -26.58 31.99 -34.52
CA LYS D 93 -27.12 32.28 -33.20
C LYS D 93 -27.15 33.79 -32.98
N SER D 94 -28.00 34.21 -32.06
CA SER D 94 -28.17 35.62 -31.75
C SER D 94 -27.18 36.06 -30.67
N TYR D 95 -26.98 37.37 -30.60
CA TYR D 95 -26.25 37.95 -29.47
C TYR D 95 -27.01 37.64 -28.18
N GLU D 96 -26.27 37.59 -27.07
CA GLU D 96 -26.79 37.25 -25.75
C GLU D 96 -27.21 35.78 -25.69
N GLU D 97 -27.75 35.26 -26.79
CA GLU D 97 -27.80 33.81 -26.98
C GLU D 97 -26.38 33.22 -27.01
N ILE D 98 -25.38 34.06 -27.26
CA ILE D 98 -23.97 33.65 -27.25
C ILE D 98 -23.32 34.09 -25.94
N TRP D 99 -23.14 35.40 -25.77
CA TRP D 99 -22.32 35.95 -24.70
C TRP D 99 -22.89 35.73 -23.30
N GLY D 100 -24.12 35.27 -23.18
CA GLY D 100 -24.71 35.06 -21.87
C GLY D 100 -25.16 33.63 -21.65
N ASN D 101 -24.82 32.76 -22.58
CA ASN D 101 -25.28 31.37 -22.53
C ASN D 101 -24.13 30.42 -22.82
N MET D 102 -23.12 30.88 -23.56
CA MET D 102 -22.02 30.05 -24.00
C MET D 102 -20.71 30.47 -23.34
N THR D 103 -19.76 29.54 -23.34
CA THR D 103 -18.39 29.77 -22.92
C THR D 103 -17.47 29.76 -24.14
N TRP D 104 -16.22 30.16 -23.93
CA TRP D 104 -15.31 30.30 -25.05
C TRP D 104 -14.87 28.95 -25.61
N MET D 105 -14.73 27.94 -24.74
CA MET D 105 -14.43 26.60 -25.24
C MET D 105 -15.58 26.08 -26.09
N GLN D 106 -16.80 26.14 -25.56
CA GLN D 106 -17.97 25.70 -26.30
C GLN D 106 -18.15 26.48 -27.59
N TRP D 107 -17.75 27.76 -27.59
CA TRP D 107 -17.85 28.57 -28.80
C TRP D 107 -16.82 28.14 -29.83
N ASP D 108 -15.57 27.98 -29.42
CA ASP D 108 -14.54 27.47 -30.32
C ASP D 108 -14.93 26.12 -30.90
N ARG D 109 -15.70 25.32 -30.14
CA ARG D 109 -16.18 24.06 -30.67
C ARG D 109 -17.09 24.24 -31.89
N GLU D 110 -17.74 25.40 -32.01
CA GLU D 110 -18.72 25.65 -33.06
C GLU D 110 -18.17 26.53 -34.19
N ILE D 111 -16.87 26.81 -34.19
CA ILE D 111 -16.28 27.68 -35.21
C ILE D 111 -15.17 26.99 -36.00
N ASN D 112 -14.53 25.94 -35.45
CA ASN D 112 -13.38 25.32 -36.11
C ASN D 112 -13.69 24.92 -37.55
N ASN D 113 -14.92 24.52 -37.85
CA ASN D 113 -15.25 24.13 -39.21
C ASN D 113 -15.11 25.30 -40.19
N TYR D 114 -15.46 26.51 -39.74
CA TYR D 114 -15.49 27.67 -40.62
C TYR D 114 -14.49 28.75 -40.21
N THR D 115 -13.51 28.41 -39.37
CA THR D 115 -12.60 29.44 -38.88
C THR D 115 -11.56 29.82 -39.95
N ASN D 116 -11.10 28.86 -40.73
CA ASN D 116 -10.06 29.14 -41.72
C ASN D 116 -10.55 30.09 -42.81
N THR D 117 -11.85 30.15 -43.05
CA THR D 117 -12.37 31.07 -44.05
C THR D 117 -12.58 32.46 -43.46
N ILE D 118 -13.02 32.54 -42.20
CA ILE D 118 -13.10 33.83 -41.52
C ILE D 118 -11.73 34.49 -41.45
N TYR D 119 -10.70 33.68 -41.18
CA TYR D 119 -9.34 34.21 -41.19
C TYR D 119 -8.99 34.83 -42.54
N SER D 120 -9.49 34.24 -43.63
CA SER D 120 -9.21 34.77 -44.95
C SER D 120 -9.98 36.07 -45.21
N LEU D 121 -11.28 36.07 -44.87
CA LEU D 121 -12.08 37.26 -45.10
C LEU D 121 -11.58 38.44 -44.28
N LEU D 122 -11.09 38.18 -43.07
CA LEU D 122 -10.60 39.24 -42.19
C LEU D 122 -9.32 39.89 -42.70
N GLU D 123 -8.65 39.30 -43.69
CA GLU D 123 -7.34 39.78 -44.13
C GLU D 123 -7.33 40.08 -45.62
N GLU D 124 -7.48 39.06 -46.48
CA GLU D 124 -7.37 39.28 -47.92
C GLU D 124 -8.42 40.25 -48.44
N SER D 125 -9.59 40.29 -47.80
CA SER D 125 -10.67 41.16 -48.26
C SER D 125 -10.84 42.41 -47.41
N GLN D 126 -10.40 42.39 -46.14
CA GLN D 126 -10.63 43.53 -45.26
C GLN D 126 -9.50 44.55 -45.36
N ASN D 127 -8.36 44.25 -44.75
CA ASN D 127 -7.29 45.24 -44.69
C ASN D 127 -6.55 45.40 -46.01
N GLN D 128 -6.55 44.38 -46.88
CA GLN D 128 -5.94 44.56 -48.18
C GLN D 128 -6.74 45.51 -49.06
N GLN D 129 -8.05 45.63 -48.79
CA GLN D 129 -8.87 46.65 -49.42
C GLN D 129 -8.88 47.94 -48.63
N GLU D 130 -8.83 47.84 -47.28
CA GLU D 130 -8.92 49.03 -46.43
C GLU D 130 -7.69 49.90 -46.55
N LYS D 131 -6.50 49.28 -46.52
CA LYS D 131 -5.27 50.05 -46.70
C LYS D 131 -5.18 50.61 -48.12
N ASN D 132 -5.71 49.89 -49.11
CA ASN D 132 -5.75 50.43 -50.46
C ASN D 132 -6.62 51.67 -50.53
N GLU D 133 -7.80 51.63 -49.90
CA GLU D 133 -8.67 52.80 -49.85
C GLU D 133 -7.99 53.96 -49.16
N LYS D 134 -7.38 53.70 -48.00
CA LYS D 134 -6.71 54.76 -47.25
C LYS D 134 -5.52 55.33 -48.03
N ASP D 135 -4.86 54.51 -48.83
CA ASP D 135 -3.77 54.99 -49.67
C ASP D 135 -4.29 55.86 -50.80
N LEU D 136 -5.37 55.43 -51.46
CA LEU D 136 -5.95 56.17 -52.57
C LEU D 136 -6.75 57.39 -52.11
N LEU D 137 -7.04 57.51 -50.82
CA LEU D 137 -7.81 58.64 -50.30
C LEU D 137 -7.00 59.55 -49.39
N ALA D 138 -5.66 59.43 -49.40
CA ALA D 138 -4.80 60.32 -48.64
C ALA D 138 -3.93 61.19 -49.55
N LEU D 139 -4.33 61.34 -50.81
CA LEU D 139 -3.62 62.18 -51.77
C LEU D 139 -4.41 63.40 -52.20
N ASP D 140 -5.72 63.26 -52.37
CA ASP D 140 -6.56 64.37 -52.80
C ASP D 140 -6.95 65.26 -51.62
N TYR E 2 52.22 -25.11 26.22
CA TYR E 2 50.85 -24.64 26.04
C TYR E 2 50.48 -23.59 27.09
N VAL E 3 51.33 -23.47 28.11
CA VAL E 3 51.07 -22.60 29.25
C VAL E 3 51.60 -21.20 28.95
N SER E 4 50.79 -20.19 29.27
CA SER E 4 51.22 -18.80 29.17
C SER E 4 51.51 -18.28 30.56
N PRO E 5 52.77 -18.00 30.91
CA PRO E 5 53.08 -17.53 32.26
C PRO E 5 52.65 -16.09 32.48
N LEU E 6 52.13 -15.82 33.67
CA LEU E 6 51.70 -14.47 34.03
C LEU E 6 51.94 -14.28 35.52
N SER E 7 52.86 -13.38 35.86
CA SER E 7 53.19 -13.07 37.25
C SER E 7 52.51 -11.77 37.65
N VAL E 8 51.80 -11.81 38.78
CA VAL E 8 51.05 -10.67 39.28
C VAL E 8 51.39 -10.48 40.76
N ALA E 9 51.65 -9.25 41.16
CA ALA E 9 51.96 -8.95 42.55
C ALA E 9 50.75 -9.20 43.43
N LEU E 10 51.02 -9.46 44.71
CA LEU E 10 49.98 -9.76 45.68
C LEU E 10 49.26 -8.49 46.08
N GLY E 11 47.92 -8.54 46.06
CA GLY E 11 47.08 -7.45 46.49
C GLY E 11 46.48 -6.62 45.36
N GLU E 12 47.20 -6.45 44.27
CA GLU E 12 46.72 -5.64 43.16
C GLU E 12 45.73 -6.44 42.32
N THR E 13 45.38 -5.92 41.14
CA THR E 13 44.38 -6.52 40.28
C THR E 13 45.06 -7.13 39.05
N ALA E 14 44.66 -8.36 38.71
CA ALA E 14 45.21 -9.08 37.58
C ALA E 14 44.20 -9.08 36.43
N ARG E 15 44.71 -8.98 35.20
CA ARG E 15 43.87 -8.98 34.00
C ARG E 15 44.41 -10.03 33.04
N ILE E 16 43.71 -11.15 32.94
CA ILE E 16 44.11 -12.26 32.07
C ILE E 16 43.34 -12.12 30.77
N SER E 17 44.05 -11.80 29.69
CA SER E 17 43.44 -11.67 28.38
C SER E 17 43.36 -13.04 27.71
N CYS E 18 42.24 -13.29 27.03
CA CYS E 18 42.04 -14.55 26.34
C CYS E 18 43.08 -14.73 25.24
N GLY E 19 43.27 -15.98 24.83
CA GLY E 19 44.28 -16.30 23.84
C GLY E 19 43.84 -16.09 22.41
N ARG E 20 42.58 -16.41 22.13
CA ARG E 20 42.01 -16.29 20.80
C ARG E 20 41.03 -15.12 20.76
N GLN E 21 41.19 -14.27 19.75
CA GLN E 21 40.29 -13.12 19.60
C GLN E 21 39.03 -13.56 18.87
N ALA E 22 37.88 -13.17 19.41
CA ALA E 22 36.61 -13.55 18.81
C ALA E 22 36.40 -12.85 17.47
N LEU E 23 35.77 -13.57 16.54
CA LEU E 23 35.48 -13.04 15.22
C LEU E 23 34.07 -12.45 15.10
N GLY E 24 33.27 -12.55 16.14
CA GLY E 24 31.93 -12.00 16.13
C GLY E 24 31.41 -11.89 17.54
N SER E 25 30.07 -11.91 17.67
CA SER E 25 29.46 -11.92 19.00
C SER E 25 29.88 -13.20 19.72
N ARG E 26 30.47 -13.04 20.90
CA ARG E 26 31.14 -14.12 21.59
C ARG E 26 30.32 -14.61 22.78
N ALA E 27 30.75 -15.76 23.31
CA ALA E 27 30.16 -16.35 24.51
C ALA E 27 31.30 -17.10 25.22
N VAL E 28 31.97 -16.40 26.12
CA VAL E 28 33.25 -16.83 26.68
C VAL E 28 33.03 -17.39 28.08
N GLN E 29 33.74 -18.47 28.40
CA GLN E 29 33.76 -19.03 29.73
C GLN E 29 35.19 -19.05 30.27
N TRP E 30 35.30 -18.96 31.59
CA TRP E 30 36.59 -18.97 32.27
C TRP E 30 36.59 -20.11 33.28
N TYR E 31 37.56 -21.02 33.13
CA TYR E 31 37.72 -22.16 34.03
C TYR E 31 39.00 -22.01 34.83
N GLN E 32 38.93 -22.36 36.11
CA GLN E 32 40.08 -22.34 37.00
C GLN E 32 40.43 -23.77 37.37
N HIS E 33 41.58 -24.23 36.88
CA HIS E 33 42.05 -25.60 37.11
C HIS E 33 43.34 -25.53 37.92
N LYS E 34 43.30 -26.06 39.14
CA LYS E 34 44.48 -26.19 39.98
C LYS E 34 45.05 -27.60 39.84
N PRO E 35 46.37 -27.75 39.98
CA PRO E 35 46.98 -29.08 39.84
C PRO E 35 46.43 -30.06 40.88
N GLY E 36 45.75 -31.09 40.38
CA GLY E 36 45.21 -32.12 41.25
C GLY E 36 43.82 -31.85 41.79
N GLN E 37 43.14 -30.82 41.32
CA GLN E 37 41.81 -30.48 41.80
C GLN E 37 40.86 -30.34 40.61
N ALA E 38 39.57 -30.44 40.90
CA ALA E 38 38.56 -30.34 39.86
C ALA E 38 38.52 -28.92 39.31
N PRO E 39 38.41 -28.76 37.99
CA PRO E 39 38.30 -27.42 37.41
C PRO E 39 37.03 -26.73 37.88
N ILE E 40 37.15 -25.44 38.20
CA ILE E 40 36.04 -24.63 38.67
C ILE E 40 35.59 -23.71 37.54
N LEU E 41 34.28 -23.56 37.38
CA LEU E 41 33.71 -22.63 36.43
C LEU E 41 33.55 -21.28 37.12
N LEU E 42 34.38 -20.31 36.73
CA LEU E 42 34.36 -19.00 37.36
C LEU E 42 33.27 -18.12 36.74
N ILE E 43 33.37 -17.86 35.43
CA ILE E 43 32.46 -16.94 34.74
C ILE E 43 31.98 -17.63 33.47
N TYR E 44 30.66 -17.75 33.33
CA TYR E 44 30.04 -18.23 32.09
C TYR E 44 29.16 -17.14 31.52
N ASN E 45 28.87 -17.26 30.22
CA ASN E 45 28.08 -16.26 29.50
C ASN E 45 28.69 -14.86 29.63
N ASN E 46 30.01 -14.79 29.46
CA ASN E 46 30.78 -13.54 29.41
C ASN E 46 30.85 -12.81 30.75
N GLN E 47 29.80 -12.89 31.58
CA GLN E 47 29.80 -12.12 32.82
C GLN E 47 28.92 -12.74 33.89
N ASP E 48 28.15 -13.76 33.56
CA ASP E 48 27.29 -14.42 34.54
C ASP E 48 28.14 -15.24 35.50
N ARG E 49 27.86 -15.12 36.79
CA ARG E 49 28.67 -15.74 37.84
C ARG E 49 27.82 -16.74 38.61
N PRO E 50 28.16 -18.03 38.59
CA PRO E 50 27.35 -19.01 39.32
C PRO E 50 27.48 -18.84 40.84
N SER E 51 26.67 -19.61 41.55
CA SER E 51 26.62 -19.51 43.00
C SER E 51 27.94 -19.98 43.63
N GLY E 52 28.52 -19.14 44.48
CA GLY E 52 29.71 -19.48 45.23
C GLY E 52 30.96 -18.75 44.78
N ILE E 53 31.03 -18.40 43.49
CA ILE E 53 32.24 -17.74 42.97
C ILE E 53 32.36 -16.36 43.58
N PRO E 54 33.52 -15.96 44.09
CA PRO E 54 33.66 -14.64 44.70
C PRO E 54 33.46 -13.53 43.69
N GLU E 55 33.17 -12.34 44.22
CA GLU E 55 32.95 -11.17 43.38
C GLU E 55 34.25 -10.58 42.84
N ARG E 56 35.40 -11.08 43.27
CA ARG E 56 36.67 -10.58 42.76
C ARG E 56 36.91 -10.98 41.30
N PHE E 57 36.16 -11.95 40.79
CA PHE E 57 36.31 -12.42 39.43
C PHE E 57 35.21 -11.81 38.56
N SER E 58 35.61 -11.15 37.48
CA SER E 58 34.66 -10.53 36.57
C SER E 58 35.09 -10.79 35.13
N GLY E 59 34.10 -10.89 34.25
CA GLY E 59 34.34 -11.09 32.84
C GLY E 59 33.73 -9.97 32.02
N THR E 60 34.45 -9.51 31.00
CA THR E 60 33.97 -8.42 30.16
C THR E 60 32.73 -8.85 29.39
N PRO E 61 31.58 -8.22 29.59
CA PRO E 61 30.38 -8.61 28.85
C PRO E 61 30.48 -8.23 27.38
N ASP E 62 29.72 -8.95 26.56
CA ASP E 62 29.73 -8.73 25.12
C ASP E 62 28.87 -7.51 24.79
N ILE E 63 29.51 -6.44 24.35
CA ILE E 63 28.82 -5.23 23.93
C ILE E 63 29.49 -4.71 22.67
N ASN E 64 28.68 -4.13 21.77
CA ASN E 64 29.09 -3.75 20.42
C ASN E 64 30.07 -4.75 19.82
N PHE E 65 31.30 -4.32 19.54
CA PHE E 65 32.32 -5.22 19.02
C PHE E 65 33.69 -4.60 19.24
N GLY E 66 34.70 -5.45 19.29
CA GLY E 66 36.07 -5.04 19.49
C GLY E 66 36.60 -5.28 20.89
N THR E 67 35.72 -5.45 21.87
CA THR E 67 36.16 -5.68 23.24
C THR E 67 36.80 -7.06 23.37
N THR E 68 37.98 -7.11 23.99
CA THR E 68 38.69 -8.35 24.20
C THR E 68 38.20 -9.00 25.49
N ALA E 69 37.88 -10.30 25.39
CA ALA E 69 37.46 -11.06 26.57
C ALA E 69 38.58 -11.11 27.60
N THR E 70 38.37 -10.46 28.74
CA THR E 70 39.39 -10.31 29.76
C THR E 70 38.82 -10.70 31.12
N LEU E 71 39.51 -11.60 31.81
CA LEU E 71 39.13 -12.00 33.16
C LEU E 71 39.87 -11.11 34.16
N THR E 72 39.10 -10.38 34.97
CA THR E 72 39.66 -9.45 35.95
C THR E 72 39.53 -10.06 37.34
N ILE E 73 40.66 -10.15 38.04
CA ILE E 73 40.72 -10.67 39.40
C ILE E 73 41.19 -9.52 40.29
N SER E 74 40.26 -8.94 41.04
CA SER E 74 40.57 -7.81 41.90
C SER E 74 41.10 -8.32 43.24
N GLY E 75 42.29 -7.86 43.60
CA GLY E 75 42.91 -8.28 44.85
C GLY E 75 43.26 -9.76 44.86
N VAL E 76 44.29 -10.14 44.11
CA VAL E 76 44.69 -11.54 44.05
C VAL E 76 45.23 -11.99 45.40
N GLU E 77 45.16 -13.30 45.64
CA GLU E 77 45.60 -13.90 46.89
C GLU E 77 46.56 -15.05 46.57
N VAL E 78 47.12 -15.64 47.63
CA VAL E 78 48.01 -16.78 47.45
C VAL E 78 47.24 -18.01 47.01
N GLY E 79 45.92 -18.05 47.23
CA GLY E 79 45.08 -19.14 46.83
C GLY E 79 44.46 -19.01 45.46
N ASP E 80 44.87 -18.02 44.67
CA ASP E 80 44.36 -17.82 43.32
C ASP E 80 45.34 -18.25 42.24
N GLU E 81 46.54 -18.69 42.62
CA GLU E 81 47.50 -19.21 41.65
C GLU E 81 46.97 -20.51 41.08
N ALA E 82 46.67 -20.52 39.78
CA ALA E 82 46.12 -21.70 39.13
C ALA E 82 46.28 -21.55 37.62
N ASP E 83 45.78 -22.54 36.89
CA ASP E 83 45.67 -22.45 35.44
C ASP E 83 44.31 -21.86 35.09
N TYR E 84 44.30 -20.91 34.16
CA TYR E 84 43.08 -20.22 33.76
C TYR E 84 42.82 -20.49 32.29
N TYR E 85 41.75 -21.21 31.99
CA TYR E 85 41.38 -21.57 30.64
C TYR E 85 40.26 -20.65 30.15
N CYS E 86 40.43 -20.11 28.95
CA CYS E 86 39.44 -19.24 28.31
C CYS E 86 38.75 -20.05 27.21
N HIS E 87 37.59 -20.62 27.52
CA HIS E 87 36.80 -21.34 26.54
C HIS E 87 36.09 -20.31 25.66
N MET E 88 36.55 -20.18 24.42
CA MET E 88 36.12 -19.11 23.52
C MET E 88 35.12 -19.66 22.51
N TRP E 89 33.91 -19.13 22.53
CA TRP E 89 32.90 -19.41 21.53
C TRP E 89 32.54 -18.11 20.81
N ASP E 90 32.16 -18.23 19.54
CA ASP E 90 31.72 -17.09 18.75
C ASP E 90 30.92 -17.60 17.57
N SER E 91 30.36 -16.66 16.79
CA SER E 91 29.47 -16.99 15.69
C SER E 91 30.18 -17.30 14.39
N ARG E 92 31.50 -17.11 14.32
CA ARG E 92 32.25 -17.27 13.08
C ARG E 92 33.38 -18.29 13.24
N SER E 93 33.20 -19.27 14.10
CA SER E 93 34.18 -20.34 14.23
C SER E 93 33.54 -21.71 14.47
N GLY E 94 32.21 -21.79 14.53
CA GLY E 94 31.56 -23.07 14.71
C GLY E 94 31.86 -23.67 16.07
N PHE E 95 31.80 -25.00 16.13
CA PHE E 95 32.06 -25.72 17.36
C PHE E 95 33.53 -25.59 17.73
N SER E 96 33.80 -25.11 18.95
CA SER E 96 35.16 -24.94 19.44
C SER E 96 35.43 -26.00 20.50
N TRP E 97 36.09 -27.08 20.10
CA TRP E 97 36.44 -28.13 21.05
C TRP E 97 37.57 -27.69 21.97
N SER E 98 38.46 -26.82 21.49
CA SER E 98 39.63 -26.44 22.25
C SER E 98 39.24 -25.57 23.45
N PHE E 99 39.81 -25.89 24.61
CA PHE E 99 39.71 -25.03 25.78
C PHE E 99 40.71 -23.89 25.77
N GLY E 100 41.56 -23.81 24.74
CA GLY E 100 42.58 -22.78 24.68
C GLY E 100 43.73 -23.05 25.62
N GLY E 101 44.90 -22.47 25.33
CA GLY E 101 46.04 -22.66 26.19
C GLY E 101 45.80 -22.11 27.58
N ALA E 102 46.45 -22.73 28.56
CA ALA E 102 46.28 -22.32 29.95
C ALA E 102 47.16 -21.10 30.26
N THR E 103 46.71 -20.32 31.23
CA THR E 103 47.45 -19.16 31.73
C THR E 103 47.71 -19.39 33.21
N ARG E 104 48.89 -19.92 33.54
CA ARG E 104 49.25 -20.19 34.92
C ARG E 104 49.60 -18.89 35.62
N LEU E 105 48.86 -18.56 36.67
CA LEU E 105 49.03 -17.32 37.41
C LEU E 105 50.01 -17.53 38.57
N THR E 106 51.00 -16.63 38.67
CA THR E 106 52.01 -16.69 39.72
C THR E 106 51.90 -15.43 40.56
N VAL E 107 51.39 -15.57 41.78
CA VAL E 107 51.24 -14.44 42.70
C VAL E 107 52.58 -14.25 43.42
N LEU E 108 53.23 -13.11 43.14
CA LEU E 108 54.52 -12.81 43.74
C LEU E 108 54.31 -11.99 45.02
N SER E 109 55.41 -11.43 45.55
CA SER E 109 55.37 -10.60 46.75
C SER E 109 54.77 -11.36 47.94
N GLN E 110 55.17 -12.62 48.09
CA GLN E 110 54.70 -13.48 49.17
C GLN E 110 55.79 -13.65 50.23
N PRO E 111 55.43 -13.55 51.51
CA PRO E 111 56.44 -13.71 52.56
C PRO E 111 57.08 -15.09 52.52
N LYS E 112 58.41 -15.12 52.62
CA LYS E 112 59.15 -16.37 52.56
C LYS E 112 58.96 -17.18 53.84
N ALA E 113 59.35 -18.45 53.77
CA ALA E 113 59.20 -19.37 54.89
C ALA E 113 60.47 -20.20 55.03
N ALA E 114 60.75 -20.62 56.27
CA ALA E 114 61.94 -21.41 56.55
C ALA E 114 61.67 -22.87 56.23
N PRO E 115 62.54 -23.54 55.47
CA PRO E 115 62.28 -24.94 55.09
C PRO E 115 62.45 -25.87 56.29
N SER E 116 61.37 -26.56 56.64
CA SER E 116 61.39 -27.53 57.73
C SER E 116 61.86 -28.87 57.19
N VAL E 117 62.98 -29.37 57.72
CA VAL E 117 63.62 -30.58 57.24
C VAL E 117 63.44 -31.69 58.27
N THR E 118 63.18 -32.90 57.78
CA THR E 118 63.06 -34.07 58.65
C THR E 118 63.74 -35.25 57.95
N LEU E 119 64.72 -35.84 58.63
CA LEU E 119 65.49 -36.95 58.07
C LEU E 119 65.08 -38.25 58.75
N PHE E 120 64.86 -39.28 57.95
CA PHE E 120 64.48 -40.60 58.43
C PHE E 120 65.47 -41.63 57.93
N PRO E 121 66.11 -42.39 58.83
CA PRO E 121 67.02 -43.45 58.40
C PRO E 121 66.25 -44.69 57.98
N PRO E 122 66.93 -45.66 57.36
CA PRO E 122 66.23 -46.88 56.93
C PRO E 122 65.58 -47.62 58.09
N SER E 123 64.56 -48.40 57.75
CA SER E 123 63.79 -49.17 58.73
C SER E 123 64.43 -50.54 58.96
N SER E 124 63.99 -51.20 60.03
CA SER E 124 64.49 -52.55 60.32
C SER E 124 63.98 -53.55 59.29
N GLU E 125 62.69 -53.46 58.94
CA GLU E 125 62.15 -54.35 57.90
C GLU E 125 62.82 -54.09 56.56
N GLU E 126 63.35 -52.88 56.34
CA GLU E 126 64.08 -52.60 55.12
C GLU E 126 65.51 -53.11 55.19
N LEU E 127 66.15 -52.99 56.36
CA LEU E 127 67.50 -53.52 56.52
C LEU E 127 67.52 -55.04 56.36
N GLN E 128 66.51 -55.72 56.90
CA GLN E 128 66.42 -57.16 56.72
C GLN E 128 65.99 -57.55 55.31
N ALA E 129 65.56 -56.59 54.49
CA ALA E 129 65.18 -56.84 53.11
C ALA E 129 66.31 -56.51 52.13
N ASN E 130 67.54 -56.36 52.63
CA ASN E 130 68.71 -56.08 51.79
C ASN E 130 68.53 -54.77 51.00
N LYS E 131 67.91 -53.78 51.64
CA LYS E 131 67.71 -52.47 51.04
C LYS E 131 67.94 -51.40 52.10
N ALA E 132 68.13 -50.16 51.64
CA ALA E 132 68.26 -49.03 52.55
C ALA E 132 67.89 -47.76 51.82
N THR E 133 67.07 -46.92 52.45
CA THR E 133 66.67 -45.64 51.88
C THR E 133 66.60 -44.60 52.98
N LEU E 134 67.37 -43.53 52.80
CA LEU E 134 67.28 -42.36 53.67
C LEU E 134 66.28 -41.37 53.08
N VAL E 135 65.33 -40.92 53.90
CA VAL E 135 64.22 -40.10 53.44
C VAL E 135 64.38 -38.70 54.03
N CYS E 136 64.64 -37.71 53.18
CA CYS E 136 64.78 -36.32 53.59
C CYS E 136 63.55 -35.56 53.12
N LEU E 137 62.68 -35.20 54.05
CA LEU E 137 61.41 -34.55 53.75
C LEU E 137 61.52 -33.08 54.12
N ILE E 138 61.44 -32.20 53.10
CA ILE E 138 61.45 -30.76 53.31
C ILE E 138 60.03 -30.26 53.06
N SER E 139 59.57 -29.34 53.91
CA SER E 139 58.21 -28.84 53.78
C SER E 139 58.12 -27.42 54.30
N ASP E 140 57.10 -26.69 53.81
CA ASP E 140 56.72 -25.38 54.31
C ASP E 140 57.85 -24.36 54.08
N PHE E 141 58.05 -24.05 52.80
CA PHE E 141 59.03 -23.06 52.41
C PHE E 141 58.58 -22.37 51.12
N TYR E 142 58.96 -21.10 50.99
CA TYR E 142 58.63 -20.30 49.82
C TYR E 142 59.81 -19.37 49.56
N PRO E 143 60.26 -19.23 48.29
CA PRO E 143 59.75 -19.92 47.10
C PRO E 143 60.20 -21.38 47.00
N GLY E 144 60.06 -21.98 45.81
CA GLY E 144 60.35 -23.38 45.62
C GLY E 144 61.79 -23.74 45.32
N ALA E 145 62.66 -22.75 45.09
CA ALA E 145 64.06 -23.01 44.77
C ALA E 145 64.75 -23.63 45.97
N VAL E 146 64.97 -24.93 45.92
CA VAL E 146 65.65 -25.68 46.98
C VAL E 146 66.74 -26.53 46.37
N THR E 147 67.90 -26.56 47.03
CA THR E 147 69.03 -27.37 46.59
C THR E 147 69.32 -28.40 47.68
N VAL E 148 69.11 -29.68 47.35
CA VAL E 148 69.34 -30.77 48.29
C VAL E 148 70.70 -31.37 48.01
N ALA E 149 71.47 -31.62 49.06
CA ALA E 149 72.77 -32.25 48.96
C ALA E 149 72.91 -33.30 50.05
N TRP E 150 73.78 -34.27 49.81
CA TRP E 150 74.00 -35.36 50.73
C TRP E 150 75.47 -35.43 51.12
N LYS E 151 75.74 -35.74 52.38
CA LYS E 151 77.10 -35.95 52.85
C LYS E 151 77.14 -37.20 53.71
N ALA E 152 78.29 -37.85 53.72
CA ALA E 152 78.50 -39.09 54.46
C ALA E 152 79.83 -39.00 55.18
N ASP E 153 79.78 -38.83 56.51
CA ASP E 153 80.97 -38.57 57.32
C ASP E 153 81.75 -37.38 56.75
N SER E 154 81.02 -36.33 56.41
CA SER E 154 81.57 -35.11 55.81
C SER E 154 82.28 -35.42 54.49
N SER E 155 81.50 -35.99 53.56
CA SER E 155 81.98 -36.33 52.22
C SER E 155 80.77 -36.32 51.29
N PRO E 156 80.82 -35.56 50.20
CA PRO E 156 79.62 -35.39 49.36
C PRO E 156 79.26 -36.68 48.62
N VAL E 157 78.00 -37.11 48.78
CA VAL E 157 77.46 -38.25 48.04
C VAL E 157 76.90 -37.73 46.73
N LYS E 158 77.33 -38.35 45.62
CA LYS E 158 76.96 -37.89 44.29
C LYS E 158 75.93 -38.77 43.60
N ALA E 159 75.97 -40.09 43.80
CA ALA E 159 75.09 -41.02 43.14
C ALA E 159 74.03 -41.53 44.09
N GLY E 160 72.96 -42.09 43.51
CA GLY E 160 71.88 -42.66 44.31
C GLY E 160 70.93 -41.66 44.93
N VAL E 161 70.74 -40.50 44.30
CA VAL E 161 69.89 -39.44 44.82
C VAL E 161 68.68 -39.30 43.90
N GLU E 162 67.49 -39.38 44.49
CA GLU E 162 66.24 -39.19 43.75
C GLU E 162 65.44 -38.12 44.49
N THR E 163 65.40 -36.91 43.94
CA THR E 163 64.73 -35.78 44.57
C THR E 163 63.54 -35.36 43.72
N THR E 164 62.39 -35.15 44.38
CA THR E 164 61.19 -34.73 43.69
C THR E 164 61.28 -33.24 43.35
N THR E 165 60.42 -32.83 42.41
CA THR E 165 60.32 -31.41 42.11
C THR E 165 59.45 -30.71 43.16
N PRO E 166 59.82 -29.52 43.59
CA PRO E 166 59.05 -28.84 44.65
C PRO E 166 57.63 -28.57 44.22
N SER E 167 56.69 -28.79 45.14
CA SER E 167 55.27 -28.57 44.88
C SER E 167 54.58 -28.17 46.17
N LYS E 168 53.82 -27.07 46.12
CA LYS E 168 53.11 -26.59 47.29
C LYS E 168 51.86 -27.41 47.53
N GLN E 169 51.43 -27.45 48.80
CA GLN E 169 50.29 -28.28 49.18
C GLN E 169 49.14 -27.42 49.71
N SER E 170 48.65 -27.75 50.90
CA SER E 170 47.48 -27.05 51.44
C SER E 170 47.83 -25.63 51.87
N ASN E 171 48.94 -25.47 52.58
CA ASN E 171 49.37 -24.17 53.09
C ASN E 171 49.96 -23.27 52.00
N ASN E 172 49.85 -23.66 50.73
CA ASN E 172 50.47 -22.94 49.61
C ASN E 172 51.97 -22.77 49.78
N LYS E 173 52.58 -23.59 50.63
CA LYS E 173 54.02 -23.61 50.82
C LYS E 173 54.59 -24.89 50.22
N TYR E 174 55.74 -24.77 49.57
CA TYR E 174 56.29 -25.88 48.81
C TYR E 174 56.76 -27.00 49.74
N ALA E 175 56.73 -28.23 49.21
CA ALA E 175 57.15 -29.41 49.93
C ALA E 175 57.83 -30.37 48.96
N ALA E 176 59.05 -30.78 49.29
CA ALA E 176 59.84 -31.66 48.45
C ALA E 176 60.30 -32.87 49.24
N SER E 177 60.68 -33.92 48.50
CA SER E 177 61.15 -35.16 49.10
C SER E 177 62.39 -35.63 48.36
N SER E 178 63.39 -36.06 49.11
CA SER E 178 64.61 -36.61 48.55
C SER E 178 64.86 -37.99 49.15
N TYR E 179 65.38 -38.90 48.33
CA TYR E 179 65.64 -40.26 48.75
C TYR E 179 67.06 -40.64 48.37
N LEU E 180 67.82 -41.13 49.36
CA LEU E 180 69.17 -41.64 49.14
C LEU E 180 69.12 -43.16 49.25
N SER E 181 69.41 -43.84 48.14
CA SER E 181 69.32 -45.28 48.08
C SER E 181 70.69 -45.89 48.36
N LEU E 182 70.77 -46.71 49.41
CA LEU E 182 72.02 -47.33 49.84
C LEU E 182 71.74 -48.79 50.19
N THR E 183 72.82 -49.57 50.29
CA THR E 183 72.79 -50.96 50.68
C THR E 183 73.01 -51.10 52.19
N PRO E 184 72.56 -52.21 52.78
CA PRO E 184 72.73 -52.37 54.23
C PRO E 184 74.19 -52.32 54.67
N GLU E 185 75.13 -52.82 53.86
CA GLU E 185 76.53 -52.76 54.21
C GLU E 185 77.13 -51.38 53.98
N GLN E 186 76.53 -50.55 53.11
CA GLN E 186 76.97 -49.18 52.96
C GLN E 186 76.38 -48.28 54.04
N TRP E 187 75.19 -48.62 54.55
CA TRP E 187 74.58 -47.82 55.61
C TRP E 187 75.37 -47.92 56.90
N LYS E 188 75.76 -49.14 57.30
CA LYS E 188 76.57 -49.30 58.49
C LYS E 188 78.02 -48.87 58.26
N SER E 189 78.44 -48.74 57.00
CA SER E 189 79.79 -48.32 56.66
C SER E 189 80.12 -46.95 57.26
N HIS E 190 79.48 -45.90 56.76
CA HIS E 190 79.74 -44.56 57.25
C HIS E 190 78.93 -44.27 58.50
N LYS E 191 79.51 -43.44 59.37
CA LYS E 191 78.96 -43.31 60.73
C LYS E 191 77.85 -42.27 60.81
N SER E 192 77.89 -41.23 59.99
CA SER E 192 76.90 -40.16 60.05
C SER E 192 76.55 -39.71 58.64
N TYR E 193 75.27 -39.84 58.28
CA TYR E 193 74.77 -39.36 57.00
C TYR E 193 73.94 -38.10 57.22
N SER E 194 74.18 -37.08 56.41
CA SER E 194 73.55 -35.78 56.60
C SER E 194 72.90 -35.31 55.31
N CYS E 195 71.63 -34.93 55.41
CA CYS E 195 70.91 -34.24 54.34
C CYS E 195 71.01 -32.75 54.59
N GLN E 196 71.61 -32.02 53.65
CA GLN E 196 71.85 -30.59 53.76
C GLN E 196 71.06 -29.88 52.67
N VAL E 197 70.05 -29.11 53.06
CA VAL E 197 69.24 -28.39 52.11
C VAL E 197 69.59 -26.91 52.18
N THR E 198 69.50 -26.25 51.03
CA THR E 198 69.78 -24.82 50.89
C THR E 198 68.60 -24.18 50.18
N HIS E 199 67.86 -23.36 50.89
CA HIS E 199 66.69 -22.67 50.35
C HIS E 199 66.84 -21.18 50.61
N GLU E 200 66.95 -20.39 49.53
CA GLU E 200 67.17 -18.95 49.62
C GLU E 200 68.42 -18.62 50.42
N GLY E 201 69.43 -19.48 50.33
CA GLY E 201 70.64 -19.34 51.11
C GLY E 201 70.59 -19.99 52.47
N SER E 202 69.41 -20.21 53.03
CA SER E 202 69.26 -20.93 54.29
C SER E 202 69.78 -22.34 54.14
N THR E 203 70.94 -22.62 54.74
CA THR E 203 71.58 -23.92 54.67
C THR E 203 71.35 -24.63 56.01
N VAL E 204 70.40 -25.56 56.02
CA VAL E 204 70.09 -26.34 57.22
C VAL E 204 70.32 -27.81 56.91
N GLU E 205 70.92 -28.51 57.87
CA GLU E 205 71.39 -29.87 57.68
C GLU E 205 70.94 -30.73 58.85
N LYS E 206 70.43 -31.93 58.53
CA LYS E 206 70.05 -32.91 59.54
C LYS E 206 70.87 -34.18 59.36
N THR E 207 71.25 -34.80 60.47
CA THR E 207 72.17 -35.93 60.45
C THR E 207 71.57 -37.11 61.20
N VAL E 208 71.85 -38.31 60.70
CA VAL E 208 71.46 -39.56 61.33
C VAL E 208 72.67 -40.49 61.40
N ALA E 209 72.60 -41.45 62.32
CA ALA E 209 73.67 -42.40 62.56
C ALA E 209 73.09 -43.79 62.84
N PRO E 210 73.73 -44.85 62.36
CA PRO E 210 73.22 -46.20 62.61
C PRO E 210 73.28 -46.55 64.08
N THR E 211 72.16 -47.05 64.61
CA THR E 211 72.08 -47.43 66.02
C THR E 211 71.28 -48.73 66.18
N VAL F 2 25.66 -31.03 43.11
CA VAL F 2 25.66 -32.48 42.94
C VAL F 2 27.07 -33.03 43.10
N GLN F 3 27.18 -34.35 43.27
CA GLN F 3 28.45 -35.02 43.50
C GLN F 3 28.75 -35.97 42.35
N LEU F 4 30.01 -35.96 41.90
CA LEU F 4 30.48 -36.80 40.80
C LEU F 4 31.74 -37.52 41.24
N GLN F 5 31.76 -38.84 41.12
CA GLN F 5 32.91 -39.65 41.52
C GLN F 5 33.28 -40.58 40.38
N GLU F 6 34.54 -40.50 39.93
CA GLU F 6 35.00 -41.32 38.83
C GLU F 6 35.62 -42.61 39.34
N SER F 7 35.75 -43.58 38.43
CA SER F 7 36.35 -44.86 38.75
C SER F 7 36.92 -45.48 37.48
N GLY F 8 38.10 -46.10 37.62
CA GLY F 8 38.76 -46.72 36.49
C GLY F 8 39.70 -47.83 36.92
N PRO F 9 40.33 -48.48 35.93
CA PRO F 9 41.23 -49.60 36.25
C PRO F 9 42.60 -49.16 36.74
N GLY F 10 43.04 -47.96 36.42
CA GLY F 10 44.35 -47.47 36.79
C GLY F 10 45.46 -47.79 35.81
N LEU F 11 45.44 -49.00 35.25
CA LEU F 11 46.44 -49.41 34.28
C LEU F 11 45.76 -50.13 33.12
N VAL F 12 46.13 -49.78 31.89
CA VAL F 12 45.62 -50.42 30.69
C VAL F 12 46.79 -50.64 29.74
N ARG F 13 46.87 -51.84 29.16
CA ARG F 13 47.92 -52.09 28.18
C ARG F 13 47.59 -51.41 26.85
N PRO F 14 48.60 -50.99 26.11
CA PRO F 14 48.36 -50.42 24.78
C PRO F 14 47.66 -51.42 23.87
N SER F 15 47.07 -50.90 22.80
CA SER F 15 46.30 -51.69 21.84
C SER F 15 45.13 -52.41 22.50
N GLU F 16 44.57 -51.80 23.54
CA GLU F 16 43.40 -52.35 24.23
C GLU F 16 42.34 -51.25 24.30
N THR F 17 41.40 -51.40 25.23
CA THR F 17 40.28 -50.48 25.37
C THR F 17 40.20 -49.98 26.81
N LEU F 18 40.51 -48.71 27.00
CA LEU F 18 40.31 -48.06 28.30
C LEU F 18 38.82 -47.88 28.58
N SER F 19 38.46 -48.02 29.84
CA SER F 19 37.06 -47.87 30.24
C SER F 19 36.99 -47.21 31.61
N VAL F 20 36.10 -46.23 31.76
CA VAL F 20 35.93 -45.52 33.02
C VAL F 20 34.43 -45.30 33.26
N THR F 21 34.09 -45.14 34.54
CA THR F 21 32.72 -44.98 34.98
C THR F 21 32.62 -43.75 35.88
N CYS F 22 31.41 -43.17 35.91
CA CYS F 22 31.16 -41.91 36.62
C CYS F 22 29.87 -42.05 37.41
N ILE F 23 29.98 -42.16 38.73
CA ILE F 23 28.82 -42.27 39.60
C ILE F 23 28.36 -40.86 39.98
N VAL F 24 27.07 -40.60 39.82
CA VAL F 24 26.50 -39.29 40.10
C VAL F 24 25.56 -39.41 41.30
N SER F 25 25.49 -38.34 42.08
CA SER F 25 24.65 -38.30 43.26
C SER F 25 24.11 -36.89 43.45
N GLY F 26 22.94 -36.79 44.06
CA GLY F 26 22.32 -35.51 44.30
C GLY F 26 21.37 -35.04 43.21
N GLY F 27 20.90 -35.95 42.36
CA GLY F 27 20.00 -35.57 41.29
C GLY F 27 19.77 -36.73 40.35
N SER F 28 19.12 -36.41 39.23
CA SER F 28 18.80 -37.40 38.21
C SER F 28 19.83 -37.35 37.08
N ILE F 29 19.75 -38.36 36.21
CA ILE F 29 20.69 -38.48 35.10
C ILE F 29 20.04 -38.27 33.74
N SER F 30 18.72 -38.36 33.63
CA SER F 30 18.03 -38.21 32.35
C SER F 30 17.71 -36.76 32.00
N ASN F 31 17.88 -35.83 32.93
CA ASN F 31 17.53 -34.43 32.71
C ASN F 31 18.76 -33.53 32.61
N TYR F 32 19.92 -34.09 32.31
CA TYR F 32 21.15 -33.31 32.21
C TYR F 32 22.01 -33.86 31.08
N TYR F 33 23.10 -33.15 30.81
CA TYR F 33 24.04 -33.50 29.75
C TYR F 33 25.41 -33.77 30.35
N TRP F 34 26.06 -34.84 29.90
CA TRP F 34 27.26 -35.35 30.57
C TRP F 34 28.44 -35.35 29.61
N THR F 35 29.52 -34.68 29.98
CA THR F 35 30.71 -34.61 29.14
C THR F 35 31.91 -35.18 29.86
N TRP F 36 32.92 -35.54 29.07
CA TRP F 36 34.17 -36.11 29.58
C TRP F 36 35.34 -35.21 29.21
N ILE F 37 36.21 -34.94 30.18
CA ILE F 37 37.40 -34.12 29.99
C ILE F 37 38.60 -34.90 30.50
N ARG F 38 39.70 -34.88 29.75
CA ARG F 38 40.92 -35.53 30.19
C ARG F 38 42.07 -34.53 30.19
N GLN F 39 43.20 -34.95 30.75
CA GLN F 39 44.38 -34.09 30.82
C GLN F 39 45.62 -34.97 30.83
N SER F 40 46.41 -34.92 29.75
CA SER F 40 47.65 -35.67 29.68
C SER F 40 48.78 -34.90 30.36
N PRO F 41 49.79 -35.60 30.87
CA PRO F 41 50.94 -34.90 31.47
C PRO F 41 51.65 -34.03 30.44
N GLY F 42 51.73 -32.74 30.75
CA GLY F 42 52.30 -31.77 29.83
C GLY F 42 51.32 -31.20 28.83
N LYS F 43 50.05 -31.57 28.90
CA LYS F 43 49.02 -31.05 28.00
C LYS F 43 47.87 -30.50 28.82
N GLY F 44 47.18 -29.52 28.26
CA GLY F 44 46.06 -28.91 28.92
C GLY F 44 44.82 -29.79 28.91
N LEU F 45 43.73 -29.21 29.40
CA LEU F 45 42.45 -29.93 29.44
C LEU F 45 41.96 -30.21 28.03
N GLU F 46 41.86 -31.48 27.68
CA GLU F 46 41.33 -31.89 26.39
C GLU F 46 39.88 -32.32 26.54
N TRP F 47 39.05 -31.89 25.59
CA TRP F 47 37.62 -32.19 25.60
C TRP F 47 37.39 -33.47 24.80
N ILE F 48 36.80 -34.48 25.44
CA ILE F 48 36.54 -35.75 24.78
C ILE F 48 35.23 -35.66 24.02
N GLY F 49 34.12 -35.71 24.75
CA GLY F 49 32.82 -35.66 24.11
C GLY F 49 31.72 -35.44 25.12
N TYR F 50 30.49 -35.50 24.63
CA TYR F 50 29.32 -35.31 25.47
C TYR F 50 28.18 -36.21 25.02
N ILE F 51 27.30 -36.52 25.97
CA ILE F 51 26.10 -37.32 25.76
C ILE F 51 24.91 -36.52 26.26
N SER F 52 23.79 -36.65 25.55
CA SER F 52 22.61 -35.82 25.69
C SER F 52 21.58 -36.46 26.61
N ASP F 53 20.46 -35.75 26.79
CA ASP F 53 19.32 -36.32 27.48
C ASP F 53 18.51 -37.23 26.56
N ARG F 54 18.57 -36.99 25.25
CA ARG F 54 18.01 -37.90 24.26
C ARG F 54 18.91 -39.11 24.01
N GLU F 55 19.99 -39.25 24.78
CA GLU F 55 20.95 -40.34 24.65
C GLU F 55 21.57 -40.36 23.25
N THR F 56 22.06 -39.20 22.83
CA THR F 56 22.83 -39.04 21.60
C THR F 56 24.16 -38.40 21.95
N THR F 57 25.23 -38.88 21.32
CA THR F 57 26.59 -38.53 21.69
C THR F 57 27.30 -37.79 20.56
N THR F 58 28.23 -36.93 20.94
CA THR F 58 29.10 -36.24 19.99
C THR F 58 30.50 -36.16 20.57
N TYR F 59 31.50 -36.53 19.77
CA TYR F 59 32.87 -36.67 20.25
C TYR F 59 33.79 -35.69 19.53
N ASN F 60 34.95 -35.48 20.13
CA ASN F 60 35.98 -34.62 19.54
C ASN F 60 36.59 -35.32 18.33
N PRO F 61 36.71 -34.65 17.18
CA PRO F 61 37.34 -35.27 16.02
C PRO F 61 38.84 -35.54 16.18
N SER F 62 39.45 -35.13 17.30
CA SER F 62 40.85 -35.43 17.54
C SER F 62 41.07 -36.83 18.08
N LEU F 63 40.04 -37.45 18.68
CA LEU F 63 40.14 -38.80 19.19
C LEU F 63 40.07 -39.85 18.09
N ASN F 64 39.83 -39.45 16.84
CA ASN F 64 39.80 -40.37 15.70
C ASN F 64 38.70 -41.43 15.88
N SER F 65 37.55 -41.01 16.42
CA SER F 65 36.39 -41.87 16.59
C SER F 65 36.69 -43.09 17.46
N ARG F 66 37.71 -42.97 18.32
CA ARG F 66 38.06 -44.05 19.23
C ARG F 66 37.29 -44.01 20.54
N ALA F 67 36.57 -42.92 20.82
CA ALA F 67 35.81 -42.77 22.04
C ALA F 67 34.35 -43.15 21.80
N VAL F 68 33.68 -43.50 22.90
CA VAL F 68 32.26 -43.82 22.88
C VAL F 68 31.68 -43.65 24.27
N ILE F 69 30.57 -42.94 24.37
CA ILE F 69 29.94 -42.60 25.65
C ILE F 69 28.53 -43.18 25.66
N SER F 70 28.11 -43.68 26.82
CA SER F 70 26.77 -44.22 27.00
C SER F 70 26.27 -43.83 28.39
N ARG F 71 25.03 -44.22 28.68
CA ARG F 71 24.38 -43.89 29.95
C ARG F 71 23.84 -45.16 30.59
N ASP F 72 23.39 -45.02 31.83
CA ASP F 72 22.81 -46.14 32.58
C ASP F 72 21.89 -45.54 33.65
N THR F 73 20.62 -45.36 33.29
CA THR F 73 19.66 -44.77 34.22
C THR F 73 19.29 -45.71 35.36
N SER F 74 19.47 -47.02 35.18
CA SER F 74 19.13 -47.96 36.24
C SER F 74 20.06 -47.80 37.44
N LYS F 75 21.38 -47.81 37.20
CA LYS F 75 22.36 -47.64 38.26
C LYS F 75 22.79 -46.18 38.42
N ASN F 76 22.24 -45.26 37.62
CA ASN F 76 22.51 -43.83 37.74
C ASN F 76 24.00 -43.54 37.56
N GLN F 77 24.57 -44.08 36.48
CA GLN F 77 26.00 -43.95 36.23
C GLN F 77 26.23 -43.61 34.76
N LEU F 78 27.42 -43.08 34.49
CA LEU F 78 27.86 -42.69 33.16
C LEU F 78 29.07 -43.53 32.76
N SER F 79 29.17 -43.81 31.47
CA SER F 79 30.24 -44.66 30.94
C SER F 79 31.12 -43.88 29.98
N LEU F 80 32.35 -44.37 29.83
CA LEU F 80 33.23 -43.88 28.77
C LEU F 80 34.18 -45.00 28.37
N GLN F 81 34.30 -45.24 27.07
CA GLN F 81 35.21 -46.24 26.54
C GLN F 81 36.05 -45.62 25.44
N LEU F 82 37.32 -46.03 25.37
CA LEU F 82 38.27 -45.49 24.41
C LEU F 82 39.11 -46.64 23.89
N ARG F 83 38.91 -47.01 22.64
CA ARG F 83 39.61 -48.15 22.06
C ARG F 83 40.98 -47.73 21.50
N SER F 84 41.85 -48.72 21.35
CA SER F 84 43.16 -48.54 20.72
C SER F 84 43.99 -47.48 21.45
N VAL F 85 44.08 -47.63 22.78
CA VAL F 85 44.81 -46.65 23.58
C VAL F 85 46.31 -46.75 23.31
N THR F 86 47.00 -45.65 23.57
CA THR F 86 48.45 -45.58 23.46
C THR F 86 49.00 -44.93 24.73
N THR F 87 50.33 -44.76 24.77
CA THR F 87 50.96 -44.15 25.94
C THR F 87 50.55 -42.69 26.12
N ALA F 88 50.13 -42.03 25.06
CA ALA F 88 49.69 -40.63 25.14
C ALA F 88 48.32 -40.48 25.76
N ASP F 89 47.57 -41.56 25.94
CA ASP F 89 46.25 -41.51 26.54
C ASP F 89 46.27 -41.66 28.05
N THR F 90 47.44 -41.77 28.66
CA THR F 90 47.57 -41.76 30.11
C THR F 90 47.14 -40.39 30.64
N ALA F 91 46.10 -40.36 31.47
CA ALA F 91 45.52 -39.08 31.85
C ALA F 91 44.63 -39.22 33.07
N ILE F 92 44.22 -38.07 33.60
CA ILE F 92 43.20 -37.98 34.64
C ILE F 92 41.88 -37.63 33.97
N TYR F 93 40.88 -38.46 34.17
CA TYR F 93 39.59 -38.33 33.49
C TYR F 93 38.55 -37.80 34.46
N PHE F 94 37.93 -36.67 34.10
CA PHE F 94 36.83 -36.06 34.83
C PHE F 94 35.55 -36.19 34.01
N CYS F 95 34.43 -36.36 34.71
CA CYS F 95 33.11 -36.24 34.13
C CYS F 95 32.45 -34.98 34.67
N ALA F 96 31.78 -34.24 33.80
CA ALA F 96 31.19 -32.95 34.17
C ALA F 96 29.79 -32.83 33.60
N THR F 97 29.03 -31.90 34.16
CA THR F 97 27.65 -31.63 33.78
C THR F 97 27.59 -30.35 32.97
N ALA F 98 26.89 -30.40 31.85
CA ALA F 98 26.74 -29.24 30.96
C ALA F 98 25.35 -28.64 31.10
N ARG F 99 25.25 -27.34 30.82
CA ARG F 99 24.01 -26.60 30.92
C ARG F 99 23.82 -25.79 29.64
N ARG F 100 22.64 -25.88 29.02
CA ARG F 100 22.41 -25.25 27.74
C ARG F 100 22.40 -23.73 27.87
N GLY F 101 23.11 -23.07 26.97
CA GLY F 101 23.05 -21.63 26.78
C GLY F 101 23.06 -21.30 25.30
N GLN F 102 22.05 -20.58 24.84
CA GLN F 102 21.88 -20.25 23.43
C GLN F 102 22.20 -18.77 23.23
N ARG F 103 23.35 -18.49 22.63
CA ARG F 103 23.76 -17.12 22.36
C ARG F 103 23.08 -16.64 21.08
N ILE F 104 22.13 -15.72 21.23
CA ILE F 104 21.37 -15.17 20.11
C ILE F 104 21.86 -13.75 19.87
N TYR F 105 22.20 -13.44 18.62
CA TYR F 105 22.65 -12.11 18.24
C TYR F 105 21.84 -11.52 17.10
N GLY F 106 20.69 -12.10 16.78
CA GLY F 106 19.88 -11.59 15.70
C GLY F 106 18.59 -12.37 15.58
N VAL F 107 17.96 -12.24 14.40
CA VAL F 107 16.69 -12.90 14.14
C VAL F 107 16.87 -14.40 14.24
N VAL F 108 16.09 -15.04 15.11
CA VAL F 108 16.16 -16.49 15.25
C VAL F 108 15.74 -17.19 13.97
N SER F 109 14.83 -16.58 13.20
CA SER F 109 14.36 -17.19 11.97
C SER F 109 15.42 -17.21 10.88
N PHE F 110 16.48 -16.41 11.02
CA PHE F 110 17.59 -16.40 10.07
C PHE F 110 18.76 -17.27 10.51
N GLY F 111 18.69 -17.87 11.68
CA GLY F 111 19.81 -18.64 12.18
C GLY F 111 20.95 -17.80 12.71
N GLU F 112 20.66 -16.64 13.26
CA GLU F 112 21.69 -15.74 13.77
C GLU F 112 21.92 -15.99 15.27
N PHE F 113 22.30 -17.22 15.57
CA PHE F 113 22.57 -17.66 16.94
C PHE F 113 23.48 -18.87 16.89
N PHE F 114 24.02 -19.21 18.06
CA PHE F 114 24.87 -20.39 18.18
C PHE F 114 24.84 -20.88 19.62
N TYR F 115 25.24 -22.14 19.79
CA TYR F 115 25.30 -22.76 21.10
C TYR F 115 26.74 -22.81 21.59
N TYR F 116 26.95 -22.47 22.87
CA TYR F 116 28.28 -22.36 23.46
C TYR F 116 28.35 -23.29 24.67
N TYR F 117 28.95 -24.46 24.49
CA TYR F 117 28.97 -25.47 25.55
C TYR F 117 29.81 -25.00 26.74
N TYR F 118 29.24 -25.12 27.93
CA TYR F 118 29.94 -24.82 29.17
C TYR F 118 29.48 -25.79 30.25
N MET F 119 29.71 -26.43 31.46
CA MET F 119 29.58 -27.53 32.46
C MET F 119 29.95 -27.00 33.84
N ASP F 120 28.95 -26.66 34.65
CA ASP F 120 29.15 -26.09 36.02
C ASP F 120 29.73 -27.10 37.00
N VAL F 121 29.24 -28.35 36.98
CA VAL F 121 29.67 -29.38 37.99
C VAL F 121 30.81 -30.25 37.47
N TRP F 122 31.82 -30.51 38.30
CA TRP F 122 32.93 -31.40 37.85
C TRP F 122 33.20 -32.46 38.92
N GLY F 123 34.04 -33.45 38.58
CA GLY F 123 34.46 -34.43 39.56
C GLY F 123 35.97 -34.35 39.77
N LYS F 124 36.44 -35.08 40.77
CA LYS F 124 37.86 -35.01 41.12
C LYS F 124 38.73 -35.70 40.07
N GLY F 125 38.18 -36.67 39.34
CA GLY F 125 38.89 -37.30 38.25
C GLY F 125 39.68 -38.53 38.65
N THR F 126 39.57 -39.59 37.86
CA THR F 126 40.32 -40.82 38.11
C THR F 126 41.55 -40.87 37.22
N ALA F 127 42.67 -41.28 37.79
CA ALA F 127 43.92 -41.37 37.04
C ALA F 127 44.05 -42.74 36.40
N VAL F 128 44.43 -42.77 35.12
CA VAL F 128 44.65 -44.02 34.40
C VAL F 128 45.96 -43.91 33.64
N THR F 129 46.83 -44.90 33.83
CA THR F 129 48.14 -44.96 33.21
C THR F 129 48.16 -46.07 32.16
N VAL F 130 48.81 -45.80 31.04
CA VAL F 130 48.94 -46.78 29.96
C VAL F 130 50.41 -47.15 29.83
N SER F 131 50.71 -48.42 30.08
CA SER F 131 52.08 -48.92 29.97
C SER F 131 52.03 -50.42 29.73
N SER F 132 53.06 -50.94 29.06
CA SER F 132 53.17 -52.36 28.81
C SER F 132 53.63 -53.14 30.03
N ALA F 133 53.98 -52.46 31.12
CA ALA F 133 54.42 -53.12 32.33
C ALA F 133 53.21 -53.67 33.11
N SER F 134 53.48 -54.22 34.29
CA SER F 134 52.45 -54.82 35.13
C SER F 134 52.48 -54.18 36.51
N THR F 135 51.34 -54.26 37.19
CA THR F 135 51.20 -53.68 38.51
C THR F 135 52.05 -54.43 39.52
N LYS F 136 52.40 -53.74 40.61
CA LYS F 136 53.20 -54.31 41.67
C LYS F 136 52.67 -53.83 43.02
N GLY F 137 52.56 -54.75 43.97
CA GLY F 137 52.12 -54.42 45.30
C GLY F 137 53.15 -53.60 46.06
N PRO F 138 52.70 -52.53 46.70
CA PRO F 138 53.64 -51.68 47.44
C PRO F 138 54.12 -52.33 48.73
N SER F 139 55.41 -52.14 49.01
CA SER F 139 56.01 -52.56 50.27
C SER F 139 55.98 -51.38 51.23
N VAL F 140 55.31 -51.56 52.37
CA VAL F 140 55.06 -50.49 53.32
C VAL F 140 55.89 -50.73 54.56
N PHE F 141 56.73 -49.75 54.91
CA PHE F 141 57.60 -49.85 56.07
C PHE F 141 57.31 -48.72 57.06
N PRO F 142 57.26 -49.03 58.35
CA PRO F 142 56.99 -47.98 59.34
C PRO F 142 58.25 -47.29 59.82
N LEU F 143 58.26 -45.96 59.79
CA LEU F 143 59.41 -45.18 60.24
C LEU F 143 59.21 -44.85 61.71
N ALA F 144 60.08 -45.39 62.57
CA ALA F 144 59.96 -45.15 63.99
C ALA F 144 60.26 -43.70 64.32
N PRO F 145 59.63 -43.14 65.35
CA PRO F 145 59.90 -41.74 65.72
C PRO F 145 61.32 -41.57 66.22
N SER F 146 61.95 -40.49 65.79
CA SER F 146 63.33 -40.20 66.16
C SER F 146 63.59 -38.69 66.21
N GLY F 153 63.40 -36.11 68.47
CA GLY F 153 62.87 -35.14 69.42
C GLY F 153 61.81 -34.24 68.83
N THR F 154 61.71 -34.25 67.49
CA THR F 154 60.72 -33.44 66.78
C THR F 154 59.36 -34.11 66.68
N ALA F 155 59.23 -35.35 67.15
CA ALA F 155 57.96 -36.07 67.18
C ALA F 155 57.37 -36.24 65.78
N ALA F 156 57.83 -37.25 65.04
CA ALA F 156 57.33 -37.55 63.71
C ALA F 156 57.06 -39.04 63.60
N LEU F 157 55.93 -39.39 62.98
CA LEU F 157 55.49 -40.77 62.85
C LEU F 157 55.10 -41.00 61.40
N GLY F 158 55.87 -41.80 60.66
CA GLY F 158 55.70 -41.89 59.24
C GLY F 158 55.56 -43.32 58.75
N CYS F 159 54.99 -43.45 57.55
CA CYS F 159 54.92 -44.69 56.80
C CYS F 159 55.49 -44.45 55.41
N LEU F 160 56.37 -45.34 54.97
CA LEU F 160 57.06 -45.23 53.69
C LEU F 160 56.55 -46.30 52.75
N VAL F 161 55.95 -45.89 51.65
CA VAL F 161 55.57 -46.79 50.57
C VAL F 161 56.72 -46.82 49.58
N LYS F 162 57.47 -47.95 49.56
CA LYS F 162 58.81 -47.96 48.99
C LYS F 162 58.84 -48.26 47.50
N ASP F 163 57.92 -49.08 46.98
CA ASP F 163 57.97 -49.47 45.58
C ASP F 163 56.58 -49.90 45.13
N TYR F 164 56.00 -49.17 44.18
CA TYR F 164 54.71 -49.55 43.61
C TYR F 164 54.58 -49.00 42.20
N PHE F 165 53.51 -49.41 41.52
CA PHE F 165 53.15 -48.98 40.17
C PHE F 165 51.78 -49.54 39.82
N PRO F 166 50.88 -48.73 39.23
CA PRO F 166 51.07 -47.30 38.98
C PRO F 166 50.38 -46.43 40.01
N GLU F 167 50.54 -45.11 39.89
CA GLU F 167 49.91 -44.17 40.79
C GLU F 167 48.40 -44.14 40.55
N PRO F 168 47.61 -43.68 41.54
CA PRO F 168 48.01 -43.23 42.88
C PRO F 168 47.76 -44.26 43.98
N VAL F 169 48.20 -43.95 45.19
CA VAL F 169 48.03 -44.80 46.36
C VAL F 169 47.38 -43.97 47.46
N THR F 170 46.31 -44.51 48.06
CA THR F 170 45.60 -43.82 49.13
C THR F 170 46.22 -44.20 50.47
N VAL F 171 46.62 -43.19 51.24
CA VAL F 171 47.22 -43.39 52.55
C VAL F 171 46.34 -42.73 53.59
N SER F 172 45.74 -43.54 54.46
CA SER F 172 44.88 -43.06 55.53
C SER F 172 45.50 -43.36 56.88
N TRP F 173 45.04 -42.64 57.90
CA TRP F 173 45.54 -42.80 59.28
C TRP F 173 44.34 -42.91 60.22
N ASN F 174 44.00 -44.14 60.59
CA ASN F 174 42.90 -44.42 61.51
C ASN F 174 41.58 -43.82 61.00
N SER F 175 41.36 -43.94 59.69
CA SER F 175 40.19 -43.39 59.03
C SER F 175 40.05 -41.90 59.30
N GLY F 176 39.14 -41.52 60.22
CA GLY F 176 38.91 -40.13 60.51
C GLY F 176 39.39 -39.71 61.88
N ALA F 177 40.38 -40.41 62.42
CA ALA F 177 40.94 -40.08 63.72
C ALA F 177 42.21 -39.24 63.65
N LEU F 178 42.88 -39.22 62.49
CA LEU F 178 44.10 -38.44 62.30
C LEU F 178 43.97 -37.67 60.99
N THR F 179 43.84 -36.34 61.10
CA THR F 179 43.71 -35.48 59.92
C THR F 179 44.51 -34.19 60.00
N SER F 180 44.83 -33.68 61.19
CA SER F 180 45.49 -32.38 61.29
C SER F 180 46.95 -32.46 60.88
N GLY F 181 47.71 -33.35 61.51
CA GLY F 181 49.13 -33.46 61.25
C GLY F 181 49.52 -34.32 60.07
N VAL F 182 48.55 -34.88 59.35
CA VAL F 182 48.86 -35.78 58.24
C VAL F 182 49.47 -34.99 57.09
N HIS F 183 50.57 -35.51 56.55
CA HIS F 183 51.24 -34.89 55.41
C HIS F 183 51.81 -36.01 54.54
N THR F 184 51.18 -36.24 53.39
CA THR F 184 51.59 -37.29 52.47
C THR F 184 52.33 -36.63 51.30
N PHE F 185 53.66 -36.73 51.31
CA PHE F 185 54.46 -36.08 50.29
C PHE F 185 54.23 -36.74 48.92
N PRO F 186 54.40 -35.98 47.85
CA PRO F 186 54.22 -36.55 46.51
C PRO F 186 55.24 -37.64 46.23
N ALA F 187 54.83 -38.59 45.39
CA ALA F 187 55.67 -39.73 45.08
C ALA F 187 56.80 -39.35 44.13
N VAL F 188 57.88 -40.12 44.19
CA VAL F 188 59.05 -39.93 43.35
C VAL F 188 59.12 -41.05 42.32
N LEU F 189 59.58 -40.71 41.13
CA LEU F 189 59.77 -41.69 40.05
C LEU F 189 61.23 -42.13 40.08
N GLN F 190 61.48 -43.31 40.64
CA GLN F 190 62.82 -43.86 40.67
C GLN F 190 63.20 -44.40 39.30
N SER F 191 64.51 -44.56 39.08
CA SER F 191 65.00 -45.06 37.81
C SER F 191 64.54 -46.48 37.51
N SER F 192 63.85 -47.13 38.44
CA SER F 192 63.31 -48.47 38.22
C SER F 192 61.88 -48.45 37.71
N GLY F 193 61.31 -47.28 37.44
CA GLY F 193 59.92 -47.20 37.08
C GLY F 193 58.96 -47.48 38.21
N LEU F 194 59.41 -47.33 39.45
CA LEU F 194 58.61 -47.64 40.64
C LEU F 194 58.47 -46.37 41.46
N TYR F 195 57.23 -46.05 41.85
CA TYR F 195 56.96 -44.86 42.63
C TYR F 195 57.05 -45.17 44.12
N SER F 196 57.38 -44.14 44.90
CA SER F 196 57.58 -44.29 46.34
C SER F 196 57.22 -42.97 47.02
N LEU F 197 56.49 -43.05 48.12
CA LEU F 197 56.07 -41.85 48.84
C LEU F 197 56.20 -42.07 50.33
N SER F 198 55.99 -40.98 51.08
CA SER F 198 56.11 -40.99 52.53
C SER F 198 54.98 -40.16 53.13
N SER F 199 54.27 -40.73 54.09
CA SER F 199 53.20 -40.04 54.80
C SER F 199 53.58 -39.93 56.26
N VAL F 200 53.82 -38.70 56.73
CA VAL F 200 54.26 -38.45 58.10
C VAL F 200 53.21 -37.63 58.83
N VAL F 201 53.08 -37.90 60.12
CA VAL F 201 52.16 -37.19 61.01
C VAL F 201 52.96 -36.68 62.19
N THR F 202 52.46 -35.59 62.79
CA THR F 202 53.06 -35.01 63.98
C THR F 202 52.21 -35.38 65.19
N VAL F 203 52.73 -36.28 66.02
CA VAL F 203 52.02 -36.78 67.20
C VAL F 203 52.72 -36.27 68.44
N PRO F 204 51.98 -35.79 69.45
CA PRO F 204 52.63 -35.34 70.69
C PRO F 204 53.39 -36.47 71.36
N SER F 205 54.47 -36.10 72.05
CA SER F 205 55.33 -37.10 72.68
C SER F 205 54.62 -37.87 73.78
N SER F 206 53.71 -37.21 74.52
CA SER F 206 53.00 -37.87 75.59
C SER F 206 52.01 -38.92 75.09
N SER F 207 51.57 -38.81 73.84
CA SER F 207 50.62 -39.76 73.28
C SER F 207 51.25 -41.09 72.89
N LEU F 208 52.58 -41.17 72.85
CA LEU F 208 53.25 -42.42 72.50
C LEU F 208 53.19 -43.40 73.66
N GLY F 209 53.21 -44.69 73.32
CA GLY F 209 53.14 -45.75 74.29
C GLY F 209 51.75 -46.11 74.77
N THR F 210 50.77 -45.21 74.61
CA THR F 210 49.41 -45.45 75.03
C THR F 210 48.40 -45.44 73.89
N GLN F 211 48.71 -44.81 72.77
CA GLN F 211 47.80 -44.70 71.65
C GLN F 211 48.27 -45.60 70.50
N THR F 212 47.32 -46.08 69.72
CA THR F 212 47.60 -46.94 68.57
C THR F 212 47.52 -46.11 67.30
N TYR F 213 48.52 -46.27 66.43
CA TYR F 213 48.59 -45.54 65.17
C TYR F 213 48.90 -46.52 64.05
N ILE F 214 47.93 -46.72 63.16
CA ILE F 214 48.14 -47.55 61.98
C ILE F 214 47.96 -46.68 60.75
N CYS F 215 48.70 -47.02 59.70
CA CYS F 215 48.56 -46.38 58.40
C CYS F 215 47.97 -47.41 57.43
N ASN F 216 46.84 -47.05 56.83
CA ASN F 216 46.16 -47.89 55.86
C ASN F 216 46.60 -47.48 54.46
N VAL F 217 46.95 -48.47 53.64
CA VAL F 217 47.50 -48.24 52.31
C VAL F 217 46.61 -48.98 51.31
N ASN F 218 46.02 -48.23 50.39
CA ASN F 218 45.18 -48.74 49.33
C ASN F 218 45.90 -48.54 48.00
N HIS F 219 46.12 -49.62 47.27
CA HIS F 219 46.63 -49.58 45.90
C HIS F 219 45.58 -50.23 45.01
N LYS F 220 44.74 -49.39 44.39
CA LYS F 220 43.62 -49.92 43.61
C LYS F 220 44.05 -50.78 42.41
N PRO F 221 45.09 -50.44 41.62
CA PRO F 221 45.47 -51.31 40.49
C PRO F 221 45.72 -52.76 40.90
N SER F 222 46.64 -52.96 41.84
CA SER F 222 46.91 -54.29 42.39
C SER F 222 46.52 -54.27 43.86
N ASN F 223 45.45 -54.98 44.20
CA ASN F 223 44.87 -54.98 45.54
C ASN F 223 45.93 -55.28 46.60
N THR F 224 46.38 -54.24 47.29
CA THR F 224 47.36 -54.36 48.36
C THR F 224 46.91 -53.54 49.56
N LYS F 225 45.64 -53.71 49.94
CA LYS F 225 45.10 -53.08 51.15
C LYS F 225 45.87 -53.57 52.36
N VAL F 226 46.79 -52.76 52.88
CA VAL F 226 47.66 -53.18 53.97
C VAL F 226 47.62 -52.13 55.08
N ASP F 227 47.36 -52.56 56.30
CA ASP F 227 47.38 -51.69 57.48
C ASP F 227 48.63 -52.01 58.28
N LYS F 228 49.51 -51.01 58.43
CA LYS F 228 50.75 -51.17 59.17
C LYS F 228 50.70 -50.40 60.48
N LYS F 229 50.96 -51.09 61.58
CA LYS F 229 50.97 -50.49 62.90
C LYS F 229 52.39 -50.04 63.24
N VAL F 230 52.55 -48.75 63.53
CA VAL F 230 53.86 -48.16 63.79
C VAL F 230 54.05 -48.01 65.30
N GLU F 231 55.22 -48.42 65.78
CA GLU F 231 55.59 -48.31 67.19
C GLU F 231 57.09 -48.05 67.26
N PRO F 232 57.55 -47.23 68.21
CA PRO F 232 58.98 -46.91 68.35
C PRO F 232 59.81 -48.11 68.82
#